data_9E8S
#
_entry.id   9E8S
#
_cell.length_a   1.00
_cell.length_b   1.00
_cell.length_c   1.00
_cell.angle_alpha   90.00
_cell.angle_beta   90.00
_cell.angle_gamma   90.00
#
_symmetry.space_group_name_H-M   'P 1'
#
loop_
_entity.id
_entity.type
_entity.pdbx_description
1 polymer 'DNA protection during starvation protein'
2 non-polymer 'FE (III) ION'
3 non-polymer 'OXYGEN MOLECULE'
4 non-polymer 'OXYGEN ATOM'
5 water water
#
_entity_poly.entity_id   1
_entity_poly.type   'polypeptide(L)'
_entity_poly.pdbx_seq_one_letter_code
;MPEHNRRLVERTGIDVEKLLELLIKAAAAEFTTYYYYTILRNHATGLEGEAIKEIIEDARLEDRNHFEALVPRIYELGGE
LPRDIREFADLASCRDAYLPEEPTIENILKVLLEAERCAVGVYTEICNYTFGKDPRTYDLALAILHEEIEHEAWFEELLT
GKPSGHFRRGKPGESPYVSKFLKTR
;
_entity_poly.pdbx_strand_id   B,E,F,D,C,H,I,G,A,K,L,J
#
loop_
_chem_comp.id
_chem_comp.type
_chem_comp.name
_chem_comp.formula
FE non-polymer 'FE (III) ION' 'Fe 3'
O non-polymer 'OXYGEN ATOM' O
OXY non-polymer 'OXYGEN MOLECULE' O2
#
# COMPACT_ATOMS: atom_id res chain seq x y z
N ILE A 14 16.66 -33.76 26.38
CA ILE A 14 17.75 -33.05 25.74
C ILE A 14 18.77 -32.47 26.70
N ASP A 15 20.03 -32.77 26.44
CA ASP A 15 21.15 -32.06 27.04
C ASP A 15 21.25 -30.70 26.37
N VAL A 16 21.00 -29.63 27.13
CA VAL A 16 20.95 -28.30 26.55
C VAL A 16 22.34 -27.87 26.04
N GLU A 17 23.40 -28.28 26.73
CA GLU A 17 24.74 -27.95 26.29
C GLU A 17 25.04 -28.54 24.91
N LYS A 18 24.65 -29.80 24.69
CA LYS A 18 24.86 -30.41 23.38
C LYS A 18 24.03 -29.71 22.30
N LEU A 19 22.81 -29.31 22.64
CA LEU A 19 21.98 -28.59 21.68
C LEU A 19 22.51 -27.18 21.44
N LEU A 20 23.05 -26.54 22.48
CA LEU A 20 23.61 -25.20 22.31
C LEU A 20 24.81 -25.22 21.37
N GLU A 21 25.64 -26.26 21.47
CA GLU A 21 26.77 -26.40 20.55
C GLU A 21 26.29 -26.54 19.11
N LEU A 22 25.25 -27.35 18.88
CA LEU A 22 24.75 -27.55 17.52
C LEU A 22 24.21 -26.26 16.93
N LEU A 23 23.50 -25.47 17.74
CA LEU A 23 22.90 -24.24 17.24
C LEU A 23 23.94 -23.16 17.03
N ILE A 24 24.98 -23.12 17.87
CA ILE A 24 26.05 -22.15 17.68
C ILE A 24 26.87 -22.48 16.43
N LYS A 25 27.18 -23.76 16.24
CA LYS A 25 27.89 -24.17 15.03
C LYS A 25 27.05 -23.91 13.78
N ALA A 26 25.73 -24.12 13.87
CA ALA A 26 24.85 -23.84 12.75
C ALA A 26 24.80 -22.34 12.45
N ALA A 27 24.76 -21.50 13.50
CA ALA A 27 24.76 -20.05 13.28
C ALA A 27 26.09 -19.59 12.69
N ALA A 28 27.19 -20.20 13.11
CA ALA A 28 28.48 -19.89 12.52
C ALA A 28 28.52 -20.24 11.04
N ALA A 29 27.89 -21.36 10.68
CA ALA A 29 27.80 -21.72 9.27
C ALA A 29 27.01 -20.69 8.48
N GLU A 30 25.89 -20.22 9.03
CA GLU A 30 25.08 -19.22 8.35
C GLU A 30 25.83 -17.91 8.19
N PHE A 31 26.56 -17.50 9.22
CA PHE A 31 27.26 -16.22 9.20
C PHE A 31 28.39 -16.22 8.18
N THR A 32 29.21 -17.28 8.17
CA THR A 32 30.28 -17.37 7.19
C THR A 32 29.74 -17.54 5.78
N THR A 33 28.63 -18.26 5.62
CA THR A 33 28.00 -18.40 4.31
C THR A 33 27.58 -17.04 3.76
N TYR A 34 27.09 -16.16 4.62
CA TYR A 34 26.66 -14.84 4.18
C TYR A 34 27.83 -14.03 3.63
N TYR A 35 29.05 -14.31 4.10
CA TYR A 35 30.24 -13.64 3.55
C TYR A 35 30.73 -14.35 2.30
N TYR A 36 30.80 -15.68 2.34
CA TYR A 36 31.39 -16.43 1.23
C TYR A 36 30.50 -16.41 -0.01
N TYR A 37 29.18 -16.37 0.16
CA TYR A 37 28.29 -16.24 -0.98
C TYR A 37 28.39 -14.87 -1.62
N THR A 38 28.81 -13.86 -0.85
CA THR A 38 29.06 -12.55 -1.44
C THR A 38 30.18 -12.62 -2.46
N ILE A 39 31.26 -13.34 -2.14
CA ILE A 39 32.34 -13.53 -3.11
C ILE A 39 31.86 -14.36 -4.28
N LEU A 40 31.11 -15.43 -4.00
CA LEU A 40 30.63 -16.32 -5.07
C LEU A 40 29.67 -15.60 -6.01
N ARG A 41 28.81 -14.73 -5.48
CA ARG A 41 27.92 -13.95 -6.31
C ARG A 41 28.70 -13.09 -7.30
N ASN A 42 29.77 -12.45 -6.83
CA ASN A 42 30.49 -11.47 -7.64
C ASN A 42 31.25 -12.13 -8.78
N HIS A 43 31.62 -13.40 -8.64
CA HIS A 43 32.34 -14.12 -9.68
C HIS A 43 31.43 -14.93 -10.59
N ALA A 44 30.11 -14.83 -10.42
CA ALA A 44 29.15 -15.44 -11.34
C ALA A 44 28.91 -14.48 -12.50
N THR A 45 29.93 -14.32 -13.32
CA THR A 45 29.97 -13.30 -14.36
C THR A 45 29.67 -13.92 -15.72
N GLY A 46 29.58 -13.06 -16.73
CA GLY A 46 29.28 -13.49 -18.07
C GLY A 46 27.80 -13.72 -18.30
N LEU A 47 27.51 -14.29 -19.48
CA LEU A 47 26.12 -14.59 -19.83
C LEU A 47 25.58 -15.75 -19.00
N GLU A 48 26.41 -16.77 -18.76
CA GLU A 48 25.99 -17.89 -17.93
C GLU A 48 25.73 -17.47 -16.50
N GLY A 49 26.61 -16.63 -15.93
CA GLY A 49 26.50 -16.28 -14.54
C GLY A 49 25.37 -15.33 -14.21
N GLU A 50 24.87 -14.59 -15.20
CA GLU A 50 23.76 -13.67 -14.94
C GLU A 50 22.51 -14.41 -14.52
N ALA A 51 22.33 -15.64 -15.00
CA ALA A 51 21.15 -16.43 -14.64
C ALA A 51 21.22 -16.87 -13.19
N ILE A 52 22.42 -17.19 -12.69
CA ILE A 52 22.55 -17.73 -11.35
C ILE A 52 22.83 -16.68 -10.28
N LYS A 53 23.02 -15.41 -10.68
CA LYS A 53 23.37 -14.38 -9.71
C LYS A 53 22.24 -14.17 -8.69
N GLU A 54 21.00 -14.08 -9.17
CA GLU A 54 19.88 -13.86 -8.25
C GLU A 54 19.59 -15.10 -7.42
N ILE A 55 19.93 -16.28 -7.93
CA ILE A 55 19.75 -17.50 -7.15
C ILE A 55 20.74 -17.55 -5.99
N ILE A 56 21.98 -17.16 -6.24
CA ILE A 56 22.95 -17.02 -5.16
C ILE A 56 22.53 -15.92 -4.20
N GLU A 57 22.01 -14.81 -4.75
CA GLU A 57 21.53 -13.72 -3.91
C GLU A 57 20.34 -14.14 -3.06
N ASP A 58 19.44 -14.95 -3.62
CA ASP A 58 18.32 -15.46 -2.85
C ASP A 58 18.81 -16.29 -1.66
N ALA A 59 19.78 -17.17 -1.90
CA ALA A 59 20.27 -18.05 -0.85
C ALA A 59 21.06 -17.28 0.20
N ARG A 60 21.89 -16.32 -0.23
CA ARG A 60 22.75 -15.61 0.69
C ARG A 60 21.94 -14.75 1.67
N LEU A 61 20.91 -14.07 1.16
CA LEU A 61 20.10 -13.22 2.03
C LEU A 61 19.21 -14.04 2.96
N GLU A 62 18.82 -15.24 2.53
CA GLU A 62 18.07 -16.12 3.44
C GLU A 62 18.99 -16.75 4.48
N ASP A 63 20.22 -17.07 4.09
CA ASP A 63 21.19 -17.58 5.06
C ASP A 63 21.53 -16.53 6.11
N ARG A 64 21.52 -15.26 5.73
CA ARG A 64 21.67 -14.18 6.70
C ARG A 64 20.47 -14.14 7.64
N ASN A 65 19.26 -14.38 7.11
CA ASN A 65 18.08 -14.44 7.95
C ASN A 65 18.14 -15.64 8.90
N HIS A 66 18.75 -16.75 8.47
CA HIS A 66 18.87 -17.91 9.33
C HIS A 66 19.75 -17.61 10.55
N PHE A 67 20.81 -16.84 10.34
CA PHE A 67 21.63 -16.40 11.47
C PHE A 67 20.83 -15.50 12.40
N GLU A 68 19.99 -14.63 11.84
CA GLU A 68 19.18 -13.73 12.66
C GLU A 68 18.10 -14.47 13.44
N ALA A 69 17.70 -15.65 12.99
CA ALA A 69 16.70 -16.42 13.72
C ALA A 69 17.31 -17.37 14.73
N LEU A 70 18.54 -17.84 14.49
CA LEU A 70 19.17 -18.78 15.40
C LEU A 70 19.68 -18.11 16.66
N VAL A 71 20.16 -16.86 16.55
CA VAL A 71 20.76 -16.19 17.70
C VAL A 71 19.77 -15.97 18.84
N PRO A 72 18.54 -15.49 18.60
CA PRO A 72 17.60 -15.37 19.72
C PRO A 72 17.35 -16.67 20.46
N ARG A 73 17.28 -17.79 19.74
CA ARG A 73 17.06 -19.07 20.40
C ARG A 73 18.25 -19.47 21.26
N ILE A 74 19.47 -19.12 20.85
CA ILE A 74 20.66 -19.45 21.63
C ILE A 74 20.61 -18.75 22.97
N TYR A 75 20.12 -17.52 23.01
CA TYR A 75 20.08 -16.76 24.24
C TYR A 75 18.90 -17.14 25.14
N GLU A 76 17.80 -17.59 24.54
CA GLU A 76 16.71 -18.15 25.36
C GLU A 76 17.17 -19.39 26.11
N LEU A 77 18.02 -20.20 25.50
CA LEU A 77 18.45 -21.47 26.07
C LEU A 77 19.61 -21.32 27.05
N GLY A 78 20.07 -20.09 27.28
CA GLY A 78 21.19 -19.86 28.18
C GLY A 78 22.55 -19.84 27.53
N GLY A 79 22.62 -19.89 26.19
CA GLY A 79 23.87 -19.83 25.48
C GLY A 79 24.19 -18.42 25.02
N GLU A 80 25.44 -18.25 24.60
CA GLU A 80 25.92 -16.96 24.12
C GLU A 80 26.81 -17.16 22.92
N LEU A 81 26.81 -16.15 22.05
CA LEU A 81 27.74 -16.13 20.93
C LEU A 81 29.17 -15.99 21.48
N PRO A 82 30.15 -16.58 20.82
CA PRO A 82 31.54 -16.45 21.28
C PRO A 82 31.99 -14.98 21.27
N ARG A 83 32.88 -14.67 22.20
CA ARG A 83 33.32 -13.29 22.37
C ARG A 83 34.01 -12.76 21.12
N ASP A 84 34.85 -13.57 20.50
CA ASP A 84 35.63 -13.16 19.33
C ASP A 84 35.01 -13.74 18.06
N ILE A 85 35.01 -12.93 17.00
CA ILE A 85 34.43 -13.37 15.73
C ILE A 85 35.31 -14.41 15.06
N ARG A 86 36.61 -14.41 15.34
CA ARG A 86 37.49 -15.46 14.83
C ARG A 86 37.09 -16.81 15.40
N GLU A 87 36.76 -16.85 16.69
CA GLU A 87 36.28 -18.08 17.31
C GLU A 87 34.93 -18.50 16.74
N PHE A 88 34.10 -17.54 16.37
CA PHE A 88 32.84 -17.86 15.72
C PHE A 88 33.07 -18.50 14.35
N ALA A 89 34.04 -17.99 13.59
CA ALA A 89 34.32 -18.57 12.29
C ALA A 89 34.84 -20.00 12.40
N ASP A 90 35.68 -20.27 13.40
CA ASP A 90 36.24 -21.60 13.58
C ASP A 90 35.18 -22.63 13.98
N LEU A 91 34.00 -22.18 14.40
CA LEU A 91 32.96 -23.08 14.90
C LEU A 91 31.96 -23.46 13.82
N ALA A 92 32.14 -23.02 12.58
CA ALA A 92 31.17 -23.31 11.54
C ALA A 92 31.03 -24.80 11.31
N SER A 93 29.77 -25.26 11.23
CA SER A 93 29.50 -26.68 11.04
C SER A 93 29.85 -27.16 9.64
N CYS A 94 30.00 -26.21 8.71
CA CYS A 94 30.41 -26.53 7.33
CA CYS A 94 30.42 -26.53 7.32
C CYS A 94 31.75 -25.90 6.87
N ARG A 95 32.42 -26.63 5.98
CA ARG A 95 33.66 -26.12 5.41
C ARG A 95 33.38 -24.83 4.65
N ASP A 96 34.37 -23.94 4.65
CA ASP A 96 34.18 -22.63 4.03
C ASP A 96 33.91 -22.77 2.54
N ALA A 97 32.89 -22.05 2.06
CA ALA A 97 32.57 -22.02 0.64
C ALA A 97 33.55 -21.09 -0.07
N TYR A 98 34.79 -21.55 -0.14
CA TYR A 98 35.86 -20.79 -0.77
C TYR A 98 35.61 -20.71 -2.28
N LEU A 99 36.09 -19.63 -2.88
CA LEU A 99 36.03 -19.50 -4.33
C LEU A 99 36.96 -20.53 -4.97
N PRO A 100 36.50 -21.23 -6.01
CA PRO A 100 37.35 -22.24 -6.65
C PRO A 100 38.59 -21.63 -7.28
N GLU A 101 39.64 -22.45 -7.39
CA GLU A 101 40.87 -22.01 -8.01
C GLU A 101 40.63 -21.56 -9.45
N GLU A 102 39.71 -22.24 -10.14
CA GLU A 102 39.22 -21.80 -11.44
C GLU A 102 37.74 -21.46 -11.29
N PRO A 103 37.39 -20.17 -11.15
CA PRO A 103 36.01 -19.78 -10.84
C PRO A 103 35.07 -19.83 -12.05
N THR A 104 34.99 -21.00 -12.69
CA THR A 104 33.98 -21.22 -13.71
C THR A 104 32.61 -21.35 -13.04
N ILE A 105 31.57 -21.23 -13.86
CA ILE A 105 30.21 -21.30 -13.33
C ILE A 105 29.92 -22.68 -12.75
N GLU A 106 30.36 -23.74 -13.43
CA GLU A 106 30.11 -25.09 -12.93
C GLU A 106 30.91 -25.37 -11.66
N ASN A 107 32.13 -24.83 -11.57
CA ASN A 107 32.93 -25.01 -10.36
C ASN A 107 32.34 -24.23 -9.18
N ILE A 108 31.82 -23.04 -9.44
CA ILE A 108 31.13 -22.27 -8.41
C ILE A 108 29.87 -23.01 -7.96
N LEU A 109 29.13 -23.57 -8.92
CA LEU A 109 27.91 -24.30 -8.60
C LEU A 109 28.20 -25.52 -7.73
N LYS A 110 29.34 -26.18 -7.99
CA LYS A 110 29.76 -27.31 -7.15
C LYS A 110 29.96 -26.87 -5.71
N VAL A 111 30.59 -25.71 -5.51
CA VAL A 111 30.82 -25.20 -4.17
C VAL A 111 29.50 -24.87 -3.49
N LEU A 112 28.58 -24.24 -4.22
CA LEU A 112 27.28 -23.91 -3.64
C LEU A 112 26.49 -25.17 -3.29
N LEU A 113 26.60 -26.21 -4.13
CA LEU A 113 25.88 -27.44 -3.85
C LEU A 113 26.39 -28.11 -2.58
N GLU A 114 27.72 -28.19 -2.40
CA GLU A 114 28.25 -28.80 -1.20
C GLU A 114 27.94 -27.98 0.05
N ALA A 115 27.86 -26.66 -0.09
CA ALA A 115 27.54 -25.81 1.05
C ALA A 115 26.11 -26.05 1.53
N GLU A 116 25.17 -26.22 0.60
CA GLU A 116 23.77 -26.41 0.96
C GLU A 116 23.44 -27.85 1.33
N ARG A 117 24.19 -28.82 0.83
CA ARG A 117 24.01 -30.20 1.29
C ARG A 117 24.44 -30.36 2.74
N CYS A 118 25.53 -29.68 3.10
CA CYS A 118 25.94 -29.68 4.53
CA CYS A 118 25.93 -29.70 4.53
C CYS A 118 24.93 -28.98 5.48
N ALA A 119 24.32 -27.91 4.96
CA ALA A 119 23.32 -27.20 5.74
C ALA A 119 22.07 -28.04 5.94
N VAL A 120 21.67 -28.81 4.92
CA VAL A 120 20.55 -29.74 5.08
C VAL A 120 20.91 -30.79 6.13
N GLY A 121 22.17 -31.25 6.14
CA GLY A 121 22.57 -32.26 7.10
C GLY A 121 22.57 -31.76 8.54
N VAL A 122 23.02 -30.53 8.76
CA VAL A 122 23.13 -30.03 10.14
C VAL A 122 21.76 -29.76 10.73
N TYR A 123 20.82 -29.27 9.93
CA TYR A 123 19.48 -28.98 10.44
C TYR A 123 18.64 -30.24 10.54
N THR A 124 18.97 -31.26 9.74
CA THR A 124 18.36 -32.58 9.95
C THR A 124 18.86 -33.20 11.24
N GLU A 125 20.12 -32.95 11.60
CA GLU A 125 20.66 -33.42 12.86
C GLU A 125 19.97 -32.75 14.04
N ILE A 126 19.69 -31.45 13.93
CA ILE A 126 19.03 -30.72 15.01
C ILE A 126 17.58 -31.16 15.15
N CYS A 127 16.88 -31.34 14.04
CA CYS A 127 15.51 -31.83 14.08
C CYS A 127 15.43 -33.24 14.66
N ASN A 128 16.35 -34.12 14.27
CA ASN A 128 16.36 -35.47 14.81
C ASN A 128 16.72 -35.51 16.28
N TYR A 129 17.29 -34.44 16.82
CA TYR A 129 17.70 -34.37 18.21
C TYR A 129 16.64 -33.72 19.10
N THR A 130 15.84 -32.81 18.54
CA THR A 130 14.83 -32.08 19.30
C THR A 130 13.41 -32.54 18.97
N PHE A 131 13.26 -33.71 18.36
CA PHE A 131 11.95 -34.19 17.94
C PHE A 131 11.17 -34.68 19.15
N GLY A 132 10.13 -33.95 19.53
CA GLY A 132 9.31 -34.33 20.66
C GLY A 132 9.84 -33.96 22.02
N LYS A 133 10.93 -33.20 22.08
CA LYS A 133 11.51 -32.80 23.36
C LYS A 133 11.60 -31.30 23.54
N ASP A 134 12.10 -30.57 22.55
CA ASP A 134 12.09 -29.10 22.55
C ASP A 134 11.32 -28.63 21.33
N PRO A 135 10.01 -28.40 21.48
CA PRO A 135 9.19 -28.04 20.32
C PRO A 135 9.57 -26.73 19.65
N ARG A 136 10.06 -25.74 20.40
CA ARG A 136 10.47 -24.48 19.76
C ARG A 136 11.74 -24.67 18.95
N THR A 137 12.73 -25.37 19.50
CA THR A 137 13.96 -25.61 18.76
C THR A 137 13.71 -26.47 17.53
N TYR A 138 12.79 -27.44 17.63
CA TYR A 138 12.42 -28.24 16.47
C TYR A 138 11.77 -27.39 15.39
N ASP A 139 10.88 -26.48 15.79
CA ASP A 139 10.15 -25.68 14.81
C ASP A 139 11.07 -24.68 14.12
N LEU A 140 12.05 -24.14 14.83
CA LEU A 140 13.02 -23.24 14.20
C LEU A 140 13.89 -23.98 13.21
N ALA A 141 14.41 -25.14 13.60
CA ALA A 141 15.26 -25.93 12.70
C ALA A 141 14.48 -26.42 11.49
N LEU A 142 13.21 -26.77 11.69
CA LEU A 142 12.36 -27.18 10.57
C LEU A 142 12.17 -26.04 9.59
N ALA A 143 11.93 -24.83 10.08
CA ALA A 143 11.73 -23.69 9.18
C ALA A 143 12.97 -23.42 8.35
N ILE A 144 14.15 -23.53 8.96
CA ILE A 144 15.39 -23.35 8.21
C ILE A 144 15.62 -24.52 7.27
N LEU A 145 15.30 -25.74 7.71
CA LEU A 145 15.46 -26.91 6.86
C LEU A 145 14.59 -26.84 5.61
N HIS A 146 13.42 -26.18 5.71
CA HIS A 146 12.61 -25.95 4.52
C HIS A 146 13.37 -25.14 3.49
N GLU A 147 14.09 -24.11 3.93
CA GLU A 147 14.76 -23.21 3.01
C GLU A 147 16.08 -23.79 2.52
N GLU A 148 16.78 -24.55 3.37
CA GLU A 148 18.01 -25.20 2.94
C GLU A 148 17.75 -26.25 1.87
N ILE A 149 16.64 -26.99 2.01
CA ILE A 149 16.27 -27.98 1.01
C ILE A 149 15.97 -27.29 -0.32
N GLU A 150 15.27 -26.15 -0.27
CA GLU A 150 15.00 -25.39 -1.48
C GLU A 150 16.28 -24.81 -2.07
N HIS A 151 17.21 -24.36 -1.23
CA HIS A 151 18.50 -23.88 -1.74
C HIS A 151 19.25 -25.00 -2.45
N GLU A 152 19.27 -26.19 -1.85
CA GLU A 152 19.98 -27.31 -2.46
C GLU A 152 19.37 -27.70 -3.79
N ALA A 153 18.05 -27.61 -3.90
CA ALA A 153 17.39 -28.00 -5.14
C ALA A 153 17.66 -27.01 -6.26
N TRP A 154 17.81 -25.72 -5.93
CA TRP A 154 18.15 -24.73 -6.94
C TRP A 154 19.50 -25.06 -7.58
N PHE A 155 20.51 -25.31 -6.75
CA PHE A 155 21.86 -25.55 -7.26
C PHE A 155 22.01 -26.95 -7.86
N GLU A 156 21.26 -27.93 -7.36
CA GLU A 156 21.26 -29.26 -7.97
C GLU A 156 20.65 -29.24 -9.37
N GLU A 157 19.56 -28.49 -9.56
CA GLU A 157 18.95 -28.40 -10.88
C GLU A 157 19.85 -27.67 -11.86
N LEU A 158 20.51 -26.59 -11.42
CA LEU A 158 21.39 -25.84 -12.30
C LEU A 158 22.62 -26.65 -12.68
N LEU A 159 23.16 -27.42 -11.74
CA LEU A 159 24.40 -28.14 -11.98
C LEU A 159 24.15 -29.46 -12.71
N THR A 160 23.13 -30.20 -12.31
CA THR A 160 22.89 -31.54 -12.83
C THR A 160 21.72 -31.63 -13.79
N GLY A 161 20.70 -30.80 -13.62
CA GLY A 161 19.53 -30.85 -14.49
C GLY A 161 18.40 -31.72 -13.98
N LYS A 162 18.46 -32.17 -12.74
CA LYS A 162 17.36 -32.94 -12.18
C LYS A 162 16.18 -32.02 -11.89
N PRO A 163 14.99 -32.33 -12.40
CA PRO A 163 13.82 -31.48 -12.11
C PRO A 163 13.58 -31.39 -10.60
N SER A 164 13.58 -30.16 -10.10
CA SER A 164 13.37 -29.90 -8.68
C SER A 164 12.03 -29.26 -8.38
N GLY A 165 11.39 -28.64 -9.37
CA GLY A 165 10.07 -28.07 -9.19
C GLY A 165 10.03 -26.72 -8.51
N HIS A 166 11.18 -26.14 -8.18
CA HIS A 166 11.22 -24.88 -7.45
C HIS A 166 11.33 -23.70 -8.39
N PHE A 167 10.63 -22.62 -8.04
CA PHE A 167 10.68 -21.36 -8.75
C PHE A 167 11.56 -20.38 -8.00
N ARG A 168 11.86 -19.25 -8.64
CA ARG A 168 12.71 -18.25 -8.00
C ARG A 168 11.90 -17.43 -7.01
N ARG A 169 12.58 -16.93 -5.98
CA ARG A 169 11.95 -16.02 -5.03
C ARG A 169 11.54 -14.74 -5.73
N GLY A 170 10.36 -14.22 -5.37
CA GLY A 170 9.93 -12.94 -5.89
C GLY A 170 10.86 -11.81 -5.48
N LYS A 171 11.30 -11.84 -4.23
CA LYS A 171 12.25 -10.87 -3.70
C LYS A 171 13.37 -11.59 -2.97
N PRO A 172 14.60 -11.13 -3.08
CA PRO A 172 15.71 -11.77 -2.35
C PRO A 172 15.52 -11.67 -0.85
N GLY A 173 15.88 -12.75 -0.15
CA GLY A 173 15.75 -12.79 1.29
C GLY A 173 14.32 -12.79 1.79
N GLU A 174 13.36 -13.23 0.97
CA GLU A 174 11.97 -13.20 1.38
C GLU A 174 11.72 -14.17 2.53
N SER A 175 12.41 -15.31 2.52
CA SER A 175 12.37 -16.27 3.62
C SER A 175 10.95 -16.68 4.00
N PRO A 176 10.25 -17.43 3.14
CA PRO A 176 8.84 -17.74 3.43
C PRO A 176 8.62 -18.58 4.67
N TYR A 177 9.64 -19.34 5.11
CA TYR A 177 9.46 -20.28 6.21
C TYR A 177 9.98 -19.77 7.54
N VAL A 178 11.04 -18.95 7.55
CA VAL A 178 11.61 -18.46 8.80
C VAL A 178 11.15 -17.04 9.12
N SER A 179 10.20 -16.50 8.36
CA SER A 179 9.77 -15.11 8.57
C SER A 179 9.15 -14.92 9.94
N LYS A 180 8.36 -15.90 10.41
CA LYS A 180 7.71 -15.76 11.71
C LYS A 180 8.73 -15.69 12.85
N PHE A 181 9.94 -16.19 12.64
CA PHE A 181 11.00 -16.09 13.63
C PHE A 181 11.80 -14.81 13.52
N LEU A 182 11.53 -13.98 12.52
CA LEU A 182 12.29 -12.76 12.27
C LEU A 182 11.53 -11.54 12.83
N LYS A 183 12.23 -10.42 12.88
CA LYS A 183 11.69 -9.21 13.45
C LYS A 183 11.44 -8.15 12.38
N ILE B 14 -38.01 16.27 20.25
CA ILE B 14 -38.15 16.37 18.80
C ILE B 14 -39.35 15.62 18.26
N ASP B 15 -40.13 16.32 17.44
CA ASP B 15 -41.11 15.70 16.58
C ASP B 15 -40.37 15.03 15.43
N VAL B 16 -40.44 13.69 15.38
CA VAL B 16 -39.65 12.94 14.41
C VAL B 16 -40.14 13.22 12.99
N GLU B 17 -41.44 13.42 12.80
CA GLU B 17 -41.96 13.74 11.48
C GLU B 17 -41.37 15.04 10.95
N LYS B 18 -41.28 16.07 11.81
CA LYS B 18 -40.70 17.34 11.37
C LYS B 18 -39.22 17.19 11.04
N LEU B 19 -38.50 16.38 11.81
CA LEU B 19 -37.09 16.14 11.50
C LEU B 19 -36.92 15.27 10.27
N LEU B 20 -37.85 14.33 10.04
CA LEU B 20 -37.80 13.53 8.83
C LEU B 20 -38.02 14.39 7.59
N GLU B 21 -38.92 15.37 7.67
CA GLU B 21 -39.12 16.28 6.55
C GLU B 21 -37.84 17.08 6.25
N LEU B 22 -37.17 17.57 7.29
CA LEU B 22 -35.95 18.34 7.08
C LEU B 22 -34.86 17.49 6.45
N LEU B 23 -34.73 16.24 6.89
CA LEU B 23 -33.68 15.37 6.36
C LEU B 23 -33.99 14.92 4.93
N ILE B 24 -35.27 14.69 4.62
CA ILE B 24 -35.64 14.29 3.27
C ILE B 24 -35.43 15.46 2.31
N LYS B 25 -35.83 16.67 2.72
CA LYS B 25 -35.59 17.84 1.88
C LYS B 25 -34.11 18.12 1.70
N ALA B 26 -33.31 17.88 2.76
CA ALA B 26 -31.87 18.05 2.66
C ALA B 26 -31.27 17.04 1.69
N ALA B 27 -31.71 15.78 1.75
CA ALA B 27 -31.19 14.77 0.83
C ALA B 27 -31.58 15.08 -0.61
N ALA B 28 -32.79 15.58 -0.82
CA ALA B 28 -33.21 15.98 -2.16
C ALA B 28 -32.32 17.10 -2.68
N ALA B 29 -31.92 18.03 -1.81
CA ALA B 29 -31.01 19.08 -2.21
C ALA B 29 -29.66 18.51 -2.63
N GLU B 30 -29.15 17.52 -1.89
CA GLU B 30 -27.87 16.92 -2.23
C GLU B 30 -27.95 16.14 -3.53
N PHE B 31 -29.05 15.43 -3.76
CA PHE B 31 -29.19 14.60 -4.96
C PHE B 31 -29.28 15.46 -6.22
N THR B 32 -30.10 16.52 -6.18
CA THR B 32 -30.21 17.39 -7.34
C THR B 32 -28.94 18.19 -7.58
N THR B 33 -28.24 18.57 -6.50
CA THR B 33 -26.97 19.26 -6.64
C THR B 33 -25.96 18.41 -7.39
N TYR B 34 -25.98 17.10 -7.15
CA TYR B 34 -25.04 16.21 -7.81
C TYR B 34 -25.28 16.15 -9.32
N TYR B 35 -26.51 16.42 -9.75
CA TYR B 35 -26.80 16.51 -11.18
C TYR B 35 -26.49 17.90 -11.72
N TYR B 36 -26.87 18.94 -10.99
CA TYR B 36 -26.72 20.29 -11.50
C TYR B 36 -25.27 20.76 -11.48
N TYR B 37 -24.45 20.23 -10.56
CA TYR B 37 -23.03 20.55 -10.58
C TYR B 37 -22.32 19.84 -11.72
N THR B 38 -22.88 18.74 -12.22
CA THR B 38 -22.32 18.10 -13.40
C THR B 38 -22.41 19.03 -14.60
N ILE B 39 -23.55 19.71 -14.77
CA ILE B 39 -23.68 20.67 -15.86
C ILE B 39 -22.76 21.87 -15.63
N LEU B 40 -22.70 22.36 -14.39
CA LEU B 40 -21.89 23.53 -14.09
C LEU B 40 -20.40 23.25 -14.30
N ARG B 41 -19.95 22.05 -13.93
CA ARG B 41 -18.55 21.68 -14.16
C ARG B 41 -18.21 21.72 -15.64
N ASN B 42 -19.10 21.22 -16.49
CA ASN B 42 -18.79 21.08 -17.90
C ASN B 42 -18.70 22.41 -18.61
N HIS B 43 -19.39 23.44 -18.10
CA HIS B 43 -19.36 24.77 -18.69
C HIS B 43 -18.31 25.67 -18.06
N ALA B 44 -17.49 25.14 -17.15
CA ALA B 44 -16.34 25.88 -16.61
C ALA B 44 -15.17 25.73 -17.58
N THR B 45 -15.36 26.30 -18.78
CA THR B 45 -14.43 26.12 -19.88
C THR B 45 -13.48 27.31 -19.98
N GLY B 46 -12.49 27.18 -20.86
CA GLY B 46 -11.50 28.22 -21.04
C GLY B 46 -10.38 28.13 -20.02
N LEU B 47 -9.51 29.14 -20.08
CA LEU B 47 -8.39 29.21 -19.13
C LEU B 47 -8.88 29.52 -17.72
N GLU B 48 -9.86 30.42 -17.59
CA GLU B 48 -10.40 30.75 -16.27
C GLU B 48 -11.08 29.55 -15.64
N GLY B 49 -11.86 28.80 -16.42
CA GLY B 49 -12.63 27.69 -15.87
C GLY B 49 -11.83 26.49 -15.47
N GLU B 50 -10.62 26.32 -16.02
CA GLU B 50 -9.80 25.18 -15.66
C GLU B 50 -9.41 25.22 -14.19
N ALA B 51 -9.30 26.41 -13.61
CA ALA B 51 -8.95 26.53 -12.20
C ALA B 51 -10.10 26.10 -11.30
N ILE B 52 -11.35 26.34 -11.72
CA ILE B 52 -12.49 26.06 -10.86
C ILE B 52 -13.11 24.69 -11.14
N LYS B 53 -12.66 23.97 -12.16
CA LYS B 53 -13.28 22.68 -12.50
C LYS B 53 -13.11 21.68 -11.37
N GLU B 54 -11.91 21.59 -10.80
CA GLU B 54 -11.68 20.63 -9.73
C GLU B 54 -12.33 21.08 -8.43
N ILE B 55 -12.55 22.38 -8.26
CA ILE B 55 -13.27 22.86 -7.08
C ILE B 55 -14.74 22.48 -7.18
N ILE B 56 -15.33 22.63 -8.37
CA ILE B 56 -16.70 22.16 -8.59
C ILE B 56 -16.77 20.64 -8.45
N GLU B 57 -15.77 19.94 -8.99
CA GLU B 57 -15.72 18.48 -8.86
C GLU B 57 -15.59 18.06 -7.40
N ASP B 58 -14.80 18.79 -6.62
CA ASP B 58 -14.67 18.49 -5.19
C ASP B 58 -16.02 18.58 -4.49
N ALA B 59 -16.76 19.66 -4.76
CA ALA B 59 -18.03 19.88 -4.07
C ALA B 59 -19.09 18.88 -4.54
N ARG B 60 -19.12 18.60 -5.84
CA ARG B 60 -20.17 17.75 -6.39
C ARG B 60 -20.07 16.33 -5.85
N LEU B 61 -18.85 15.79 -5.77
CA LEU B 61 -18.68 14.43 -5.27
C LEU B 61 -18.94 14.34 -3.77
N GLU B 62 -18.59 15.40 -3.02
CA GLU B 62 -18.89 15.41 -1.59
C GLU B 62 -20.38 15.58 -1.35
N ASP B 63 -21.06 16.37 -2.19
CA ASP B 63 -22.51 16.50 -2.08
C ASP B 63 -23.20 15.18 -2.37
N ARG B 64 -22.63 14.38 -3.28
CA ARG B 64 -23.13 13.03 -3.51
C ARG B 64 -22.93 12.15 -2.29
N ASN B 65 -21.80 12.33 -1.59
CA ASN B 65 -21.57 11.61 -0.35
C ASN B 65 -22.54 12.05 0.74
N HIS B 66 -22.96 13.31 0.71
CA HIS B 66 -23.91 13.80 1.71
C HIS B 66 -25.27 13.12 1.53
N PHE B 67 -25.67 12.86 0.29
CA PHE B 67 -26.90 12.12 0.04
C PHE B 67 -26.75 10.67 0.52
N GLU B 68 -25.57 10.09 0.35
CA GLU B 68 -25.32 8.72 0.78
C GLU B 68 -25.29 8.57 2.29
N ALA B 69 -25.00 9.64 3.03
CA ALA B 69 -24.99 9.58 4.48
C ALA B 69 -26.34 9.93 5.10
N LEU B 70 -27.13 10.76 4.42
CA LEU B 70 -28.42 11.17 4.94
C LEU B 70 -29.46 10.05 4.84
N VAL B 71 -29.41 9.27 3.76
CA VAL B 71 -30.45 8.27 3.53
C VAL B 71 -30.48 7.21 4.61
N PRO B 72 -29.35 6.62 5.06
CA PRO B 72 -29.43 5.65 6.15
C PRO B 72 -30.08 6.21 7.41
N ARG B 73 -29.81 7.47 7.75
CA ARG B 73 -30.41 8.06 8.94
C ARG B 73 -31.92 8.21 8.79
N ILE B 74 -32.39 8.47 7.58
CA ILE B 74 -33.83 8.60 7.35
C ILE B 74 -34.54 7.29 7.66
N TYR B 75 -33.94 6.17 7.26
CA TYR B 75 -34.56 4.87 7.49
C TYR B 75 -34.41 4.39 8.92
N GLU B 76 -33.37 4.81 9.64
CA GLU B 76 -33.30 4.53 11.07
C GLU B 76 -34.45 5.20 11.82
N LEU B 77 -34.84 6.39 11.40
CA LEU B 77 -35.86 7.16 12.09
C LEU B 77 -37.27 6.77 11.70
N GLY B 78 -37.43 5.83 10.78
CA GLY B 78 -38.74 5.40 10.33
C GLY B 78 -39.23 6.08 9.07
N GLY B 79 -38.42 6.92 8.44
CA GLY B 79 -38.79 7.56 7.20
C GLY B 79 -38.33 6.79 5.99
N GLU B 80 -38.91 7.14 4.84
CA GLU B 80 -38.54 6.51 3.58
C GLU B 80 -38.39 7.58 2.51
N LEU B 81 -37.54 7.29 1.54
CA LEU B 81 -37.44 8.12 0.35
C LEU B 81 -38.75 8.06 -0.42
N PRO B 82 -39.14 9.15 -1.08
CA PRO B 82 -40.38 9.14 -1.86
C PRO B 82 -40.31 8.13 -3.00
N ARG B 83 -41.48 7.58 -3.34
CA ARG B 83 -41.55 6.50 -4.33
C ARG B 83 -41.03 6.96 -5.68
N ASP B 84 -41.38 8.17 -6.10
CA ASP B 84 -41.04 8.68 -7.41
C ASP B 84 -39.90 9.69 -7.31
N ILE B 85 -38.97 9.62 -8.27
CA ILE B 85 -37.83 10.53 -8.26
C ILE B 85 -38.26 11.96 -8.61
N ARG B 86 -39.35 12.11 -9.36
CA ARG B 86 -39.88 13.43 -9.64
C ARG B 86 -40.34 14.11 -8.35
N GLU B 87 -41.00 13.34 -7.48
CA GLU B 87 -41.40 13.84 -6.16
C GLU B 87 -40.19 14.17 -5.30
N PHE B 88 -39.12 13.39 -5.42
CA PHE B 88 -37.89 13.69 -4.69
C PHE B 88 -37.30 15.02 -5.12
N ALA B 89 -37.28 15.29 -6.43
CA ALA B 89 -36.72 16.54 -6.92
C ALA B 89 -37.53 17.74 -6.44
N ASP B 90 -38.86 17.60 -6.37
CA ASP B 90 -39.70 18.71 -5.97
C ASP B 90 -39.55 19.06 -4.49
N LEU B 91 -38.87 18.23 -3.71
CA LEU B 91 -38.74 18.41 -2.28
C LEU B 91 -37.39 19.00 -1.88
N ALA B 92 -36.56 19.40 -2.84
CA ALA B 92 -35.24 19.92 -2.50
C ALA B 92 -35.36 21.20 -1.68
N SER B 93 -34.56 21.27 -0.61
CA SER B 93 -34.61 22.43 0.27
C SER B 93 -34.02 23.67 -0.40
N CYS B 94 -33.25 23.46 -1.46
CA CYS B 94 -32.63 24.58 -2.23
CA CYS B 94 -32.66 24.60 -2.24
C CYS B 94 -33.06 24.66 -3.73
N ARG B 95 -33.20 25.90 -4.21
CA ARG B 95 -33.55 26.12 -5.60
C ARG B 95 -32.52 25.44 -6.50
N ASP B 96 -32.97 25.04 -7.68
CA ASP B 96 -32.11 24.32 -8.60
C ASP B 96 -30.94 25.20 -9.04
N ALA B 97 -29.73 24.63 -8.96
CA ALA B 97 -28.52 25.32 -9.43
C ALA B 97 -28.47 25.22 -10.95
N TYR B 98 -29.39 25.96 -11.58
CA TYR B 98 -29.50 25.96 -13.03
C TYR B 98 -28.28 26.65 -13.65
N LEU B 99 -27.97 26.28 -14.88
CA LEU B 99 -26.93 26.96 -15.62
C LEU B 99 -27.40 28.37 -16.00
N PRO B 100 -26.57 29.39 -15.81
CA PRO B 100 -26.99 30.75 -16.12
C PRO B 100 -27.26 30.93 -17.61
N GLU B 101 -28.10 31.91 -17.93
CA GLU B 101 -28.40 32.20 -19.33
C GLU B 101 -27.15 32.58 -20.10
N GLU B 102 -26.24 33.32 -19.45
CA GLU B 102 -24.90 33.57 -19.98
C GLU B 102 -23.92 32.85 -19.07
N PRO B 103 -23.42 31.67 -19.46
CA PRO B 103 -22.59 30.85 -18.58
C PRO B 103 -21.13 31.33 -18.47
N THR B 104 -20.95 32.59 -18.09
CA THR B 104 -19.62 33.08 -17.78
C THR B 104 -19.15 32.48 -16.46
N ILE B 105 -17.83 32.56 -16.24
CA ILE B 105 -17.25 31.97 -15.04
C ILE B 105 -17.79 32.65 -13.78
N GLU B 106 -17.93 33.98 -13.81
CA GLU B 106 -18.43 34.69 -12.64
C GLU B 106 -19.91 34.44 -12.43
N ASN B 107 -20.68 34.25 -13.51
CA ASN B 107 -22.09 33.92 -13.37
C ASN B 107 -22.28 32.51 -12.83
N ILE B 108 -21.43 31.58 -13.26
CA ILE B 108 -21.47 30.22 -12.72
C ILE B 108 -21.10 30.24 -11.24
N LEU B 109 -20.09 31.04 -10.87
CA LEU B 109 -19.67 31.11 -9.48
C LEU B 109 -20.78 31.66 -8.58
N LYS B 110 -21.56 32.61 -9.10
CA LYS B 110 -22.70 33.13 -8.36
C LYS B 110 -23.71 32.03 -8.06
N VAL B 111 -23.97 31.17 -9.06
CA VAL B 111 -24.91 30.08 -8.86
C VAL B 111 -24.39 29.09 -7.82
N LEU B 112 -23.10 28.77 -7.88
CA LEU B 112 -22.51 27.87 -6.90
C LEU B 112 -22.54 28.48 -5.50
N LEU B 113 -22.31 29.79 -5.39
CA LEU B 113 -22.31 30.43 -4.08
C LEU B 113 -23.69 30.38 -3.44
N GLU B 114 -24.74 30.67 -4.21
CA GLU B 114 -26.09 30.62 -3.65
C GLU B 114 -26.50 29.19 -3.31
N ALA B 115 -25.96 28.20 -4.01
CA ALA B 115 -26.30 26.81 -3.73
C ALA B 115 -25.69 26.34 -2.42
N GLU B 116 -24.49 26.82 -2.10
CA GLU B 116 -23.80 26.41 -0.88
C GLU B 116 -24.18 27.25 0.32
N ARG B 117 -24.57 28.51 0.12
CA ARG B 117 -25.12 29.31 1.22
C ARG B 117 -26.44 28.73 1.70
N CYS B 118 -27.27 28.29 0.76
CA CYS B 118 -28.52 27.60 1.17
CA CYS B 118 -28.52 27.57 1.14
C CYS B 118 -28.28 26.25 1.91
N ALA B 119 -27.24 25.54 1.48
CA ALA B 119 -26.90 24.28 2.13
C ALA B 119 -26.41 24.51 3.55
N VAL B 120 -25.64 25.57 3.77
CA VAL B 120 -25.22 25.91 5.14
C VAL B 120 -26.44 26.23 5.99
N GLY B 121 -27.42 26.92 5.40
CA GLY B 121 -28.61 27.28 6.15
C GLY B 121 -29.47 26.09 6.53
N VAL B 122 -29.60 25.11 5.63
CA VAL B 122 -30.47 23.98 5.92
C VAL B 122 -29.86 23.08 7.00
N TYR B 123 -28.54 22.92 6.99
CA TYR B 123 -27.89 22.07 7.98
C TYR B 123 -27.69 22.80 9.30
N THR B 124 -27.62 24.13 9.28
CA THR B 124 -27.68 24.90 10.50
C THR B 124 -29.06 24.80 11.14
N GLU B 125 -30.09 24.73 10.31
CA GLU B 125 -31.45 24.52 10.81
C GLU B 125 -31.60 23.17 11.48
N ILE B 126 -31.00 22.13 10.90
CA ILE B 126 -31.10 20.79 11.46
C ILE B 126 -30.31 20.70 12.77
N CYS B 127 -29.11 21.31 12.79
CA CYS B 127 -28.31 21.31 14.02
C CYS B 127 -29.00 22.07 15.13
N ASN B 128 -29.60 23.22 14.81
CA ASN B 128 -30.31 23.99 15.82
C ASN B 128 -31.55 23.27 16.35
N TYR B 129 -32.03 22.27 15.62
CA TYR B 129 -33.24 21.53 15.98
C TYR B 129 -32.95 20.24 16.73
N THR B 130 -31.80 19.63 16.48
CA THR B 130 -31.41 18.37 17.11
C THR B 130 -30.34 18.57 18.19
N PHE B 131 -30.09 19.81 18.60
CA PHE B 131 -29.03 20.10 19.57
C PHE B 131 -29.48 19.64 20.95
N GLY B 132 -28.83 18.58 21.45
CA GLY B 132 -29.14 18.07 22.77
C GLY B 132 -30.34 17.13 22.83
N LYS B 133 -30.92 16.77 21.69
CA LYS B 133 -32.10 15.91 21.68
C LYS B 133 -31.90 14.64 20.86
N ASP B 134 -31.32 14.75 19.67
CA ASP B 134 -30.95 13.59 18.85
C ASP B 134 -29.46 13.67 18.54
N PRO B 135 -28.62 13.11 19.40
CA PRO B 135 -27.17 13.25 19.22
C PRO B 135 -26.64 12.65 17.92
N ARG B 136 -27.24 11.58 17.40
CA ARG B 136 -26.78 11.05 16.12
C ARG B 136 -27.15 11.96 14.96
N THR B 137 -28.39 12.46 14.95
CA THR B 137 -28.80 13.36 13.87
C THR B 137 -28.01 14.67 13.92
N TYR B 138 -27.70 15.16 15.12
CA TYR B 138 -26.87 16.35 15.25
C TYR B 138 -25.48 16.11 14.68
N ASP B 139 -24.88 14.95 15.00
CA ASP B 139 -23.52 14.68 14.57
C ASP B 139 -23.43 14.50 13.07
N LEU B 140 -24.45 13.91 12.44
CA LEU B 140 -24.48 13.80 10.99
C LEU B 140 -24.63 15.17 10.34
N ALA B 141 -25.55 15.98 10.85
CA ALA B 141 -25.76 17.31 10.28
C ALA B 141 -24.54 18.20 10.49
N LEU B 142 -23.86 18.04 11.63
CA LEU B 142 -22.62 18.77 11.88
C LEU B 142 -21.54 18.36 10.89
N ALA B 143 -21.40 17.06 10.62
CA ALA B 143 -20.38 16.59 9.70
C ALA B 143 -20.58 17.15 8.30
N ILE B 144 -21.83 17.21 7.85
CA ILE B 144 -22.12 17.79 6.55
C ILE B 144 -21.93 19.30 6.58
N LEU B 145 -22.31 19.94 7.69
CA LEU B 145 -22.16 21.39 7.82
C LEU B 145 -20.70 21.81 7.78
N HIS B 146 -19.80 20.96 8.26
CA HIS B 146 -18.37 21.23 8.10
C HIS B 146 -18.00 21.36 6.63
N GLU B 147 -18.52 20.46 5.80
CA GLU B 147 -18.14 20.43 4.40
C GLU B 147 -18.88 21.49 3.59
N GLU B 148 -20.13 21.79 3.96
CA GLU B 148 -20.87 22.85 3.28
C GLU B 148 -20.23 24.21 3.53
N ILE B 149 -19.73 24.44 4.75
CA ILE B 149 -19.05 25.69 5.07
C ILE B 149 -17.78 25.82 4.24
N GLU B 150 -17.03 24.72 4.10
CA GLU B 150 -15.83 24.73 3.27
C GLU B 150 -16.17 24.94 1.80
N HIS B 151 -17.26 24.33 1.32
CA HIS B 151 -17.67 24.55 -0.06
C HIS B 151 -18.01 26.02 -0.30
N GLU B 152 -18.72 26.63 0.64
CA GLU B 152 -19.09 28.04 0.49
C GLU B 152 -17.87 28.93 0.47
N ALA B 153 -16.85 28.59 1.27
CA ALA B 153 -15.65 29.43 1.33
C ALA B 153 -14.83 29.33 0.05
N TRP B 154 -14.84 28.16 -0.61
CA TRP B 154 -14.15 28.05 -1.88
C TRP B 154 -14.73 29.01 -2.91
N PHE B 155 -16.05 29.04 -3.03
CA PHE B 155 -16.71 29.86 -4.04
C PHE B 155 -16.75 31.34 -3.65
N GLU B 156 -16.82 31.65 -2.36
CA GLU B 156 -16.72 33.03 -1.90
C GLU B 156 -15.35 33.63 -2.16
N GLU B 157 -14.29 32.84 -1.97
CA GLU B 157 -12.95 33.32 -2.25
C GLU B 157 -12.73 33.55 -3.75
N LEU B 158 -13.26 32.64 -4.58
CA LEU B 158 -13.09 32.79 -6.02
C LEU B 158 -13.90 33.96 -6.58
N LEU B 159 -15.12 34.14 -6.08
CA LEU B 159 -16.00 35.17 -6.64
C LEU B 159 -15.69 36.55 -6.09
N THR B 160 -15.39 36.65 -4.79
CA THR B 160 -15.20 37.94 -4.14
C THR B 160 -13.76 38.24 -3.79
N GLY B 161 -12.94 37.23 -3.51
CA GLY B 161 -11.57 37.46 -3.12
C GLY B 161 -11.35 37.59 -1.63
N LYS B 162 -12.28 37.13 -0.82
CA LYS B 162 -12.12 37.16 0.63
C LYS B 162 -11.25 35.99 1.08
N PRO B 163 -10.16 36.24 1.80
CA PRO B 163 -9.32 35.13 2.30
C PRO B 163 -10.13 34.16 3.14
N SER B 164 -10.14 32.90 2.70
CA SER B 164 -10.89 31.85 3.38
C SER B 164 -9.99 30.84 4.09
N GLY B 165 -8.73 30.73 3.71
CA GLY B 165 -7.80 29.83 4.37
C GLY B 165 -7.91 28.38 3.97
N HIS B 166 -8.75 28.05 2.99
CA HIS B 166 -9.00 26.67 2.63
C HIS B 166 -8.16 26.25 1.43
N PHE B 167 -7.59 25.05 1.52
CA PHE B 167 -6.81 24.45 0.45
C PHE B 167 -7.69 23.46 -0.31
N ARG B 168 -7.25 23.09 -1.51
CA ARG B 168 -8.00 22.15 -2.33
C ARG B 168 -7.89 20.74 -1.77
N ARG B 169 -8.93 19.95 -1.99
CA ARG B 169 -8.89 18.53 -1.62
C ARG B 169 -7.84 17.81 -2.44
N GLY B 170 -7.16 16.85 -1.80
CA GLY B 170 -6.22 16.02 -2.53
C GLY B 170 -6.90 15.17 -3.58
N LYS B 171 -8.01 14.53 -3.21
CA LYS B 171 -8.83 13.73 -4.10
C LYS B 171 -10.27 14.23 -4.05
N PRO B 172 -10.94 14.31 -5.20
CA PRO B 172 -12.36 14.70 -5.19
C PRO B 172 -13.21 13.71 -4.42
N GLY B 173 -14.19 14.25 -3.70
CA GLY B 173 -15.06 13.41 -2.89
C GLY B 173 -14.40 12.76 -1.71
N GLU B 174 -13.30 13.34 -1.21
CA GLU B 174 -12.59 12.75 -0.09
C GLU B 174 -13.43 12.81 1.18
N SER B 175 -14.20 13.89 1.34
CA SER B 175 -15.16 14.04 2.42
C SER B 175 -14.55 13.77 3.80
N PRO B 176 -13.67 14.65 4.28
CA PRO B 176 -12.96 14.37 5.54
C PRO B 176 -13.87 14.29 6.76
N TYR B 177 -15.05 14.88 6.72
CA TYR B 177 -15.92 14.98 7.88
C TYR B 177 -17.05 13.97 7.89
N VAL B 178 -17.57 13.58 6.73
CA VAL B 178 -18.68 12.63 6.68
C VAL B 178 -18.21 11.22 6.34
N SER B 179 -16.89 11.00 6.31
CA SER B 179 -16.37 9.69 5.92
C SER B 179 -16.80 8.59 6.89
N LYS B 180 -16.84 8.91 8.19
CA LYS B 180 -17.22 7.91 9.18
C LYS B 180 -18.68 7.47 9.01
N PHE B 181 -19.50 8.28 8.37
CA PHE B 181 -20.89 7.94 8.08
C PHE B 181 -21.04 7.17 6.78
N LEU B 182 -19.97 7.04 5.99
CA LEU B 182 -20.02 6.40 4.68
C LEU B 182 -19.58 4.95 4.77
N LYS B 183 -19.90 4.19 3.73
CA LYS B 183 -19.56 2.77 3.68
C LYS B 183 -18.40 2.52 2.73
N ILE C 14 37.36 25.19 9.34
CA ILE C 14 36.18 25.95 9.71
C ILE C 14 36.16 26.37 11.18
N ASP C 15 35.89 27.65 11.40
CA ASP C 15 35.51 28.15 12.72
C ASP C 15 34.07 27.72 12.95
N VAL C 16 33.86 26.85 13.94
CA VAL C 16 32.54 26.27 14.15
C VAL C 16 31.55 27.32 14.61
N GLU C 17 31.98 28.30 15.40
CA GLU C 17 31.09 29.36 15.85
C GLU C 17 30.55 30.16 14.68
N LYS C 18 31.40 30.49 13.70
CA LYS C 18 30.93 31.23 12.53
C LYS C 18 29.94 30.39 11.71
N LEU C 19 30.20 29.09 11.59
CA LEU C 19 29.25 28.23 10.90
C LEU C 19 27.97 28.03 11.71
N LEU C 20 28.07 28.00 13.04
CA LEU C 20 26.88 27.89 13.87
C LEU C 20 25.99 29.13 13.72
N GLU C 21 26.59 30.30 13.61
CA GLU C 21 25.82 31.51 13.38
C GLU C 21 25.07 31.45 12.06
N LEU C 22 25.74 31.01 10.99
CA LEU C 22 25.09 30.93 9.69
C LEU C 22 23.95 29.94 9.69
N LEU C 23 24.11 28.81 10.37
CA LEU C 23 23.07 27.78 10.41
C LEU C 23 21.90 28.21 11.27
N ILE C 24 22.17 28.90 12.38
CA ILE C 24 21.08 29.37 13.23
C ILE C 24 20.28 30.46 12.52
N LYS C 25 20.96 31.39 11.85
CA LYS C 25 20.27 32.43 11.09
C LYS C 25 19.46 31.83 9.96
N ALA C 26 19.98 30.80 9.30
CA ALA C 26 19.24 30.13 8.24
C ALA C 26 17.99 29.44 8.78
N ALA C 27 18.09 28.79 9.95
CA ALA C 27 16.94 28.15 10.55
C ALA C 27 15.90 29.17 10.97
N ALA C 28 16.34 30.32 11.49
CA ALA C 28 15.41 31.40 11.82
C ALA C 28 14.70 31.91 10.57
N ALA C 29 15.42 31.97 9.45
CA ALA C 29 14.79 32.36 8.20
C ALA C 29 13.72 31.35 7.78
N GLU C 30 14.01 30.06 7.92
CA GLU C 30 13.05 29.02 7.56
C GLU C 30 11.83 29.07 8.46
N PHE C 31 12.03 29.28 9.77
CA PHE C 31 10.92 29.27 10.72
C PHE C 31 9.98 30.44 10.49
N THR C 32 10.51 31.65 10.30
CA THR C 32 9.67 32.80 10.05
C THR C 32 9.01 32.72 8.69
N THR C 33 9.69 32.12 7.70
CA THR C 33 9.09 31.91 6.39
C THR C 33 7.85 31.03 6.48
N TYR C 34 7.90 30.02 7.36
CA TYR C 34 6.76 29.12 7.52
C TYR C 34 5.54 29.84 8.06
N TYR C 35 5.74 30.90 8.85
CA TYR C 35 4.63 31.70 9.33
C TYR C 35 4.18 32.72 8.28
N TYR C 36 5.13 33.40 7.66
CA TYR C 36 4.78 34.48 6.73
C TYR C 36 4.17 33.94 5.44
N TYR C 37 4.58 32.75 5.00
CA TYR C 37 3.97 32.16 3.82
C TYR C 37 2.54 31.71 4.09
N THR C 38 2.21 31.44 5.35
CA THR C 38 0.83 31.13 5.71
C THR C 38 -0.08 32.33 5.43
N ILE C 39 0.38 33.53 5.78
CA ILE C 39 -0.40 34.73 5.49
C ILE C 39 -0.46 34.98 3.99
N LEU C 40 0.67 34.81 3.31
CA LEU C 40 0.71 35.05 1.86
C LEU C 40 -0.18 34.08 1.11
N ARG C 41 -0.22 32.81 1.54
CA ARG C 41 -1.12 31.83 0.94
C ARG C 41 -2.57 32.28 1.03
N ASN C 42 -2.97 32.77 2.21
CA ASN C 42 -4.38 33.06 2.45
C ASN C 42 -4.86 34.25 1.63
N HIS C 43 -3.96 35.16 1.26
CA HIS C 43 -4.33 36.33 0.47
C HIS C 43 -4.15 36.13 -1.03
N ALA C 44 -3.77 34.92 -1.46
CA ALA C 44 -3.71 34.59 -2.89
C ALA C 44 -5.11 34.16 -3.34
N THR C 45 -6.02 35.12 -3.36
CA THR C 45 -7.43 34.88 -3.58
C THR C 45 -7.82 35.17 -5.02
N GLY C 46 -9.07 34.87 -5.35
CA GLY C 46 -9.57 35.08 -6.69
C GLY C 46 -9.18 33.97 -7.65
N LEU C 47 -9.46 34.21 -8.92
CA LEU C 47 -9.13 33.22 -9.94
C LEU C 47 -7.63 33.19 -10.22
N GLU C 48 -6.97 34.35 -10.18
CA GLU C 48 -5.52 34.38 -10.35
C GLU C 48 -4.81 33.68 -9.19
N GLY C 49 -5.29 33.88 -7.96
CA GLY C 49 -4.61 33.33 -6.80
C GLY C 49 -4.76 31.84 -6.62
N GLU C 50 -5.81 31.25 -7.20
CA GLU C 50 -6.00 29.80 -7.08
C GLU C 50 -4.85 29.03 -7.71
N ALA C 51 -4.30 29.55 -8.81
CA ALA C 51 -3.19 28.88 -9.48
C ALA C 51 -1.93 28.85 -8.61
N ILE C 52 -1.66 29.93 -7.88
CA ILE C 52 -0.42 30.03 -7.11
C ILE C 52 -0.54 29.55 -5.68
N LYS C 53 -1.74 29.19 -5.23
CA LYS C 53 -1.92 28.79 -3.83
C LYS C 53 -1.12 27.54 -3.51
N GLU C 54 -1.20 26.54 -4.36
CA GLU C 54 -0.48 25.30 -4.11
C GLU C 54 1.02 25.45 -4.32
N ILE C 55 1.42 26.44 -5.12
CA ILE C 55 2.86 26.72 -5.27
C ILE C 55 3.41 27.35 -4.00
N ILE C 56 2.65 28.27 -3.39
CA ILE C 56 3.03 28.83 -2.10
C ILE C 56 2.99 27.73 -1.04
N GLU C 57 1.97 26.87 -1.09
CA GLU C 57 1.86 25.77 -0.13
C GLU C 57 3.02 24.79 -0.27
N ASP C 58 3.45 24.51 -1.52
CA ASP C 58 4.60 23.64 -1.72
C ASP C 58 5.84 24.22 -1.06
N ALA C 59 6.08 25.52 -1.26
CA ALA C 59 7.28 26.15 -0.72
C ALA C 59 7.22 26.26 0.80
N ARG C 60 6.05 26.59 1.34
CA ARG C 60 5.93 26.83 2.78
C ARG C 60 6.19 25.55 3.56
N LEU C 61 5.63 24.43 3.12
CA LEU C 61 5.81 23.18 3.85
C LEU C 61 7.23 22.64 3.71
N GLU C 62 7.88 22.89 2.57
CA GLU C 62 9.28 22.49 2.42
C GLU C 62 10.19 23.37 3.26
N ASP C 63 9.88 24.67 3.36
CA ASP C 63 10.67 25.56 4.22
C ASP C 63 10.53 25.16 5.68
N ARG C 64 9.38 24.61 6.08
CA ARG C 64 9.22 24.05 7.41
C ARG C 64 10.07 22.80 7.57
N ASN C 65 10.18 21.99 6.50
CA ASN C 65 11.06 20.83 6.52
C ASN C 65 12.53 21.25 6.59
N HIS C 66 12.86 22.40 6.01
CA HIS C 66 14.24 22.89 6.07
C HIS C 66 14.62 23.27 7.50
N PHE C 67 13.68 23.84 8.25
CA PHE C 67 13.91 24.11 9.66
C PHE C 67 14.09 22.82 10.44
N GLU C 68 13.36 21.77 10.06
CA GLU C 68 13.45 20.48 10.72
C GLU C 68 14.75 19.76 10.45
N ALA C 69 15.40 20.04 9.33
CA ALA C 69 16.68 19.41 9.01
C ALA C 69 17.87 20.19 9.54
N LEU C 70 17.73 21.51 9.69
CA LEU C 70 18.83 22.34 10.16
C LEU C 70 19.07 22.18 11.66
N VAL C 71 17.99 22.03 12.43
CA VAL C 71 18.13 22.02 13.89
C VAL C 71 18.97 20.84 14.38
N PRO C 72 18.78 19.60 13.90
CA PRO C 72 19.66 18.51 14.36
C PRO C 72 21.12 18.78 14.11
N ARG C 73 21.47 19.38 12.97
CA ARG C 73 22.87 19.69 12.68
C ARG C 73 23.44 20.71 13.64
N ILE C 74 22.63 21.69 14.07
CA ILE C 74 23.10 22.71 14.99
C ILE C 74 23.51 22.07 16.32
N TYR C 75 22.73 21.09 16.78
CA TYR C 75 23.04 20.44 18.05
C TYR C 75 24.16 19.42 17.93
N GLU C 76 24.37 18.82 16.76
CA GLU C 76 25.56 18.00 16.55
C GLU C 76 26.83 18.82 16.64
N LEU C 77 26.78 20.09 16.25
CA LEU C 77 27.96 20.95 16.22
C LEU C 77 28.20 21.67 17.53
N GLY C 78 27.41 21.39 18.56
CA GLY C 78 27.54 22.06 19.83
C GLY C 78 26.77 23.36 19.96
N GLY C 79 25.91 23.68 19.00
CA GLY C 79 25.08 24.86 19.08
C GLY C 79 23.70 24.57 19.65
N GLU C 80 22.98 25.64 19.93
CA GLU C 80 21.64 25.52 20.48
C GLU C 80 20.75 26.59 19.88
N LEU C 81 19.46 26.29 19.82
CA LEU C 81 18.47 27.30 19.47
C LEU C 81 18.40 28.33 20.60
N PRO C 82 18.14 29.59 20.27
CA PRO C 82 18.02 30.61 21.32
C PRO C 82 16.86 30.32 22.26
N ARG C 83 17.02 30.76 23.51
CA ARG C 83 16.03 30.45 24.54
C ARG C 83 14.67 31.04 24.21
N ASP C 84 14.63 32.27 23.72
CA ASP C 84 13.41 32.99 23.45
C ASP C 84 13.11 32.98 21.96
N ILE C 85 11.84 32.75 21.61
CA ILE C 85 11.45 32.72 20.20
C ILE C 85 11.53 34.11 19.58
N ARG C 86 11.37 35.17 20.38
CA ARG C 86 11.55 36.52 19.87
C ARG C 86 12.98 36.74 19.40
N GLU C 87 13.96 36.22 20.16
CA GLU C 87 15.36 36.29 19.76
C GLU C 87 15.62 35.43 18.53
N PHE C 88 14.89 34.33 18.38
CA PHE C 88 15.01 33.52 17.17
C PHE C 88 14.55 34.29 15.94
N ALA C 89 13.44 35.01 16.06
CA ALA C 89 12.92 35.77 14.91
C ALA C 89 13.87 36.88 14.51
N ASP C 90 14.51 37.53 15.49
CA ASP C 90 15.41 38.63 15.20
C ASP C 90 16.68 38.17 14.47
N LEU C 91 16.97 36.88 14.47
CA LEU C 91 18.19 36.33 13.89
C LEU C 91 18.01 35.87 12.46
N ALA C 92 16.82 36.01 11.87
CA ALA C 92 16.57 35.49 10.54
C ALA C 92 17.50 36.14 9.52
N SER C 93 18.10 35.30 8.66
CA SER C 93 19.03 35.80 7.66
C SER C 93 18.33 36.58 6.55
N CYS C 94 17.02 36.43 6.46
CA CYS C 94 16.18 37.16 5.47
CA CYS C 94 16.20 37.19 5.47
C CYS C 94 15.09 38.09 6.06
N ARG C 95 14.91 39.23 5.38
CA ARG C 95 13.88 40.15 5.81
C ARG C 95 12.52 39.45 5.81
N ASP C 96 11.64 39.91 6.70
CA ASP C 96 10.34 39.26 6.84
C ASP C 96 9.53 39.38 5.55
N ALA C 97 8.95 38.26 5.14
CA ALA C 97 8.09 38.22 3.96
C ALA C 97 6.71 38.78 4.34
N TYR C 98 6.70 40.07 4.63
CA TYR C 98 5.49 40.76 5.04
C TYR C 98 4.49 40.80 3.88
N LEU C 99 3.21 40.79 4.24
CA LEU C 99 2.18 40.96 3.23
C LEU C 99 2.23 42.38 2.66
N PRO C 100 2.14 42.54 1.34
CA PRO C 100 2.24 43.88 0.75
C PRO C 100 1.08 44.77 1.18
N GLU C 101 1.34 46.08 1.17
CA GLU C 101 0.30 47.04 1.51
C GLU C 101 -0.91 46.90 0.59
N GLU C 102 -0.67 46.61 -0.68
CA GLU C 102 -1.72 46.24 -1.63
C GLU C 102 -1.50 44.79 -2.02
N PRO C 103 -2.22 43.83 -1.45
CA PRO C 103 -1.96 42.41 -1.69
C PRO C 103 -2.49 41.88 -3.02
N THR C 104 -2.07 42.51 -4.12
CA THR C 104 -2.33 41.96 -5.44
C THR C 104 -1.47 40.71 -5.65
N ILE C 105 -1.85 39.93 -6.65
CA ILE C 105 -1.13 38.69 -6.92
C ILE C 105 0.30 38.97 -7.36
N GLU C 106 0.50 40.02 -8.16
CA GLU C 106 1.84 40.35 -8.63
C GLU C 106 2.69 40.96 -7.52
N ASN C 107 2.07 41.63 -6.55
CA ASN C 107 2.81 42.16 -5.42
C ASN C 107 3.20 41.06 -4.43
N ILE C 108 2.31 40.09 -4.24
CA ILE C 108 2.64 38.94 -3.40
C ILE C 108 3.76 38.12 -4.04
N LEU C 109 3.70 37.94 -5.36
CA LEU C 109 4.73 37.16 -6.06
C LEU C 109 6.08 37.84 -5.95
N LYS C 110 6.11 39.18 -5.94
CA LYS C 110 7.36 39.90 -5.73
C LYS C 110 7.94 39.59 -4.35
N VAL C 111 7.09 39.56 -3.33
CA VAL C 111 7.56 39.27 -1.97
C VAL C 111 8.11 37.85 -1.88
N LEU C 112 7.41 36.89 -2.50
CA LEU C 112 7.90 35.51 -2.51
C LEU C 112 9.22 35.39 -3.26
N LEU C 113 9.37 36.14 -4.36
CA LEU C 113 10.61 36.06 -5.14
C LEU C 113 11.80 36.58 -4.33
N GLU C 114 11.62 37.69 -3.62
CA GLU C 114 12.72 38.21 -2.81
C GLU C 114 13.02 37.31 -1.62
N ALA C 115 12.03 36.56 -1.15
CA ALA C 115 12.26 35.66 -0.02
C ALA C 115 13.06 34.44 -0.43
N GLU C 116 12.87 33.96 -1.66
CA GLU C 116 13.56 32.77 -2.12
C GLU C 116 14.90 33.08 -2.77
N ARG C 117 15.08 34.30 -3.30
CA ARG C 117 16.40 34.72 -3.76
C ARG C 117 17.35 34.87 -2.58
N CYS C 118 16.84 35.39 -1.46
CA CYS C 118 17.67 35.48 -0.22
CA CYS C 118 17.67 35.48 -0.22
C CYS C 118 18.06 34.09 0.34
N ALA C 119 17.11 33.17 0.23
CA ALA C 119 17.36 31.81 0.70
C ALA C 119 18.41 31.11 -0.15
N VAL C 120 18.38 31.31 -1.47
CA VAL C 120 19.43 30.77 -2.32
C VAL C 120 20.77 31.39 -1.96
N GLY C 121 20.77 32.68 -1.60
CA GLY C 121 22.01 33.34 -1.23
C GLY C 121 22.61 32.82 0.06
N VAL C 122 21.77 32.55 1.07
CA VAL C 122 22.30 32.14 2.36
C VAL C 122 22.86 30.72 2.29
N TYR C 123 22.22 29.85 1.52
CA TYR C 123 22.68 28.47 1.43
C TYR C 123 23.84 28.32 0.45
N THR C 124 23.97 29.26 -0.49
CA THR C 124 25.19 29.34 -1.29
C THR C 124 26.36 29.81 -0.43
N GLU C 125 26.09 30.68 0.53
CA GLU C 125 27.12 31.12 1.46
C GLU C 125 27.60 29.98 2.34
N ILE C 126 26.68 29.13 2.80
CA ILE C 126 27.06 28.02 3.65
C ILE C 126 27.84 26.96 2.86
N CYS C 127 27.40 26.68 1.63
CA CYS C 127 28.12 25.73 0.80
C CYS C 127 29.52 26.22 0.45
N ASN C 128 29.66 27.50 0.14
CA ASN C 128 30.97 28.05 -0.16
C ASN C 128 31.88 28.07 1.05
N TYR C 129 31.33 27.96 2.26
CA TYR C 129 32.11 28.01 3.49
C TYR C 129 32.47 26.62 4.00
N THR C 130 31.67 25.60 3.67
CA THR C 130 31.90 24.24 4.13
C THR C 130 32.37 23.30 3.03
N PHE C 131 32.80 23.85 1.90
CA PHE C 131 33.19 23.04 0.75
C PHE C 131 34.54 22.39 1.02
N GLY C 132 34.55 21.07 1.17
CA GLY C 132 35.77 20.34 1.42
C GLY C 132 36.27 20.38 2.85
N LYS C 133 35.50 20.90 3.78
CA LYS C 133 35.90 20.98 5.18
C LYS C 133 34.93 20.28 6.12
N ASP C 134 33.63 20.53 6.01
CA ASP C 134 32.60 19.82 6.77
C ASP C 134 31.64 19.19 5.78
N PRO C 135 31.91 17.94 5.36
CA PRO C 135 31.08 17.31 4.33
C PRO C 135 29.63 17.11 4.71
N ARG C 136 29.32 16.92 5.99
CA ARG C 136 27.91 16.78 6.38
C ARG C 136 27.17 18.11 6.27
N THR C 137 27.78 19.18 6.76
CA THR C 137 27.13 20.49 6.65
C THR C 137 26.99 20.92 5.21
N TYR C 138 27.97 20.60 4.36
CA TYR C 138 27.87 20.90 2.94
C TYR C 138 26.70 20.16 2.32
N ASP C 139 26.54 18.89 2.65
CA ASP C 139 25.50 18.08 2.03
C ASP C 139 24.11 18.51 2.48
N LEU C 140 23.97 18.95 3.73
CA LEU C 140 22.69 19.47 4.20
C LEU C 140 22.35 20.78 3.49
N ALA C 141 23.32 21.70 3.39
CA ALA C 141 23.08 22.97 2.73
C ALA C 141 22.80 22.78 1.25
N LEU C 142 23.49 21.82 0.62
CA LEU C 142 23.22 21.51 -0.79
C LEU C 142 21.81 20.99 -0.99
N ALA C 143 21.35 20.10 -0.10
CA ALA C 143 20.01 19.56 -0.23
C ALA C 143 18.95 20.65 -0.12
N ILE C 144 19.13 21.59 0.80
CA ILE C 144 18.20 22.71 0.90
C ILE C 144 18.35 23.65 -0.28
N LEU C 145 19.59 23.89 -0.72
CA LEU C 145 19.83 24.76 -1.87
C LEU C 145 19.17 24.23 -3.13
N HIS C 146 19.06 22.90 -3.27
CA HIS C 146 18.31 22.33 -4.38
C HIS C 146 16.87 22.80 -4.37
N GLU C 147 16.25 22.83 -3.18
CA GLU C 147 14.84 23.15 -3.06
C GLU C 147 14.61 24.66 -3.08
N GLU C 148 15.57 25.43 -2.58
CA GLU C 148 15.45 26.88 -2.64
C GLU C 148 15.56 27.39 -4.07
N ILE C 149 16.43 26.76 -4.87
CA ILE C 149 16.55 27.12 -6.28
C ILE C 149 15.26 26.81 -7.02
N GLU C 150 14.63 25.67 -6.71
CA GLU C 150 13.37 25.32 -7.34
C GLU C 150 12.24 26.23 -6.87
N HIS C 151 12.25 26.64 -5.60
CA HIS C 151 11.25 27.60 -5.14
C HIS C 151 11.40 28.92 -5.88
N GLU C 152 12.64 29.39 -6.06
CA GLU C 152 12.87 30.66 -6.74
C GLU C 152 12.40 30.61 -8.18
N ALA C 153 12.57 29.45 -8.84
CA ALA C 153 12.20 29.34 -10.25
C ALA C 153 10.69 29.30 -10.42
N TRP C 154 9.96 28.74 -9.46
CA TRP C 154 8.50 28.78 -9.51
C TRP C 154 7.99 30.21 -9.53
N PHE C 155 8.48 31.04 -8.61
CA PHE C 155 7.99 32.41 -8.50
C PHE C 155 8.55 33.31 -9.59
N GLU C 156 9.75 33.02 -10.09
CA GLU C 156 10.29 33.76 -11.23
C GLU C 156 9.50 33.52 -12.50
N GLU C 157 9.09 32.28 -12.76
CA GLU C 157 8.29 31.99 -13.94
C GLU C 157 6.90 32.63 -13.84
N LEU C 158 6.28 32.57 -12.66
CA LEU C 158 4.96 33.16 -12.49
C LEU C 158 5.00 34.68 -12.63
N LEU C 159 6.02 35.32 -12.08
CA LEU C 159 6.07 36.77 -12.05
C LEU C 159 6.58 37.35 -13.37
N THR C 160 7.60 36.74 -13.95
CA THR C 160 8.27 37.29 -15.12
C THR C 160 7.98 36.54 -16.41
N GLY C 161 7.79 35.23 -16.36
CA GLY C 161 7.53 34.46 -17.55
C GLY C 161 8.75 33.79 -18.15
N LYS C 162 9.88 33.78 -17.45
CA LYS C 162 11.04 33.05 -17.94
C LYS C 162 10.82 31.55 -17.79
N PRO C 163 10.96 30.77 -18.85
CA PRO C 163 10.84 29.31 -18.73
C PRO C 163 11.84 28.75 -17.72
N SER C 164 11.31 28.09 -16.70
CA SER C 164 12.13 27.49 -15.65
C SER C 164 12.19 25.97 -15.70
N GLY C 165 11.30 25.34 -16.47
CA GLY C 165 11.32 23.90 -16.63
C GLY C 165 10.87 23.10 -15.44
N HIS C 166 10.25 23.72 -14.44
CA HIS C 166 9.88 23.02 -13.23
C HIS C 166 8.39 22.71 -13.20
N PHE C 167 8.05 21.54 -12.69
CA PHE C 167 6.69 21.09 -12.52
C PHE C 167 6.29 21.22 -11.06
N ARG C 168 4.99 21.07 -10.80
CA ARG C 168 4.50 21.20 -9.43
C ARG C 168 4.73 19.91 -8.66
N ARG C 169 4.94 20.05 -7.35
CA ARG C 169 5.10 18.88 -6.49
C ARG C 169 3.81 18.05 -6.49
N GLY C 170 3.97 16.73 -6.47
CA GLY C 170 2.81 15.86 -6.35
C GLY C 170 2.06 16.09 -5.06
N LYS C 171 2.80 16.21 -3.96
CA LYS C 171 2.24 16.51 -2.65
C LYS C 171 2.99 17.69 -2.03
N PRO C 172 2.30 18.56 -1.30
CA PRO C 172 3.01 19.66 -0.62
C PRO C 172 3.98 19.14 0.43
N GLY C 173 5.12 19.82 0.53
CA GLY C 173 6.14 19.42 1.48
C GLY C 173 6.77 18.08 1.22
N GLU C 174 6.77 17.62 -0.03
CA GLU C 174 7.34 16.32 -0.35
C GLU C 174 8.85 16.33 -0.12
N SER C 175 9.50 17.46 -0.41
CA SER C 175 10.92 17.67 -0.13
C SER C 175 11.81 16.56 -0.71
N PRO C 176 11.94 16.48 -2.04
CA PRO C 176 12.69 15.37 -2.65
C PRO C 176 14.17 15.36 -2.30
N TYR C 177 14.74 16.48 -1.86
CA TYR C 177 16.18 16.56 -1.64
C TYR C 177 16.56 16.48 -0.17
N VAL C 178 15.76 17.05 0.73
CA VAL C 178 16.09 17.05 2.15
C VAL C 178 15.41 15.91 2.90
N SER C 179 14.76 14.99 2.18
CA SER C 179 14.01 13.93 2.83
C SER C 179 14.92 13.00 3.62
N LYS C 180 16.12 12.73 3.12
CA LYS C 180 17.04 11.85 3.83
C LYS C 180 17.49 12.44 5.16
N PHE C 181 17.37 13.75 5.33
CA PHE C 181 17.71 14.41 6.58
C PHE C 181 16.53 14.49 7.54
N LEU C 182 15.34 14.08 7.10
CA LEU C 182 14.12 14.18 7.90
C LEU C 182 13.81 12.84 8.56
N LYS C 183 13.04 12.91 9.63
CA LYS C 183 12.67 11.72 10.39
C LYS C 183 11.28 11.23 10.00
N ILE D 14 -5.64 -7.61 -45.04
CA ILE D 14 -4.66 -6.53 -44.85
C ILE D 14 -3.31 -6.82 -45.46
N ASP D 15 -2.81 -5.84 -46.22
CA ASP D 15 -1.42 -5.80 -46.63
C ASP D 15 -0.61 -5.39 -45.40
N VAL D 16 0.23 -6.30 -44.91
CA VAL D 16 0.95 -6.05 -43.67
C VAL D 16 1.97 -4.92 -43.86
N GLU D 17 2.58 -4.82 -45.04
CA GLU D 17 3.51 -3.74 -45.30
C GLU D 17 2.84 -2.37 -45.20
N LYS D 18 1.64 -2.25 -45.75
CA LYS D 18 0.92 -0.97 -45.65
C LYS D 18 0.56 -0.65 -44.22
N LEU D 19 0.17 -1.66 -43.44
CA LEU D 19 -0.12 -1.43 -42.03
C LEU D 19 1.15 -1.17 -41.23
N LEU D 20 2.27 -1.81 -41.61
CA LEU D 20 3.53 -1.53 -40.93
C LEU D 20 3.99 -0.10 -41.16
N GLU D 21 3.77 0.43 -42.36
CA GLU D 21 4.08 1.83 -42.62
C GLU D 21 3.24 2.75 -41.74
N LEU D 22 1.94 2.46 -41.62
CA LEU D 22 1.07 3.31 -40.81
C LEU D 22 1.48 3.30 -39.34
N LEU D 23 1.86 2.13 -38.84
CA LEU D 23 2.25 2.03 -37.43
C LEU D 23 3.61 2.66 -37.16
N ILE D 24 4.55 2.53 -38.11
CA ILE D 24 5.86 3.15 -37.94
C ILE D 24 5.75 4.68 -38.01
N LYS D 25 4.94 5.18 -38.95
CA LYS D 25 4.71 6.62 -39.02
C LYS D 25 3.99 7.12 -37.77
N ALA D 26 3.06 6.32 -37.24
CA ALA D 26 2.37 6.70 -36.02
C ALA D 26 3.32 6.75 -34.82
N ALA D 27 4.23 5.78 -34.73
CA ALA D 27 5.19 5.77 -33.62
C ALA D 27 6.19 6.91 -33.75
N ALA D 28 6.57 7.25 -34.98
CA ALA D 28 7.42 8.41 -35.20
C ALA D 28 6.73 9.69 -34.77
N ALA D 29 5.42 9.79 -35.01
CA ALA D 29 4.66 10.93 -34.53
C ALA D 29 4.67 10.99 -33.00
N GLU D 30 4.48 9.84 -32.35
CA GLU D 30 4.49 9.80 -30.89
C GLU D 30 5.84 10.17 -30.32
N PHE D 31 6.93 9.68 -30.94
CA PHE D 31 8.27 9.93 -30.42
C PHE D 31 8.64 11.41 -30.54
N THR D 32 8.37 12.03 -31.69
CA THR D 32 8.69 13.44 -31.85
C THR D 32 7.78 14.33 -31.01
N THR D 33 6.53 13.91 -30.82
CA THR D 33 5.62 14.66 -29.95
C THR D 33 6.14 14.70 -28.53
N TYR D 34 6.75 13.61 -28.07
CA TYR D 34 7.29 13.56 -26.72
C TYR D 34 8.42 14.56 -26.53
N TYR D 35 9.16 14.86 -27.59
CA TYR D 35 10.21 15.87 -27.53
C TYR D 35 9.63 17.28 -27.67
N TYR D 36 8.72 17.47 -28.62
CA TYR D 36 8.22 18.82 -28.92
C TYR D 36 7.28 19.33 -27.83
N TYR D 37 6.57 18.43 -27.14
CA TYR D 37 5.75 18.85 -26.01
C TYR D 37 6.60 19.25 -24.81
N THR D 38 7.83 18.73 -24.74
CA THR D 38 8.74 19.17 -23.68
C THR D 38 9.05 20.66 -23.84
N ILE D 39 9.31 21.11 -25.06
CA ILE D 39 9.54 22.52 -25.30
C ILE D 39 8.27 23.32 -25.04
N LEU D 40 7.12 22.81 -25.49
CA LEU D 40 5.86 23.54 -25.33
C LEU D 40 5.48 23.68 -23.87
N ARG D 41 5.70 22.63 -23.07
CA ARG D 41 5.45 22.70 -21.63
C ARG D 41 6.25 23.83 -20.99
N ASN D 42 7.53 23.93 -21.35
CA ASN D 42 8.43 24.85 -20.66
C ASN D 42 8.10 26.30 -20.95
N HIS D 43 7.51 26.59 -22.11
CA HIS D 43 7.15 27.94 -22.47
C HIS D 43 5.72 28.31 -22.09
N ALA D 44 5.00 27.41 -21.41
CA ALA D 44 3.68 27.73 -20.86
C ALA D 44 3.87 28.42 -19.52
N THR D 45 4.39 29.64 -19.58
CA THR D 45 4.82 30.39 -18.42
C THR D 45 3.77 31.41 -18.01
N GLY D 46 4.00 32.06 -16.86
CA GLY D 46 3.09 33.04 -16.35
C GLY D 46 1.93 32.43 -15.59
N LEU D 47 0.98 33.29 -15.24
CA LEU D 47 -0.20 32.83 -14.51
C LEU D 47 -1.12 32.02 -15.40
N GLU D 48 -1.27 32.41 -16.67
CA GLU D 48 -2.08 31.64 -17.61
C GLU D 48 -1.46 30.27 -17.86
N GLY D 49 -0.15 30.22 -18.06
CA GLY D 49 0.52 28.97 -18.38
C GLY D 49 0.47 27.92 -17.29
N GLU D 50 0.47 28.34 -16.03
CA GLU D 50 0.46 27.38 -14.93
C GLU D 50 -0.75 26.45 -15.01
N ALA D 51 -1.87 26.96 -15.52
CA ALA D 51 -3.07 26.14 -15.64
C ALA D 51 -2.89 25.01 -16.65
N ILE D 52 -2.19 25.28 -17.76
CA ILE D 52 -2.09 24.30 -18.83
C ILE D 52 -0.84 23.45 -18.77
N LYS D 53 0.07 23.71 -17.82
CA LYS D 53 1.33 22.97 -17.77
C LYS D 53 1.09 21.49 -17.49
N GLU D 54 0.23 21.19 -16.51
CA GLU D 54 -0.05 19.79 -16.21
C GLU D 54 -0.87 19.13 -17.30
N ILE D 55 -1.63 19.90 -18.06
CA ILE D 55 -2.38 19.34 -19.18
C ILE D 55 -1.43 18.93 -20.30
N ILE D 56 -0.45 19.79 -20.60
CA ILE D 56 0.59 19.42 -21.57
C ILE D 56 1.41 18.25 -21.06
N GLU D 57 1.72 18.26 -19.76
CA GLU D 57 2.47 17.15 -19.16
C GLU D 57 1.68 15.85 -19.22
N ASP D 58 0.37 15.91 -19.02
CA ASP D 58 -0.46 14.71 -19.14
C ASP D 58 -0.37 14.12 -20.54
N ALA D 59 -0.47 14.97 -21.56
CA ALA D 59 -0.49 14.48 -22.94
C ALA D 59 0.89 13.98 -23.37
N ARG D 60 1.94 14.67 -22.93
CA ARG D 60 3.29 14.30 -23.37
C ARG D 60 3.70 12.94 -22.83
N LEU D 61 3.35 12.64 -21.58
CA LEU D 61 3.72 11.35 -21.00
C LEU D 61 2.87 10.22 -21.54
N GLU D 62 1.61 10.52 -21.92
CA GLU D 62 0.79 9.50 -22.55
C GLU D 62 1.23 9.24 -23.99
N ASP D 63 1.64 10.29 -24.70
CA ASP D 63 2.17 10.11 -26.05
C ASP D 63 3.47 9.32 -26.03
N ARG D 64 4.24 9.43 -24.95
CA ARG D 64 5.41 8.59 -24.78
C ARG D 64 5.01 7.14 -24.53
N ASN D 65 3.90 6.93 -23.82
CA ASN D 65 3.38 5.58 -23.62
C ASN D 65 2.84 4.99 -24.92
N HIS D 66 2.32 5.84 -25.81
CA HIS D 66 1.82 5.35 -27.10
C HIS D 66 2.96 4.81 -27.95
N PHE D 67 4.13 5.47 -27.89
CA PHE D 67 5.31 4.94 -28.55
C PHE D 67 5.74 3.61 -27.92
N GLU D 68 5.64 3.51 -26.60
CA GLU D 68 6.00 2.27 -25.90
C GLU D 68 5.07 1.11 -26.21
N ALA D 69 3.83 1.40 -26.63
CA ALA D 69 2.89 0.33 -26.96
C ALA D 69 2.88 0.00 -28.44
N LEU D 70 3.23 0.97 -29.30
CA LEU D 70 3.23 0.72 -30.73
C LEU D 70 4.41 -0.12 -31.17
N VAL D 71 5.57 0.09 -30.54
CA VAL D 71 6.80 -0.60 -30.97
C VAL D 71 6.69 -2.11 -30.83
N PRO D 72 6.19 -2.67 -29.71
CA PRO D 72 6.04 -4.14 -29.66
C PRO D 72 5.18 -4.70 -30.78
N ARG D 73 4.10 -4.00 -31.16
CA ARG D 73 3.24 -4.49 -32.22
C ARG D 73 3.94 -4.49 -33.57
N ILE D 74 4.82 -3.52 -33.81
CA ILE D 74 5.55 -3.45 -35.07
C ILE D 74 6.44 -4.69 -35.22
N TYR D 75 7.06 -5.12 -34.13
CA TYR D 75 7.97 -6.26 -34.18
C TYR D 75 7.22 -7.59 -34.23
N GLU D 76 6.03 -7.68 -33.61
CA GLU D 76 5.20 -8.86 -33.80
C GLU D 76 4.82 -9.04 -35.26
N LEU D 77 4.56 -7.95 -35.96
CA LEU D 77 4.09 -8.01 -37.35
C LEU D 77 5.22 -8.20 -38.35
N GLY D 78 6.46 -8.28 -37.89
CA GLY D 78 7.59 -8.42 -38.78
C GLY D 78 8.25 -7.12 -39.20
N GLY D 79 7.86 -5.99 -38.61
CA GLY D 79 8.48 -4.72 -38.90
C GLY D 79 9.58 -4.38 -37.91
N GLU D 80 10.32 -3.33 -38.24
CA GLU D 80 11.41 -2.88 -37.40
C GLU D 80 11.45 -1.35 -37.40
N LEU D 81 11.93 -0.80 -36.30
CA LEU D 81 12.23 0.62 -36.26
C LEU D 81 13.38 0.93 -37.21
N PRO D 82 13.37 2.10 -37.84
CA PRO D 82 14.48 2.45 -38.74
C PRO D 82 15.80 2.56 -37.99
N ARG D 83 16.89 2.27 -38.71
CA ARG D 83 18.21 2.20 -38.08
C ARG D 83 18.61 3.54 -37.50
N ASP D 84 18.35 4.62 -38.21
CA ASP D 84 18.78 5.96 -37.82
C ASP D 84 17.60 6.74 -37.26
N ILE D 85 17.85 7.46 -36.15
CA ILE D 85 16.78 8.24 -35.52
C ILE D 85 16.39 9.44 -36.38
N ARG D 86 17.30 9.93 -37.21
CA ARG D 86 16.95 10.98 -38.17
C ARG D 86 15.90 10.48 -39.16
N GLU D 87 16.06 9.24 -39.63
CA GLU D 87 15.06 8.64 -40.51
C GLU D 87 13.74 8.42 -39.80
N PHE D 88 13.78 8.10 -38.50
CA PHE D 88 12.56 7.97 -37.73
C PHE D 88 11.81 9.29 -37.64
N ALA D 89 12.53 10.39 -37.41
CA ALA D 89 11.88 11.69 -37.32
C ALA D 89 11.23 12.08 -38.64
N ASP D 90 11.90 11.80 -39.75
CA ASP D 90 11.35 12.15 -41.06
C ASP D 90 10.07 11.40 -41.39
N LEU D 91 9.77 10.33 -40.67
CA LEU D 91 8.64 9.46 -40.97
C LEU D 91 7.39 9.80 -40.17
N ALA D 92 7.43 10.85 -39.35
CA ALA D 92 6.31 11.17 -38.49
C ALA D 92 5.06 11.50 -39.30
N SER D 93 3.93 10.93 -38.88
CA SER D 93 2.68 11.14 -39.60
C SER D 93 2.13 12.54 -39.41
N CYS D 94 2.64 13.24 -38.40
CA CYS D 94 2.23 14.65 -38.12
CA CYS D 94 2.24 14.66 -38.15
C CYS D 94 3.38 15.70 -38.16
N ARG D 95 3.04 16.89 -38.68
CA ARG D 95 4.01 17.95 -38.74
C ARG D 95 4.56 18.24 -37.33
N ASP D 96 5.81 18.69 -37.29
CA ASP D 96 6.45 18.93 -36.00
C ASP D 96 5.71 20.02 -35.23
N ALA D 97 5.43 19.74 -33.96
CA ALA D 97 4.80 20.72 -33.08
C ALA D 97 5.85 21.73 -32.61
N TYR D 98 6.29 22.53 -33.58
CA TYR D 98 7.30 23.55 -33.32
C TYR D 98 6.74 24.63 -32.40
N LEU D 99 7.63 25.23 -31.62
CA LEU D 99 7.23 26.37 -30.80
C LEU D 99 6.89 27.55 -31.70
N PRO D 100 5.80 28.25 -31.42
CA PRO D 100 5.42 29.39 -32.26
C PRO D 100 6.46 30.51 -32.22
N GLU D 101 6.50 31.29 -33.29
CA GLU D 101 7.41 32.43 -33.34
C GLU D 101 7.10 33.42 -32.23
N GLU D 102 5.82 33.62 -31.91
CA GLU D 102 5.41 34.33 -30.71
C GLU D 102 4.77 33.33 -29.77
N PRO D 103 5.50 32.85 -28.75
CA PRO D 103 5.01 31.78 -27.88
C PRO D 103 4.03 32.26 -26.79
N THR D 104 2.91 32.84 -27.24
CA THR D 104 1.82 33.13 -26.32
C THR D 104 1.10 31.84 -25.95
N ILE D 105 0.27 31.92 -24.91
CA ILE D 105 -0.47 30.75 -24.47
C ILE D 105 -1.47 30.29 -25.54
N GLU D 106 -2.14 31.24 -26.18
CA GLU D 106 -3.12 30.86 -27.21
C GLU D 106 -2.44 30.32 -28.47
N ASN D 107 -1.26 30.84 -28.80
CA ASN D 107 -0.52 30.32 -29.95
C ASN D 107 0.02 28.92 -29.67
N ILE D 108 0.47 28.68 -28.44
CA ILE D 108 0.91 27.34 -28.06
C ILE D 108 -0.26 26.37 -28.07
N LEU D 109 -1.43 26.82 -27.60
CA LEU D 109 -2.61 25.97 -27.60
C LEU D 109 -3.03 25.62 -29.02
N LYS D 110 -2.86 26.54 -29.97
CA LYS D 110 -3.15 26.25 -31.36
C LYS D 110 -2.25 25.14 -31.88
N VAL D 111 -0.97 25.18 -31.52
CA VAL D 111 -0.03 24.14 -31.96
C VAL D 111 -0.41 22.80 -31.36
N LEU D 112 -0.78 22.77 -30.07
CA LEU D 112 -1.20 21.53 -29.45
C LEU D 112 -2.49 21.00 -30.06
N LEU D 113 -3.41 21.90 -30.42
CA LEU D 113 -4.67 21.45 -31.01
C LEU D 113 -4.45 20.78 -32.35
N GLU D 114 -3.60 21.37 -33.21
CA GLU D 114 -3.33 20.75 -34.50
C GLU D 114 -2.56 19.44 -34.35
N ALA D 115 -1.72 19.33 -33.32
CA ALA D 115 -0.97 18.11 -33.10
C ALA D 115 -1.89 16.95 -32.74
N GLU D 116 -2.90 17.21 -31.92
CA GLU D 116 -3.80 16.16 -31.46
C GLU D 116 -4.93 15.87 -32.43
N ARG D 117 -5.32 16.84 -33.26
CA ARG D 117 -6.27 16.56 -34.33
C ARG D 117 -5.67 15.64 -35.37
N CYS D 118 -4.40 15.85 -35.66
CA CYS D 118 -3.71 14.91 -36.60
CA CYS D 118 -3.68 14.91 -36.58
C CYS D 118 -3.56 13.47 -36.02
N ALA D 119 -3.33 13.42 -34.71
CA ALA D 119 -3.21 12.11 -34.06
C ALA D 119 -4.53 11.36 -34.08
N VAL D 120 -5.64 12.07 -33.87
CA VAL D 120 -6.95 11.44 -33.99
C VAL D 120 -7.16 10.94 -35.42
N GLY D 121 -6.68 11.70 -36.40
CA GLY D 121 -6.84 11.28 -37.78
C GLY D 121 -6.05 10.03 -38.14
N VAL D 122 -4.82 9.93 -37.65
CA VAL D 122 -3.97 8.80 -38.04
C VAL D 122 -4.46 7.51 -37.38
N TYR D 123 -4.93 7.59 -36.14
CA TYR D 123 -5.41 6.39 -35.47
C TYR D 123 -6.82 6.02 -35.91
N THR D 124 -7.57 6.97 -36.47
CA THR D 124 -8.82 6.64 -37.13
C THR D 124 -8.55 5.93 -38.46
N GLU D 125 -7.46 6.31 -39.12
CA GLU D 125 -7.06 5.63 -40.36
C GLU D 125 -6.65 4.19 -40.09
N ILE D 126 -5.95 3.94 -38.98
CA ILE D 126 -5.52 2.58 -38.66
C ILE D 126 -6.71 1.72 -38.23
N CYS D 127 -7.62 2.30 -37.43
CA CYS D 127 -8.83 1.56 -37.04
C CYS D 127 -9.70 1.26 -38.25
N ASN D 128 -9.87 2.21 -39.16
CA ASN D 128 -10.66 1.98 -40.35
C ASN D 128 -10.03 0.96 -41.29
N TYR D 129 -8.75 0.66 -41.11
CA TYR D 129 -8.02 -0.27 -41.98
C TYR D 129 -7.92 -1.66 -41.39
N THR D 130 -7.91 -1.78 -40.07
CA THR D 130 -7.79 -3.05 -39.38
C THR D 130 -9.10 -3.52 -38.77
N PHE D 131 -10.23 -2.95 -39.18
CA PHE D 131 -11.52 -3.28 -38.59
C PHE D 131 -11.99 -4.62 -39.14
N GLY D 132 -12.03 -5.63 -38.28
CA GLY D 132 -12.47 -6.95 -38.67
C GLY D 132 -11.44 -7.80 -39.37
N LYS D 133 -10.19 -7.36 -39.43
CA LYS D 133 -9.14 -8.11 -40.11
C LYS D 133 -7.93 -8.41 -39.23
N ASP D 134 -7.45 -7.42 -38.47
CA ASP D 134 -6.40 -7.63 -37.47
C ASP D 134 -6.92 -7.13 -36.13
N PRO D 135 -7.55 -8.01 -35.36
CA PRO D 135 -8.16 -7.57 -34.09
C PRO D 135 -7.18 -6.99 -33.08
N ARG D 136 -5.94 -7.48 -33.02
CA ARG D 136 -4.98 -6.91 -32.08
C ARG D 136 -4.57 -5.50 -32.48
N THR D 137 -4.28 -5.28 -33.76
CA THR D 137 -3.91 -3.95 -34.21
C THR D 137 -5.07 -2.97 -34.04
N TYR D 138 -6.30 -3.43 -34.27
CA TYR D 138 -7.46 -2.57 -34.05
C TYR D 138 -7.57 -2.18 -32.58
N ASP D 139 -7.37 -3.14 -31.68
CA ASP D 139 -7.54 -2.87 -30.25
C ASP D 139 -6.47 -1.93 -29.72
N LEU D 140 -5.24 -2.05 -30.22
CA LEU D 140 -4.19 -1.10 -29.83
C LEU D 140 -4.47 0.29 -30.37
N ALA D 141 -4.87 0.39 -31.64
CA ALA D 141 -5.18 1.69 -32.21
C ALA D 141 -6.39 2.33 -31.53
N LEU D 142 -7.38 1.52 -31.15
CA LEU D 142 -8.52 2.03 -30.42
C LEU D 142 -8.11 2.56 -29.05
N ALA D 143 -7.24 1.85 -28.35
CA ALA D 143 -6.81 2.30 -27.02
C ALA D 143 -6.09 3.64 -27.11
N ILE D 144 -5.25 3.82 -28.13
CA ILE D 144 -4.58 5.10 -28.31
C ILE D 144 -5.58 6.15 -28.77
N LEU D 145 -6.49 5.78 -29.67
CA LEU D 145 -7.49 6.72 -30.15
C LEU D 145 -8.37 7.25 -29.02
N HIS D 146 -8.61 6.44 -28.00
CA HIS D 146 -9.32 6.93 -26.82
C HIS D 146 -8.58 8.09 -26.18
N GLU D 147 -7.26 7.98 -26.06
CA GLU D 147 -6.47 8.97 -25.37
C GLU D 147 -6.20 10.19 -26.24
N GLU D 148 -6.06 9.97 -27.56
CA GLU D 148 -5.89 11.10 -28.47
C GLU D 148 -7.14 11.96 -28.53
N ILE D 149 -8.32 11.33 -28.50
CA ILE D 149 -9.57 12.07 -28.49
C ILE D 149 -9.68 12.90 -27.21
N GLU D 150 -9.26 12.33 -26.08
CA GLU D 150 -9.29 13.07 -24.82
C GLU D 150 -8.26 14.19 -24.82
N HIS D 151 -7.08 13.96 -25.42
CA HIS D 151 -6.10 15.04 -25.53
C HIS D 151 -6.63 16.18 -26.37
N GLU D 152 -7.29 15.87 -27.49
CA GLU D 152 -7.82 16.91 -28.35
C GLU D 152 -8.88 17.74 -27.63
N ALA D 153 -9.70 17.10 -26.80
CA ALA D 153 -10.77 17.80 -26.13
C ALA D 153 -10.25 18.72 -25.03
N TRP D 154 -9.12 18.36 -24.40
CA TRP D 154 -8.50 19.24 -23.43
C TRP D 154 -8.11 20.57 -24.07
N PHE D 155 -7.39 20.51 -25.18
CA PHE D 155 -6.89 21.72 -25.83
C PHE D 155 -7.97 22.47 -26.58
N GLU D 156 -9.00 21.78 -27.07
CA GLU D 156 -10.14 22.45 -27.68
C GLU D 156 -10.94 23.25 -26.66
N GLU D 157 -11.13 22.71 -25.45
CA GLU D 157 -11.83 23.44 -24.40
C GLU D 157 -11.03 24.66 -23.94
N LEU D 158 -9.71 24.51 -23.81
CA LEU D 158 -8.88 25.61 -23.36
C LEU D 158 -8.81 26.73 -24.39
N LEU D 159 -8.73 26.36 -25.67
CA LEU D 159 -8.54 27.36 -26.72
C LEU D 159 -9.86 28.00 -27.14
N THR D 160 -10.93 27.21 -27.18
CA THR D 160 -12.21 27.67 -27.72
C THR D 160 -13.31 27.80 -26.68
N GLY D 161 -13.26 27.01 -25.62
CA GLY D 161 -14.30 27.05 -24.60
C GLY D 161 -15.49 26.16 -24.86
N LYS D 162 -15.38 25.22 -25.78
CA LYS D 162 -16.47 24.27 -25.98
C LYS D 162 -16.46 23.23 -24.86
N PRO D 163 -17.58 23.04 -24.15
CA PRO D 163 -17.63 22.02 -23.09
C PRO D 163 -17.28 20.64 -23.63
N SER D 164 -16.24 20.04 -23.05
CA SER D 164 -15.77 18.73 -23.46
C SER D 164 -16.02 17.64 -22.42
N GLY D 165 -16.31 18.01 -21.18
CA GLY D 165 -16.64 17.06 -20.14
C GLY D 165 -15.49 16.26 -19.60
N HIS D 166 -14.25 16.63 -19.90
CA HIS D 166 -13.09 15.87 -19.47
C HIS D 166 -12.42 16.51 -18.28
N PHE D 167 -12.01 15.68 -17.33
CA PHE D 167 -11.30 16.10 -16.14
C PHE D 167 -9.81 15.82 -16.31
N ARG D 168 -9.01 16.40 -15.42
CA ARG D 168 -7.58 16.21 -15.49
C ARG D 168 -7.20 14.84 -14.93
N ARG D 169 -6.11 14.28 -15.47
CA ARG D 169 -5.59 13.01 -14.96
C ARG D 169 -5.13 13.18 -13.52
N GLY D 170 -5.31 12.13 -12.73
CA GLY D 170 -4.79 12.14 -11.37
C GLY D 170 -3.27 12.19 -11.36
N LYS D 171 -2.63 11.41 -12.23
CA LYS D 171 -1.19 11.39 -12.39
C LYS D 171 -0.84 11.55 -13.86
N PRO D 172 0.25 12.26 -14.17
CA PRO D 172 0.68 12.37 -15.57
C PRO D 172 1.06 11.01 -16.14
N GLY D 173 0.70 10.80 -17.40
CA GLY D 173 1.01 9.55 -18.06
C GLY D 173 0.30 8.34 -17.49
N GLU D 174 -0.85 8.54 -16.85
CA GLU D 174 -1.57 7.43 -16.25
C GLU D 174 -2.06 6.47 -17.33
N SER D 175 -2.43 7.00 -18.49
CA SER D 175 -2.81 6.21 -19.65
C SER D 175 -3.88 5.15 -19.33
N PRO D 176 -5.11 5.58 -19.05
CA PRO D 176 -6.13 4.61 -18.62
C PRO D 176 -6.50 3.59 -19.68
N TYR D 177 -6.25 3.88 -20.96
CA TYR D 177 -6.69 3.01 -22.04
C TYR D 177 -5.59 2.13 -22.61
N VAL D 178 -4.35 2.62 -22.70
CA VAL D 178 -3.25 1.84 -23.26
C VAL D 178 -2.44 1.13 -22.18
N SER D 179 -2.91 1.14 -20.93
CA SER D 179 -2.15 0.56 -19.83
C SER D 179 -1.97 -0.94 -20.02
N LYS D 180 -3.00 -1.64 -20.50
CA LYS D 180 -2.91 -3.08 -20.70
C LYS D 180 -1.87 -3.45 -21.75
N PHE D 181 -1.52 -2.52 -22.63
CA PHE D 181 -0.47 -2.75 -23.62
C PHE D 181 0.92 -2.38 -23.12
N LEU D 182 1.03 -1.86 -21.89
CA LEU D 182 2.29 -1.41 -21.33
C LEU D 182 2.84 -2.46 -20.37
N LYS D 183 4.14 -2.35 -20.10
CA LYS D 183 4.83 -3.28 -19.22
C LYS D 183 5.07 -2.66 -17.85
N ILE E 14 -25.68 -15.62 -34.83
CA ILE E 14 -24.93 -16.71 -34.23
C ILE E 14 -25.79 -17.84 -33.71
N ASP E 15 -25.45 -19.05 -34.13
CA ASP E 15 -25.96 -20.27 -33.51
C ASP E 15 -25.24 -20.43 -32.17
N VAL E 16 -26.00 -20.35 -31.08
CA VAL E 16 -25.39 -20.37 -29.75
C VAL E 16 -24.77 -21.74 -29.46
N GLU E 17 -25.39 -22.81 -29.95
CA GLU E 17 -24.84 -24.14 -29.75
C GLU E 17 -23.46 -24.28 -30.38
N LYS E 18 -23.28 -23.75 -31.60
CA LYS E 18 -21.98 -23.82 -32.24
C LYS E 18 -20.95 -22.98 -31.49
N LEU E 19 -21.37 -21.82 -30.97
CA LEU E 19 -20.45 -21.00 -30.18
C LEU E 19 -20.16 -21.62 -28.82
N LEU E 20 -21.14 -22.30 -28.23
CA LEU E 20 -20.91 -22.96 -26.95
C LEU E 20 -19.89 -24.09 -27.09
N GLU E 21 -19.94 -24.82 -28.21
CA GLU E 21 -18.94 -25.85 -28.46
C GLU E 21 -17.54 -25.26 -28.56
N LEU E 22 -17.40 -24.13 -29.28
CA LEU E 22 -16.09 -23.52 -29.44
C LEU E 22 -15.51 -23.06 -28.11
N LEU E 23 -16.35 -22.46 -27.26
CA LEU E 23 -15.87 -21.94 -25.99
C LEU E 23 -15.56 -23.06 -25.01
N ILE E 24 -16.31 -24.15 -25.04
CA ILE E 24 -16.02 -25.28 -24.16
C ILE E 24 -14.73 -25.96 -24.59
N LYS E 25 -14.53 -26.15 -25.89
CA LYS E 25 -13.28 -26.72 -26.38
C LYS E 25 -12.10 -25.81 -26.07
N ALA E 26 -12.30 -24.50 -26.17
CA ALA E 26 -11.25 -23.55 -25.80
C ALA E 26 -10.92 -23.61 -24.32
N ALA E 27 -11.95 -23.73 -23.47
CA ALA E 27 -11.71 -23.85 -22.03
C ALA E 27 -11.01 -25.16 -21.69
N ALA E 28 -11.37 -26.23 -22.41
CA ALA E 28 -10.67 -27.50 -22.21
C ALA E 28 -9.21 -27.38 -22.59
N ALA E 29 -8.91 -26.63 -23.66
CA ALA E 29 -7.53 -26.40 -24.04
C ALA E 29 -6.77 -25.64 -22.96
N GLU E 30 -7.41 -24.62 -22.37
CA GLU E 30 -6.76 -23.84 -21.31
C GLU E 30 -6.53 -24.69 -20.06
N PHE E 31 -7.50 -25.53 -19.70
CA PHE E 31 -7.39 -26.33 -18.49
C PHE E 31 -6.29 -27.38 -18.61
N THR E 32 -6.23 -28.09 -19.74
CA THR E 32 -5.17 -29.08 -19.93
C THR E 32 -3.81 -28.41 -20.07
N THR E 33 -3.75 -27.23 -20.69
CA THR E 33 -2.49 -26.49 -20.79
C THR E 33 -1.96 -26.15 -19.41
N TYR E 34 -2.84 -25.82 -18.48
CA TYR E 34 -2.42 -25.48 -17.13
C TYR E 34 -1.75 -26.67 -16.43
N TYR E 35 -2.11 -27.90 -16.83
CA TYR E 35 -1.47 -29.07 -16.27
C TYR E 35 -0.20 -29.42 -17.04
N TYR E 36 -0.26 -29.38 -18.38
CA TYR E 36 0.88 -29.80 -19.18
C TYR E 36 2.04 -28.82 -19.11
N TYR E 37 1.76 -27.54 -18.93
CA TYR E 37 2.84 -26.57 -18.74
C TYR E 37 3.51 -26.75 -17.38
N THR E 38 2.80 -27.31 -16.40
CA THR E 38 3.42 -27.62 -15.12
C THR E 38 4.54 -28.65 -15.31
N ILE E 39 4.30 -29.68 -16.12
CA ILE E 39 5.33 -30.66 -16.41
C ILE E 39 6.46 -30.01 -17.22
N LEU E 40 6.09 -29.19 -18.21
CA LEU E 40 7.11 -28.56 -19.06
C LEU E 40 7.99 -27.61 -18.27
N ARG E 41 7.41 -26.84 -17.34
CA ARG E 41 8.20 -25.98 -16.49
C ARG E 41 9.24 -26.77 -15.70
N ASN E 42 8.85 -27.92 -15.15
CA ASN E 42 9.72 -28.66 -14.25
C ASN E 42 10.92 -29.26 -14.98
N HIS E 43 10.79 -29.53 -16.28
CA HIS E 43 11.87 -30.10 -17.06
C HIS E 43 12.70 -29.05 -17.79
N ALA E 44 12.43 -27.76 -17.57
CA ALA E 44 13.26 -26.68 -18.11
C ALA E 44 14.42 -26.44 -17.15
N THR E 45 15.31 -27.43 -17.09
CA THR E 45 16.37 -27.48 -16.10
C THR E 45 17.69 -27.01 -16.70
N GLY E 46 18.71 -26.91 -15.85
CA GLY E 46 20.01 -26.47 -16.28
C GLY E 46 20.12 -24.96 -16.39
N LEU E 47 21.25 -24.51 -16.94
CA LEU E 47 21.49 -23.08 -17.11
C LEU E 47 20.60 -22.51 -18.22
N GLU E 48 20.40 -23.27 -19.30
CA GLU E 48 19.52 -22.80 -20.38
C GLU E 48 18.07 -22.71 -19.91
N GLY E 49 17.61 -23.70 -19.15
CA GLY E 49 16.22 -23.75 -18.75
C GLY E 49 15.81 -22.74 -17.71
N GLU E 50 16.77 -22.22 -16.93
CA GLU E 50 16.45 -21.23 -15.92
C GLU E 50 15.91 -19.95 -16.55
N ALA E 51 16.39 -19.61 -17.75
CA ALA E 51 15.90 -18.40 -18.42
C ALA E 51 14.46 -18.54 -18.87
N ILE E 52 14.05 -19.74 -19.29
CA ILE E 52 12.71 -19.93 -19.82
C ILE E 52 11.70 -20.38 -18.78
N LYS E 53 12.13 -20.65 -17.54
CA LYS E 53 11.21 -21.16 -16.52
C LYS E 53 10.12 -20.14 -16.21
N GLU E 54 10.50 -18.88 -16.03
CA GLU E 54 9.50 -17.86 -15.70
C GLU E 54 8.63 -17.51 -16.91
N ILE E 55 9.15 -17.70 -18.12
CA ILE E 55 8.34 -17.46 -19.30
C ILE E 55 7.26 -18.54 -19.43
N ILE E 56 7.61 -19.79 -19.15
CA ILE E 56 6.61 -20.85 -19.09
C ILE E 56 5.63 -20.60 -17.95
N GLU E 57 6.15 -20.15 -16.80
CA GLU E 57 5.30 -19.85 -15.66
C GLU E 57 4.35 -18.70 -15.95
N ASP E 58 4.82 -17.68 -16.69
CA ASP E 58 3.95 -16.59 -17.09
C ASP E 58 2.79 -17.10 -17.94
N ALA E 59 3.10 -17.97 -18.91
CA ALA E 59 2.07 -18.46 -19.82
C ALA E 59 1.11 -19.40 -19.10
N ARG E 60 1.63 -20.26 -18.23
CA ARG E 60 0.78 -21.26 -17.58
C ARG E 60 -0.24 -20.61 -16.64
N LEU E 61 0.19 -19.60 -15.88
CA LEU E 61 -0.72 -18.95 -14.95
C LEU E 61 -1.74 -18.08 -15.67
N GLU E 62 -1.37 -17.53 -16.83
CA GLU E 62 -2.35 -16.78 -17.63
C GLU E 62 -3.32 -17.72 -18.33
N ASP E 63 -2.84 -18.88 -18.77
CA ASP E 63 -3.74 -19.87 -19.36
C ASP E 63 -4.74 -20.39 -18.34
N ARG E 64 -4.33 -20.44 -17.07
CA ARG E 64 -5.28 -20.76 -15.99
C ARG E 64 -6.30 -19.65 -15.83
N ASN E 65 -5.88 -18.39 -15.97
CA ASN E 65 -6.81 -17.28 -15.91
C ASN E 65 -7.77 -17.30 -17.10
N HIS E 66 -7.32 -17.78 -18.26
CA HIS E 66 -8.20 -17.87 -19.42
C HIS E 66 -9.33 -18.86 -19.18
N PHE E 67 -9.03 -19.98 -18.52
CA PHE E 67 -10.09 -20.91 -18.13
C PHE E 67 -11.06 -20.28 -17.15
N GLU E 68 -10.55 -19.47 -16.22
CA GLU E 68 -11.39 -18.81 -15.24
C GLU E 68 -12.27 -17.73 -15.86
N ALA E 69 -11.90 -17.21 -17.02
CA ALA E 69 -12.70 -16.19 -17.69
C ALA E 69 -13.68 -16.79 -18.69
N LEU E 70 -13.35 -17.95 -19.27
CA LEU E 70 -14.23 -18.57 -20.25
C LEU E 70 -15.43 -19.23 -19.60
N VAL E 71 -15.26 -19.81 -18.41
CA VAL E 71 -16.33 -20.57 -17.78
C VAL E 71 -17.54 -19.69 -17.45
N PRO E 72 -17.39 -18.50 -16.86
CA PRO E 72 -18.58 -17.66 -16.63
C PRO E 72 -19.36 -17.36 -17.89
N ARG E 73 -18.67 -17.13 -19.02
CA ARG E 73 -19.36 -16.84 -20.26
C ARG E 73 -20.15 -18.04 -20.77
N ILE E 74 -19.64 -19.24 -20.54
CA ILE E 74 -20.34 -20.45 -20.97
C ILE E 74 -21.68 -20.58 -20.26
N TYR E 75 -21.72 -20.25 -18.97
CA TYR E 75 -22.95 -20.37 -18.20
C TYR E 75 -23.92 -19.24 -18.47
N GLU E 76 -23.43 -18.04 -18.81
CA GLU E 76 -24.34 -16.99 -19.25
C GLU E 76 -25.06 -17.37 -20.53
N LEU E 77 -24.41 -18.11 -21.41
CA LEU E 77 -24.96 -18.46 -22.71
C LEU E 77 -25.85 -19.70 -22.66
N GLY E 78 -26.03 -20.30 -21.49
CA GLY E 78 -26.83 -21.50 -21.36
C GLY E 78 -26.06 -22.79 -21.46
N GLY E 79 -24.74 -22.74 -21.54
CA GLY E 79 -23.92 -23.93 -21.59
C GLY E 79 -23.43 -24.36 -20.21
N GLU E 80 -22.87 -25.55 -20.16
CA GLU E 80 -22.35 -26.10 -18.93
C GLU E 80 -21.06 -26.88 -19.20
N LEU E 81 -20.19 -26.91 -18.21
CA LEU E 81 -19.01 -27.76 -18.27
C LEU E 81 -19.46 -29.22 -18.26
N PRO E 82 -18.73 -30.10 -18.94
CA PRO E 82 -19.10 -31.51 -18.92
C PRO E 82 -19.02 -32.11 -17.52
N ARG E 83 -19.87 -33.10 -17.27
CA ARG E 83 -19.99 -33.68 -15.93
C ARG E 83 -18.67 -34.30 -15.49
N ASP E 84 -18.00 -35.01 -16.38
CA ASP E 84 -16.78 -35.73 -16.07
C ASP E 84 -15.57 -34.98 -16.60
N ILE E 85 -14.50 -34.97 -15.80
CA ILE E 85 -13.28 -34.26 -16.19
C ILE E 85 -12.55 -34.98 -17.32
N ARG E 86 -12.76 -36.30 -17.44
CA ARG E 86 -12.19 -37.04 -18.56
C ARG E 86 -12.82 -36.56 -19.88
N GLU E 87 -14.13 -36.32 -19.86
CA GLU E 87 -14.81 -35.78 -21.05
C GLU E 87 -14.35 -34.37 -21.36
N PHE E 88 -14.03 -33.59 -20.32
CA PHE E 88 -13.48 -32.25 -20.54
C PHE E 88 -12.12 -32.32 -21.23
N ALA E 89 -11.27 -33.26 -20.82
CA ALA E 89 -9.96 -33.39 -21.43
C ALA E 89 -10.07 -33.79 -22.90
N ASP E 90 -11.00 -34.69 -23.23
CA ASP E 90 -11.17 -35.12 -24.60
C ASP E 90 -11.66 -34.02 -25.53
N LEU E 91 -12.17 -32.92 -24.98
CA LEU E 91 -12.75 -31.85 -25.77
C LEU E 91 -11.76 -30.73 -26.08
N ALA E 92 -10.50 -30.86 -25.67
CA ALA E 92 -9.53 -29.79 -25.87
C ALA E 92 -9.36 -29.49 -27.35
N SER E 93 -9.39 -28.20 -27.68
CA SER E 93 -9.26 -27.78 -29.08
C SER E 93 -7.83 -27.97 -29.61
N CYS E 94 -6.90 -28.19 -28.69
CA CYS E 94 -5.49 -28.44 -29.06
CA CYS E 94 -5.47 -28.43 -29.07
C CYS E 94 -4.90 -29.80 -28.58
N ARG E 95 -3.98 -30.31 -29.38
CA ARG E 95 -3.29 -31.53 -29.00
C ARG E 95 -2.54 -31.30 -27.68
N ASP E 96 -2.43 -32.36 -26.89
CA ASP E 96 -1.81 -32.24 -25.57
C ASP E 96 -0.34 -31.84 -25.71
N ALA E 97 0.07 -30.85 -24.91
CA ALA E 97 1.46 -30.42 -24.86
C ALA E 97 2.26 -31.42 -24.02
N TYR E 98 2.40 -32.62 -24.59
CA TYR E 98 3.13 -33.69 -23.93
C TYR E 98 4.62 -33.34 -23.84
N LEU E 99 5.27 -33.87 -22.81
CA LEU E 99 6.71 -33.70 -22.70
C LEU E 99 7.40 -34.49 -23.81
N PRO E 100 8.39 -33.89 -24.47
CA PRO E 100 9.07 -34.59 -25.57
C PRO E 100 9.81 -35.83 -25.09
N GLU E 101 9.98 -36.78 -26.02
CA GLU E 101 10.72 -38.00 -25.68
C GLU E 101 12.13 -37.68 -25.24
N GLU E 102 12.76 -36.67 -25.84
CA GLU E 102 14.02 -36.12 -25.38
C GLU E 102 13.75 -34.70 -24.90
N PRO E 103 13.62 -34.47 -23.58
CA PRO E 103 13.22 -33.16 -23.07
C PRO E 103 14.35 -32.13 -23.05
N THR E 104 14.95 -31.88 -24.21
CA THR E 104 15.88 -30.78 -24.35
C THR E 104 15.11 -29.46 -24.36
N ILE E 105 15.85 -28.36 -24.15
CA ILE E 105 15.23 -27.05 -24.09
C ILE E 105 14.60 -26.68 -25.43
N GLU E 106 15.28 -26.98 -26.54
CA GLU E 106 14.74 -26.65 -27.84
C GLU E 106 13.54 -27.51 -28.19
N ASN E 107 13.53 -28.77 -27.74
CA ASN E 107 12.39 -29.64 -28.00
C ASN E 107 11.18 -29.23 -27.17
N ILE E 108 11.42 -28.81 -25.92
CA ILE E 108 10.34 -28.28 -25.10
C ILE E 108 9.79 -27.00 -25.69
N LEU E 109 10.68 -26.13 -26.19
CA LEU E 109 10.25 -24.88 -26.81
C LEU E 109 9.39 -25.14 -28.04
N LYS E 110 9.72 -26.19 -28.80
CA LYS E 110 8.91 -26.57 -29.95
C LYS E 110 7.49 -26.93 -29.52
N VAL E 111 7.37 -27.67 -28.41
CA VAL E 111 6.05 -28.07 -27.91
C VAL E 111 5.27 -26.84 -27.46
N LEU E 112 5.94 -25.91 -26.77
CA LEU E 112 5.26 -24.69 -26.32
C LEU E 112 4.84 -23.83 -27.50
N LEU E 113 5.65 -23.80 -28.56
CA LEU E 113 5.30 -22.99 -29.72
C LEU E 113 4.06 -23.52 -30.43
N GLU E 114 3.97 -24.84 -30.61
CA GLU E 114 2.79 -25.39 -31.26
C GLU E 114 1.55 -25.25 -30.39
N ALA E 115 1.72 -25.29 -29.07
CA ALA E 115 0.57 -25.13 -28.17
C ALA E 115 0.00 -23.72 -28.28
N GLU E 116 0.85 -22.71 -28.38
CA GLU E 116 0.39 -21.33 -28.43
C GLU E 116 -0.03 -20.89 -29.82
N ARG E 117 0.50 -21.51 -30.87
CA ARG E 117 -0.01 -21.26 -32.22
C ARG E 117 -1.42 -21.78 -32.39
N CYS E 118 -1.70 -22.94 -31.79
CA CYS E 118 -3.09 -23.49 -31.81
CA CYS E 118 -3.09 -23.49 -31.81
C CYS E 118 -4.09 -22.59 -31.04
N ALA E 119 -3.60 -22.06 -29.92
CA ALA E 119 -4.44 -21.18 -29.12
C ALA E 119 -4.76 -19.88 -29.85
N VAL E 120 -3.78 -19.34 -30.58
CA VAL E 120 -4.05 -18.17 -31.42
C VAL E 120 -5.08 -18.51 -32.48
N GLY E 121 -5.01 -19.72 -33.04
CA GLY E 121 -5.95 -20.11 -34.07
C GLY E 121 -7.37 -20.27 -33.56
N VAL E 122 -7.54 -20.83 -32.36
CA VAL E 122 -8.89 -21.10 -31.86
C VAL E 122 -9.58 -19.80 -31.46
N TYR E 123 -8.84 -18.84 -30.90
CA TYR E 123 -9.45 -17.58 -30.49
C TYR E 123 -9.63 -16.64 -31.66
N THR E 124 -8.85 -16.82 -32.73
CA THR E 124 -9.13 -16.11 -33.98
C THR E 124 -10.40 -16.66 -34.63
N GLU E 125 -10.64 -17.96 -34.48
CA GLU E 125 -11.88 -18.56 -34.98
C GLU E 125 -13.09 -18.03 -34.24
N ILE E 126 -12.97 -17.85 -32.92
CA ILE E 126 -14.10 -17.35 -32.13
C ILE E 126 -14.35 -15.87 -32.44
N CYS E 127 -13.29 -15.08 -32.58
CA CYS E 127 -13.44 -13.68 -32.94
C CYS E 127 -14.06 -13.53 -34.33
N ASN E 128 -13.61 -14.34 -35.28
CA ASN E 128 -14.18 -14.28 -36.62
C ASN E 128 -15.62 -14.75 -36.67
N TYR E 129 -16.10 -15.42 -35.64
CA TYR E 129 -17.46 -15.94 -35.59
C TYR E 129 -18.41 -15.02 -34.84
N THR E 130 -17.90 -14.26 -33.86
CA THR E 130 -18.71 -13.38 -33.03
C THR E 130 -18.48 -11.90 -33.36
N PHE E 131 -17.91 -11.60 -34.52
CA PHE E 131 -17.60 -10.23 -34.90
C PHE E 131 -18.89 -9.51 -35.30
N GLY E 132 -19.32 -8.58 -34.45
CA GLY E 132 -20.51 -7.80 -34.72
C GLY E 132 -21.81 -8.49 -34.42
N LYS E 133 -21.80 -9.63 -33.76
CA LYS E 133 -23.02 -10.36 -33.41
C LYS E 133 -23.16 -10.64 -31.93
N ASP E 134 -22.09 -11.05 -31.26
CA ASP E 134 -22.07 -11.19 -29.80
C ASP E 134 -20.91 -10.35 -29.27
N PRO E 135 -21.18 -9.08 -28.94
CA PRO E 135 -20.09 -8.20 -28.50
C PRO E 135 -19.37 -8.63 -27.24
N ARG E 136 -20.05 -9.28 -26.29
CA ARG E 136 -19.35 -9.75 -25.10
C ARG E 136 -18.44 -10.94 -25.41
N THR E 137 -18.93 -11.91 -26.18
CA THR E 137 -18.10 -13.05 -26.54
C THR E 137 -16.92 -12.62 -27.39
N TYR E 138 -17.11 -11.64 -28.27
CA TYR E 138 -15.99 -11.10 -29.05
C TYR E 138 -14.94 -10.46 -28.15
N ASP E 139 -15.39 -9.68 -27.17
CA ASP E 139 -14.46 -8.96 -26.31
C ASP E 139 -13.68 -9.90 -25.40
N LEU E 140 -14.31 -10.98 -24.95
CA LEU E 140 -13.59 -11.97 -24.15
C LEU E 140 -12.55 -12.71 -24.98
N ALA E 141 -12.93 -13.14 -26.19
CA ALA E 141 -11.99 -13.84 -27.05
C ALA E 141 -10.84 -12.93 -27.48
N LEU E 142 -11.13 -11.65 -27.72
CA LEU E 142 -10.09 -10.69 -28.05
C LEU E 142 -9.10 -10.52 -26.92
N ALA E 143 -9.59 -10.43 -25.67
CA ALA E 143 -8.69 -10.26 -24.54
C ALA E 143 -7.77 -11.47 -24.38
N ILE E 144 -8.30 -12.67 -24.60
CA ILE E 144 -7.45 -13.86 -24.53
C ILE E 144 -6.51 -13.91 -25.73
N LEU E 145 -7.00 -13.53 -26.91
CA LEU E 145 -6.16 -13.51 -28.10
C LEU E 145 -4.98 -12.56 -27.96
N HIS E 146 -5.16 -11.47 -27.21
CA HIS E 146 -4.04 -10.59 -26.92
C HIS E 146 -2.93 -11.34 -26.19
N GLU E 147 -3.30 -12.18 -25.23
CA GLU E 147 -2.31 -12.85 -24.40
C GLU E 147 -1.73 -14.08 -25.10
N GLU E 148 -2.54 -14.75 -25.91
CA GLU E 148 -2.04 -15.89 -26.67
C GLU E 148 -1.01 -15.46 -27.72
N ILE E 149 -1.25 -14.31 -28.34
CA ILE E 149 -0.30 -13.77 -29.31
C ILE E 149 1.02 -13.43 -28.62
N GLU E 150 0.93 -12.84 -27.42
CA GLU E 150 2.14 -12.53 -26.65
C GLU E 150 2.84 -13.80 -26.19
N HIS E 151 2.08 -14.84 -25.81
CA HIS E 151 2.71 -16.11 -25.46
C HIS E 151 3.44 -16.71 -26.65
N GLU E 152 2.82 -16.67 -27.83
CA GLU E 152 3.45 -17.24 -29.02
C GLU E 152 4.74 -16.50 -29.36
N ALA E 153 4.76 -15.18 -29.18
CA ALA E 153 5.94 -14.39 -29.51
C ALA E 153 7.09 -14.67 -28.55
N TRP E 154 6.78 -14.95 -27.28
CA TRP E 154 7.84 -15.32 -26.34
C TRP E 154 8.57 -16.56 -26.79
N PHE E 155 7.82 -17.62 -27.14
CA PHE E 155 8.43 -18.89 -27.51
C PHE E 155 9.02 -18.86 -28.92
N GLU E 156 8.45 -18.04 -29.81
CA GLU E 156 9.02 -17.87 -31.14
C GLU E 156 10.36 -17.15 -31.09
N GLU E 157 10.49 -16.13 -30.24
CA GLU E 157 11.77 -15.43 -30.11
C GLU E 157 12.83 -16.32 -29.47
N LEU E 158 12.45 -17.11 -28.47
CA LEU E 158 13.41 -17.99 -27.80
C LEU E 158 13.88 -19.11 -28.73
N LEU E 159 12.96 -19.66 -29.53
CA LEU E 159 13.29 -20.81 -30.37
C LEU E 159 13.97 -20.39 -31.66
N THR E 160 13.49 -19.33 -32.30
CA THR E 160 13.97 -18.93 -33.61
C THR E 160 14.84 -17.69 -33.60
N GLY E 161 14.59 -16.74 -32.69
CA GLY E 161 15.36 -15.53 -32.65
C GLY E 161 14.76 -14.36 -33.40
N LYS E 162 13.52 -14.48 -33.83
CA LYS E 162 12.85 -13.37 -34.50
C LYS E 162 12.48 -12.30 -33.48
N PRO E 163 12.90 -11.05 -33.69
CA PRO E 163 12.53 -9.98 -32.75
C PRO E 163 11.02 -9.85 -32.62
N SER E 164 10.53 -10.03 -31.40
CA SER E 164 9.11 -9.96 -31.11
C SER E 164 8.71 -8.72 -30.32
N GLY E 165 9.66 -8.05 -29.68
CA GLY E 165 9.39 -6.81 -28.98
C GLY E 165 8.72 -6.95 -27.63
N HIS E 166 8.53 -8.16 -27.14
CA HIS E 166 7.82 -8.38 -25.89
C HIS E 166 8.78 -8.51 -24.72
N PHE E 167 8.39 -7.95 -23.59
CA PHE E 167 9.13 -8.03 -22.34
C PHE E 167 8.44 -9.00 -21.40
N ARG E 168 9.16 -9.42 -20.36
CA ARG E 168 8.60 -10.39 -19.42
C ARG E 168 7.56 -9.73 -18.54
N ARG E 169 6.62 -10.53 -18.06
CA ARG E 169 5.64 -10.05 -17.10
C ARG E 169 6.32 -9.70 -15.79
N GLY E 170 5.86 -8.60 -15.16
CA GLY E 170 6.38 -8.24 -13.86
C GLY E 170 6.08 -9.28 -12.81
N LYS E 171 4.87 -9.84 -12.86
CA LYS E 171 4.45 -10.91 -11.96
C LYS E 171 3.80 -12.03 -12.77
N PRO E 172 4.01 -13.29 -12.39
CA PRO E 172 3.37 -14.40 -13.11
C PRO E 172 1.86 -14.31 -13.03
N GLY E 173 1.21 -14.64 -14.14
CA GLY E 173 -0.24 -14.60 -14.22
C GLY E 173 -0.84 -13.23 -14.02
N GLU E 174 -0.14 -12.17 -14.44
CA GLU E 174 -0.66 -10.82 -14.25
C GLU E 174 -1.86 -10.58 -15.15
N SER E 175 -1.85 -11.16 -16.35
CA SER E 175 -2.98 -11.13 -17.27
C SER E 175 -3.48 -9.70 -17.54
N PRO E 176 -2.69 -8.88 -18.23
CA PRO E 176 -3.09 -7.48 -18.42
C PRO E 176 -4.37 -7.29 -19.22
N TYR E 177 -4.74 -8.27 -20.06
CA TYR E 177 -5.88 -8.10 -20.97
C TYR E 177 -7.15 -8.78 -20.49
N VAL E 178 -7.06 -9.91 -19.77
CA VAL E 178 -8.25 -10.61 -19.30
C VAL E 178 -8.57 -10.30 -17.85
N SER E 179 -7.87 -9.33 -17.24
CA SER E 179 -8.08 -9.04 -15.82
C SER E 179 -9.49 -8.54 -15.56
N LYS E 180 -10.04 -7.72 -16.45
CA LYS E 180 -11.38 -7.20 -16.26
C LYS E 180 -12.45 -8.28 -16.26
N PHE E 181 -12.15 -9.44 -16.86
CA PHE E 181 -13.05 -10.57 -16.84
C PHE E 181 -12.85 -11.48 -15.63
N LEU E 182 -11.85 -11.20 -14.79
CA LEU E 182 -11.54 -12.03 -13.65
C LEU E 182 -12.13 -11.44 -12.37
N LYS E 183 -12.09 -12.24 -11.31
CA LYS E 183 -12.69 -11.85 -10.04
C LYS E 183 -11.61 -11.62 -8.98
N ILE F 14 -22.82 34.70 19.86
CA ILE F 14 -21.39 34.94 19.95
C ILE F 14 -20.94 36.24 19.30
N ASP F 15 -20.18 37.03 20.06
CA ASP F 15 -19.41 38.13 19.51
C ASP F 15 -18.23 37.53 18.77
N VAL F 16 -18.19 37.74 17.45
CA VAL F 16 -17.17 37.09 16.63
C VAL F 16 -15.79 37.65 16.93
N GLU F 17 -15.70 38.95 17.24
CA GLU F 17 -14.41 39.53 17.59
C GLU F 17 -13.81 38.89 18.83
N LYS F 18 -14.63 38.63 19.86
CA LYS F 18 -14.12 37.98 21.06
C LYS F 18 -13.69 36.55 20.79
N LEU F 19 -14.41 35.84 19.92
CA LEU F 19 -14.00 34.49 19.57
C LEU F 19 -12.76 34.51 18.65
N LEU F 20 -12.63 35.53 17.81
CA LEU F 20 -11.44 35.65 16.99
C LEU F 20 -10.20 35.89 17.84
N GLU F 21 -10.34 36.68 18.90
CA GLU F 21 -9.23 36.89 19.83
C GLU F 21 -8.80 35.58 20.49
N LEU F 22 -9.77 34.78 20.93
CA LEU F 22 -9.45 33.52 21.59
C LEU F 22 -8.75 32.56 20.63
N LEU F 23 -9.21 32.50 19.38
CA LEU F 23 -8.63 31.58 18.41
C LEU F 23 -7.25 32.05 17.96
N ILE F 24 -7.03 33.36 17.86
CA ILE F 24 -5.73 33.87 17.48
C ILE F 24 -4.72 33.64 18.60
N LYS F 25 -5.14 33.90 19.85
CA LYS F 25 -4.26 33.64 20.99
C LYS F 25 -3.97 32.15 21.13
N ALA F 26 -4.96 31.30 20.84
CA ALA F 26 -4.73 29.86 20.88
C ALA F 26 -3.75 29.42 19.81
N ALA F 27 -3.86 29.97 18.60
CA ALA F 27 -2.94 29.61 17.53
C ALA F 27 -1.53 30.09 17.83
N ALA F 28 -1.40 31.27 18.45
CA ALA F 28 -0.09 31.74 18.87
C ALA F 28 0.52 30.80 19.90
N ALA F 29 -0.30 30.27 20.79
CA ALA F 29 0.19 29.29 21.76
C ALA F 29 0.69 28.03 21.06
N GLU F 30 -0.02 27.56 20.04
CA GLU F 30 0.40 26.37 19.31
C GLU F 30 1.69 26.62 18.54
N PHE F 31 1.82 27.79 17.91
CA PHE F 31 2.98 28.09 17.10
C PHE F 31 4.24 28.20 17.95
N THR F 32 4.16 28.90 19.08
CA THR F 32 5.32 29.03 19.96
C THR F 32 5.66 27.71 20.63
N THR F 33 4.65 26.90 20.95
CA THR F 33 4.90 25.57 21.53
C THR F 33 5.71 24.71 20.58
N TYR F 34 5.42 24.81 19.28
CA TYR F 34 6.16 24.03 18.29
C TYR F 34 7.63 24.39 18.27
N TYR F 35 7.99 25.63 18.59
CA TYR F 35 9.38 26.02 18.70
C TYR F 35 9.97 25.61 20.05
N TYR F 36 9.23 25.86 21.13
CA TYR F 36 9.76 25.63 22.47
C TYR F 36 9.87 24.14 22.79
N TYR F 37 9.02 23.30 22.19
CA TYR F 37 9.15 21.87 22.40
C TYR F 37 10.33 21.31 21.62
N THR F 38 10.77 22.00 20.56
CA THR F 38 11.98 21.60 19.86
C THR F 38 13.19 21.69 20.78
N ILE F 39 13.28 22.77 21.55
CA ILE F 39 14.37 22.91 22.52
C ILE F 39 14.24 21.87 23.63
N LEU F 40 13.01 21.68 24.13
CA LEU F 40 12.80 20.73 25.23
C LEU F 40 13.11 19.31 24.81
N ARG F 41 12.76 18.93 23.59
CA ARG F 41 13.10 17.60 23.08
C ARG F 41 14.60 17.38 23.09
N ASN F 42 15.37 18.37 22.64
CA ASN F 42 16.80 18.19 22.47
C ASN F 42 17.53 18.03 23.79
N HIS F 43 17.00 18.60 24.86
CA HIS F 43 17.61 18.49 26.18
C HIS F 43 17.09 17.31 27.00
N ALA F 44 16.23 16.47 26.41
CA ALA F 44 15.80 15.23 27.05
C ALA F 44 16.84 14.14 26.78
N THR F 45 18.02 14.36 27.35
CA THR F 45 19.19 13.55 27.08
C THR F 45 19.38 12.50 28.17
N GLY F 46 20.37 11.63 27.97
CA GLY F 46 20.63 10.57 28.91
C GLY F 46 19.71 9.38 28.71
N LEU F 47 19.80 8.44 29.65
CA LEU F 47 18.96 7.25 29.59
C LEU F 47 17.52 7.57 29.97
N GLU F 48 17.33 8.47 30.95
CA GLU F 48 15.97 8.85 31.34
C GLU F 48 15.26 9.59 30.22
N GLY F 49 15.96 10.49 29.53
CA GLY F 49 15.33 11.31 28.52
C GLY F 49 14.98 10.58 27.23
N GLU F 50 15.62 9.45 26.96
CA GLU F 50 15.31 8.70 25.74
C GLU F 50 13.88 8.20 25.76
N ALA F 51 13.33 7.92 26.95
CA ALA F 51 11.95 7.45 27.04
C ALA F 51 10.96 8.57 26.74
N ILE F 52 11.30 9.81 27.08
CA ILE F 52 10.36 10.92 26.92
C ILE F 52 10.55 11.69 25.62
N LYS F 53 11.59 11.39 24.85
CA LYS F 53 11.85 12.14 23.63
C LYS F 53 10.73 11.99 22.62
N GLU F 54 10.26 10.75 22.42
CA GLU F 54 9.18 10.52 21.48
C GLU F 54 7.84 11.02 22.00
N ILE F 55 7.69 11.11 23.32
CA ILE F 55 6.47 11.69 23.88
C ILE F 55 6.45 13.20 23.64
N ILE F 56 7.60 13.87 23.80
CA ILE F 56 7.69 15.28 23.45
C ILE F 56 7.51 15.47 21.95
N GLU F 57 8.10 14.57 21.15
CA GLU F 57 7.95 14.64 19.71
C GLU F 57 6.50 14.44 19.27
N ASP F 58 5.78 13.54 19.95
CA ASP F 58 4.38 13.33 19.64
C ASP F 58 3.57 14.60 19.88
N ALA F 59 3.80 15.27 21.01
CA ALA F 59 3.03 16.46 21.35
C ALA F 59 3.40 17.63 20.44
N ARG F 60 4.69 17.79 20.15
CA ARG F 60 5.13 18.95 19.40
C ARG F 60 4.58 18.95 17.98
N LEU F 61 4.59 17.77 17.33
CA LEU F 61 4.07 17.68 15.97
C LEU F 61 2.56 17.83 15.93
N GLU F 62 1.86 17.32 16.94
CA GLU F 62 0.41 17.50 17.02
C GLU F 62 0.06 18.96 17.31
N ASP F 63 0.85 19.62 18.16
CA ASP F 63 0.64 21.05 18.41
C ASP F 63 0.86 21.88 17.16
N ARG F 64 1.78 21.44 16.29
CA ARG F 64 1.95 22.09 15.00
C ARG F 64 0.73 21.85 14.11
N ASN F 65 0.13 20.67 14.20
CA ASN F 65 -1.11 20.41 13.48
C ASN F 65 -2.27 21.24 14.02
N HIS F 66 -2.24 21.57 15.31
CA HIS F 66 -3.29 22.41 15.89
C HIS F 66 -3.23 23.82 15.33
N PHE F 67 -2.02 24.34 15.12
CA PHE F 67 -1.88 25.63 14.45
C PHE F 67 -2.38 25.57 13.02
N GLU F 68 -2.12 24.46 12.32
CA GLU F 68 -2.56 24.30 10.94
C GLU F 68 -4.07 24.17 10.82
N ALA F 69 -4.76 23.73 11.87
CA ALA F 69 -6.21 23.60 11.83
C ALA F 69 -6.92 24.87 12.31
N LEU F 70 -6.27 25.64 13.19
CA LEU F 70 -6.90 26.85 13.71
C LEU F 70 -6.89 27.98 12.69
N VAL F 71 -5.84 28.08 11.89
CA VAL F 71 -5.70 29.21 10.97
C VAL F 71 -6.81 29.26 9.94
N PRO F 72 -7.18 28.17 9.26
CA PRO F 72 -8.30 28.26 8.31
C PRO F 72 -9.59 28.74 8.94
N ARG F 73 -9.87 28.32 10.18
CA ARG F 73 -11.09 28.78 10.86
C ARG F 73 -11.04 30.28 11.14
N ILE F 74 -9.87 30.83 11.43
CA ILE F 74 -9.75 32.26 11.70
C ILE F 74 -10.13 33.05 10.46
N TYR F 75 -9.77 32.56 9.28
CA TYR F 75 -10.05 33.28 8.05
C TYR F 75 -11.48 33.06 7.55
N GLU F 76 -12.11 31.93 7.91
CA GLU F 76 -13.54 31.79 7.64
C GLU F 76 -14.36 32.80 8.42
N LEU F 77 -13.93 33.12 9.65
CA LEU F 77 -14.68 34.02 10.51
C LEU F 77 -14.39 35.49 10.24
N GLY F 78 -13.52 35.79 9.29
CA GLY F 78 -13.16 37.16 8.99
C GLY F 78 -11.93 37.69 9.70
N GLY F 79 -11.23 36.84 10.45
CA GLY F 79 -10.01 37.25 11.12
C GLY F 79 -8.78 36.96 10.28
N GLU F 80 -7.66 37.52 10.73
CA GLU F 80 -6.40 37.34 10.05
C GLU F 80 -5.29 37.18 11.07
N LEU F 81 -4.23 36.47 10.66
CA LEU F 81 -3.03 36.41 11.46
C LEU F 81 -2.38 37.79 11.52
N PRO F 82 -1.74 38.14 12.64
CA PRO F 82 -1.06 39.44 12.71
C PRO F 82 0.07 39.54 11.69
N ARG F 83 0.30 40.78 11.23
CA ARG F 83 1.26 41.01 10.16
C ARG F 83 2.66 40.56 10.55
N ASP F 84 3.06 40.84 11.79
CA ASP F 84 4.41 40.57 12.26
C ASP F 84 4.42 39.35 13.17
N ILE F 85 5.42 38.49 12.99
CA ILE F 85 5.52 37.27 13.79
C ILE F 85 5.88 37.60 15.24
N ARG F 86 6.55 38.73 15.48
CA ARG F 86 6.82 39.17 16.84
C ARG F 86 5.52 39.47 17.57
N GLU F 87 4.56 40.10 16.88
CA GLU F 87 3.25 40.36 17.45
C GLU F 87 2.49 39.06 17.69
N PHE F 88 2.67 38.07 16.80
CA PHE F 88 2.03 36.78 17.00
C PHE F 88 2.54 36.10 18.27
N ALA F 89 3.84 36.16 18.52
CA ALA F 89 4.39 35.53 19.72
C ALA F 89 3.84 36.19 20.98
N ASP F 90 3.70 37.52 20.97
CA ASP F 90 3.23 38.24 22.14
C ASP F 90 1.78 37.91 22.48
N LEU F 91 1.05 37.27 21.57
CA LEU F 91 -0.37 37.01 21.76
C LEU F 91 -0.65 35.60 22.25
N ALA F 92 0.38 34.82 22.55
CA ALA F 92 0.16 33.43 22.97
C ALA F 92 -0.64 33.37 24.26
N SER F 93 -1.63 32.48 24.28
CA SER F 93 -2.49 32.34 25.46
C SER F 93 -1.78 31.68 26.63
N CYS F 94 -0.63 31.08 26.34
CA CYS F 94 0.21 30.42 27.39
CA CYS F 94 0.21 30.43 27.39
C CYS F 94 1.65 30.98 27.51
N ARG F 95 2.15 31.00 28.75
CA ARG F 95 3.51 31.43 28.97
C ARG F 95 4.48 30.54 28.20
N ASP F 96 5.61 31.11 27.82
CA ASP F 96 6.57 30.39 27.00
C ASP F 96 7.12 29.18 27.76
N ALA F 97 7.15 28.03 27.09
CA ALA F 97 7.73 26.81 27.65
C ALA F 97 9.25 26.90 27.54
N TYR F 98 9.81 27.81 28.34
CA TYR F 98 11.24 28.01 28.35
C TYR F 98 11.96 26.80 28.94
N LEU F 99 13.20 26.61 28.51
CA LEU F 99 14.02 25.56 29.10
C LEU F 99 14.39 25.93 30.53
N PRO F 100 14.28 25.01 31.47
CA PRO F 100 14.60 25.33 32.88
C PRO F 100 16.06 25.69 33.05
N GLU F 101 16.33 26.47 34.09
CA GLU F 101 17.72 26.86 34.39
C GLU F 101 18.58 25.64 34.66
N GLU F 102 18.01 24.61 35.30
CA GLU F 102 18.64 23.30 35.41
C GLU F 102 17.80 22.32 34.61
N PRO F 103 18.20 21.97 33.39
CA PRO F 103 17.37 21.14 32.51
C PRO F 103 17.39 19.65 32.86
N THR F 104 17.04 19.33 34.11
CA THR F 104 16.85 17.94 34.48
C THR F 104 15.55 17.42 33.86
N ILE F 105 15.43 16.09 33.83
CA ILE F 105 14.26 15.47 33.20
C ILE F 105 12.99 15.85 33.93
N GLU F 106 13.02 15.88 35.26
CA GLU F 106 11.82 16.21 36.04
C GLU F 106 11.50 17.71 35.95
N ASN F 107 12.52 18.55 35.80
CA ASN F 107 12.28 19.98 35.61
C ASN F 107 11.70 20.25 34.22
N ILE F 108 12.16 19.51 33.22
CA ILE F 108 11.60 19.63 31.88
C ILE F 108 10.15 19.15 31.87
N LEU F 109 9.88 18.05 32.58
CA LEU F 109 8.52 17.51 32.63
C LEU F 109 7.56 18.49 33.31
N LYS F 110 8.04 19.21 34.31
CA LYS F 110 7.22 20.24 34.95
C LYS F 110 6.82 21.31 33.95
N VAL F 111 7.77 21.73 33.11
CA VAL F 111 7.50 22.76 32.10
C VAL F 111 6.48 22.24 31.09
N LEU F 112 6.63 21.00 30.65
CA LEU F 112 5.69 20.43 29.70
C LEU F 112 4.30 20.28 30.31
N LEU F 113 4.22 19.94 31.59
CA LEU F 113 2.92 19.78 32.24
C LEU F 113 2.17 21.11 32.32
N GLU F 114 2.86 22.19 32.71
CA GLU F 114 2.20 23.49 32.77
C GLU F 114 1.80 23.98 31.39
N ALA F 115 2.56 23.62 30.36
CA ALA F 115 2.21 24.04 29.00
C ALA F 115 0.93 23.38 28.53
N GLU F 116 0.73 22.11 28.86
CA GLU F 116 -0.44 21.37 28.41
C GLU F 116 -1.65 21.58 29.31
N ARG F 117 -1.45 21.87 30.60
CA ARG F 117 -2.56 22.24 31.45
C ARG F 117 -3.17 23.57 31.01
N CYS F 118 -2.31 24.51 30.62
CA CYS F 118 -2.84 25.78 30.06
CA CYS F 118 -2.81 25.78 30.04
C CYS F 118 -3.61 25.59 28.71
N ALA F 119 -3.10 24.68 27.90
CA ALA F 119 -3.75 24.40 26.63
C ALA F 119 -5.13 23.77 26.83
N VAL F 120 -5.25 22.88 27.82
CA VAL F 120 -6.57 22.33 28.16
C VAL F 120 -7.50 23.45 28.60
N GLY F 121 -6.97 24.42 29.34
CA GLY F 121 -7.79 25.52 29.82
C GLY F 121 -8.28 26.44 28.71
N VAL F 122 -7.42 26.72 27.73
CA VAL F 122 -7.81 27.66 26.68
C VAL F 122 -8.84 27.04 25.75
N TYR F 123 -8.73 25.74 25.48
CA TYR F 123 -9.67 25.09 24.58
C TYR F 123 -10.97 24.72 25.30
N THR F 124 -10.92 24.54 26.61
CA THR F 124 -12.15 24.43 27.40
C THR F 124 -12.87 25.77 27.45
N GLU F 125 -12.12 26.87 27.45
CA GLU F 125 -12.72 28.19 27.39
C GLU F 125 -13.41 28.43 26.05
N ILE F 126 -12.81 27.97 24.96
CA ILE F 126 -13.41 28.16 23.64
C ILE F 126 -14.65 27.28 23.49
N CYS F 127 -14.58 26.03 23.97
CA CYS F 127 -15.74 25.15 23.91
C CYS F 127 -16.89 25.69 24.74
N ASN F 128 -16.60 26.18 25.95
CA ASN F 128 -17.65 26.75 26.79
C ASN F 128 -18.28 28.00 26.18
N TYR F 129 -17.60 28.64 25.23
CA TYR F 129 -18.07 29.88 24.62
C TYR F 129 -18.83 29.64 23.32
N THR F 130 -18.50 28.57 22.60
CA THR F 130 -19.13 28.23 21.33
C THR F 130 -20.10 27.06 21.44
N PHE F 131 -20.49 26.69 22.66
CA PHE F 131 -21.36 25.53 22.86
C PHE F 131 -22.79 25.89 22.45
N GLY F 132 -23.25 25.29 21.36
CA GLY F 132 -24.60 25.54 20.87
C GLY F 132 -24.78 26.80 20.08
N LYS F 133 -23.71 27.51 19.73
CA LYS F 133 -23.80 28.75 18.98
C LYS F 133 -22.99 28.74 17.69
N ASP F 134 -21.75 28.24 17.72
CA ASP F 134 -20.94 28.04 16.53
C ASP F 134 -20.51 26.58 16.48
N PRO F 135 -21.31 25.72 15.85
CA PRO F 135 -20.99 24.29 15.86
C PRO F 135 -19.67 23.92 15.20
N ARG F 136 -19.22 24.67 14.19
CA ARG F 136 -17.91 24.37 13.60
C ARG F 136 -16.77 24.75 14.54
N THR F 137 -16.84 25.93 15.15
CA THR F 137 -15.79 26.33 16.08
C THR F 137 -15.76 25.42 17.30
N TYR F 138 -16.93 24.98 17.77
CA TYR F 138 -16.96 24.04 18.89
C TYR F 138 -16.30 22.72 18.52
N ASP F 139 -16.58 22.21 17.32
CA ASP F 139 -16.05 20.92 16.91
C ASP F 139 -14.54 20.97 16.70
N LEU F 140 -14.03 22.10 16.20
CA LEU F 140 -12.58 22.26 16.06
C LEU F 140 -11.91 22.33 17.43
N ALA F 141 -12.46 23.13 18.33
CA ALA F 141 -11.89 23.25 19.67
C ALA F 141 -11.99 21.94 20.43
N LEU F 142 -13.09 21.20 20.24
CA LEU F 142 -13.22 19.89 20.84
C LEU F 142 -12.17 18.92 20.33
N ALA F 143 -11.91 18.93 19.03
CA ALA F 143 -10.92 18.01 18.46
C ALA F 143 -9.53 18.27 19.04
N ILE F 144 -9.17 19.54 19.20
CA ILE F 144 -7.88 19.87 19.81
C ILE F 144 -7.89 19.53 21.30
N LEU F 145 -9.00 19.78 21.97
CA LEU F 145 -9.11 19.49 23.40
C LEU F 145 -8.95 18.00 23.68
N HIS F 146 -9.35 17.15 22.74
CA HIS F 146 -9.08 15.73 22.88
C HIS F 146 -7.59 15.45 22.96
N GLU F 147 -6.81 16.14 22.12
CA GLU F 147 -5.38 15.87 22.04
C GLU F 147 -4.60 16.59 23.15
N GLU F 148 -5.07 17.76 23.57
CA GLU F 148 -4.44 18.45 24.68
C GLU F 148 -4.61 17.67 25.97
N ILE F 149 -5.78 17.07 26.17
CA ILE F 149 -6.02 16.25 27.35
C ILE F 149 -5.09 15.04 27.35
N GLU F 150 -4.92 14.41 26.19
CA GLU F 150 -4.01 13.27 26.09
C GLU F 150 -2.56 13.70 26.29
N HIS F 151 -2.18 14.88 25.79
CA HIS F 151 -0.84 15.38 26.03
C HIS F 151 -0.60 15.61 27.52
N GLU F 152 -1.59 16.19 28.21
CA GLU F 152 -1.44 16.45 29.64
C GLU F 152 -1.31 15.15 30.42
N ALA F 153 -2.02 14.10 29.99
CA ALA F 153 -1.97 12.83 30.72
C ALA F 153 -0.64 12.12 30.53
N TRP F 154 -0.01 12.29 29.36
CA TRP F 154 1.32 11.72 29.16
C TRP F 154 2.32 12.28 30.17
N PHE F 155 2.34 13.60 30.31
CA PHE F 155 3.31 14.25 31.19
C PHE F 155 2.96 14.12 32.66
N GLU F 156 1.66 14.08 32.99
CA GLU F 156 1.24 13.83 34.37
C GLU F 156 1.61 12.43 34.84
N GLU F 157 1.47 11.43 33.96
CA GLU F 157 1.87 10.07 34.33
C GLU F 157 3.38 9.96 34.51
N LEU F 158 4.15 10.63 33.64
CA LEU F 158 5.61 10.56 33.75
C LEU F 158 6.10 11.30 34.98
N LEU F 159 5.56 12.48 35.25
CA LEU F 159 6.05 13.31 36.34
C LEU F 159 5.56 12.83 37.69
N THR F 160 4.30 12.42 37.79
CA THR F 160 3.70 12.07 39.06
C THR F 160 3.47 10.58 39.26
N GLY F 161 3.16 9.84 38.20
CA GLY F 161 2.89 8.43 38.34
C GLY F 161 1.43 8.06 38.42
N LYS F 162 0.52 9.00 38.16
CA LYS F 162 -0.90 8.70 38.15
C LYS F 162 -1.26 7.91 36.90
N PRO F 163 -1.91 6.75 37.04
CA PRO F 163 -2.33 5.98 35.86
C PRO F 163 -3.23 6.80 34.96
N SER F 164 -2.81 6.97 33.71
CA SER F 164 -3.57 7.75 32.73
C SER F 164 -4.24 6.90 31.67
N GLY F 165 -3.78 5.67 31.44
CA GLY F 165 -4.40 4.78 30.49
C GLY F 165 -4.03 5.05 29.05
N HIS F 166 -3.11 5.97 28.78
CA HIS F 166 -2.80 6.37 27.42
C HIS F 166 -1.54 5.69 26.91
N PHE F 167 -1.60 5.22 25.67
CA PHE F 167 -0.49 4.59 24.99
C PHE F 167 0.18 5.60 24.07
N ARG F 168 1.37 5.25 23.59
CA ARG F 168 2.11 6.15 22.71
C ARG F 168 1.54 6.13 21.31
N ARG F 169 1.65 7.26 20.61
CA ARG F 169 1.26 7.32 19.22
C ARG F 169 2.15 6.40 18.38
N GLY F 170 1.54 5.75 17.38
CA GLY F 170 2.34 4.95 16.46
C GLY F 170 3.31 5.79 15.65
N LYS F 171 2.83 6.91 15.12
CA LYS F 171 3.65 7.87 14.40
C LYS F 171 3.51 9.24 15.04
N PRO F 172 4.61 10.00 15.16
CA PRO F 172 4.51 11.36 15.69
C PRO F 172 3.64 12.24 14.79
N GLY F 173 2.86 13.10 15.43
CA GLY F 173 1.97 13.98 14.69
C GLY F 173 0.83 13.28 13.99
N GLU F 174 0.44 12.10 14.47
CA GLU F 174 -0.64 11.36 13.82
C GLU F 174 -1.97 12.10 13.98
N SER F 175 -2.17 12.74 15.12
CA SER F 175 -3.32 13.60 15.37
C SER F 175 -4.66 12.91 15.05
N PRO F 176 -5.06 11.92 15.85
CA PRO F 176 -6.26 11.15 15.52
C PRO F 176 -7.54 11.98 15.53
N TYR F 177 -7.58 13.09 16.25
CA TYR F 177 -8.80 13.85 16.44
C TYR F 177 -8.92 15.07 15.53
N VAL F 178 -7.80 15.73 15.20
CA VAL F 178 -7.84 16.92 14.36
C VAL F 178 -7.49 16.60 12.90
N SER F 179 -7.37 15.32 12.56
CA SER F 179 -6.97 14.93 11.21
C SER F 179 -7.99 15.39 10.17
N LYS F 180 -9.28 15.30 10.50
CA LYS F 180 -10.31 15.70 9.55
C LYS F 180 -10.28 17.20 9.25
N PHE F 181 -9.67 17.99 10.12
CA PHE F 181 -9.49 19.41 9.89
C PHE F 181 -8.21 19.74 9.14
N LEU F 182 -7.39 18.74 8.84
CA LEU F 182 -6.10 18.95 8.21
C LEU F 182 -6.18 18.65 6.72
N LYS F 183 -5.15 19.08 5.99
CA LYS F 183 -5.10 18.89 4.55
C LYS F 183 -4.07 17.83 4.18
N ILE G 14 -5.97 -40.07 21.86
CA ILE G 14 -6.41 -38.99 22.74
C ILE G 14 -7.87 -39.12 23.15
N ASP G 15 -8.09 -38.97 24.45
CA ASP G 15 -9.42 -38.74 25.00
C ASP G 15 -9.78 -37.29 24.70
N VAL G 16 -10.80 -37.09 23.85
CA VAL G 16 -11.12 -35.74 23.40
C VAL G 16 -11.63 -34.88 24.55
N GLU G 17 -12.38 -35.47 25.48
CA GLU G 17 -12.87 -34.71 26.63
C GLU G 17 -11.72 -34.15 27.46
N LYS G 18 -10.68 -34.95 27.71
CA LYS G 18 -9.54 -34.45 28.46
C LYS G 18 -8.82 -33.34 27.71
N LEU G 19 -8.69 -33.47 26.39
CA LEU G 19 -8.09 -32.39 25.61
C LEU G 19 -8.99 -31.17 25.55
N LEU G 20 -10.30 -31.37 25.52
CA LEU G 20 -11.23 -30.24 25.54
C LEU G 20 -11.13 -29.46 26.83
N GLU G 21 -10.96 -30.16 27.96
CA GLU G 21 -10.76 -29.49 29.24
C GLU G 21 -9.50 -28.64 29.24
N LEU G 22 -8.40 -29.18 28.70
CA LEU G 22 -7.14 -28.44 28.67
C LEU G 22 -7.25 -27.20 27.79
N LEU G 23 -7.95 -27.32 26.66
CA LEU G 23 -8.08 -26.19 25.74
C LEU G 23 -9.03 -25.13 26.28
N ILE G 24 -10.09 -25.55 26.98
CA ILE G 24 -11.01 -24.59 27.55
C ILE G 24 -10.35 -23.83 28.70
N LYS G 25 -9.61 -24.55 29.55
CA LYS G 25 -8.88 -23.89 30.63
C LYS G 25 -7.81 -22.94 30.09
N ALA G 26 -7.18 -23.32 28.98
CA ALA G 26 -6.19 -22.45 28.36
C ALA G 26 -6.83 -21.19 27.80
N ALA G 27 -8.00 -21.31 27.18
CA ALA G 27 -8.68 -20.14 26.65
C ALA G 27 -9.17 -19.23 27.75
N ALA G 28 -9.62 -19.81 28.87
CA ALA G 28 -10.00 -19.01 30.03
C ALA G 28 -8.81 -18.25 30.57
N ALA G 29 -7.63 -18.87 30.56
CA ALA G 29 -6.42 -18.18 30.98
C ALA G 29 -6.11 -17.00 30.07
N GLU G 30 -6.26 -17.19 28.76
CA GLU G 30 -5.99 -16.11 27.82
C GLU G 30 -6.98 -14.97 27.99
N PHE G 31 -8.27 -15.30 28.20
CA PHE G 31 -9.30 -14.28 28.31
C PHE G 31 -9.11 -13.42 29.56
N THR G 32 -8.88 -14.06 30.71
CA THR G 32 -8.66 -13.30 31.93
C THR G 32 -7.35 -12.53 31.88
N THR G 33 -6.32 -13.07 31.23
CA THR G 33 -5.07 -12.35 31.06
C THR G 33 -5.28 -11.06 30.30
N TYR G 34 -6.16 -11.08 29.28
CA TYR G 34 -6.42 -9.89 28.49
C TYR G 34 -7.05 -8.79 29.34
N TYR G 35 -7.80 -9.15 30.38
CA TYR G 35 -8.34 -8.15 31.29
C TYR G 35 -7.31 -7.71 32.32
N TYR G 36 -6.58 -8.66 32.91
CA TYR G 36 -5.67 -8.33 33.99
C TYR G 36 -4.44 -7.58 33.50
N TYR G 37 -4.00 -7.84 32.26
CA TYR G 37 -2.88 -7.08 31.71
C TYR G 37 -3.29 -5.65 31.39
N THR G 38 -4.59 -5.40 31.16
CA THR G 38 -5.05 -4.04 30.98
C THR G 38 -4.83 -3.22 32.25
N ILE G 39 -5.12 -3.80 33.42
CA ILE G 39 -4.86 -3.12 34.67
C ILE G 39 -3.36 -2.96 34.91
N LEU G 40 -2.59 -4.01 34.62
CA LEU G 40 -1.15 -3.96 34.84
C LEU G 40 -0.48 -2.93 33.94
N ARG G 41 -0.94 -2.81 32.70
CA ARG G 41 -0.42 -1.78 31.80
C ARG G 41 -0.62 -0.39 32.39
N ASN G 42 -1.80 -0.13 32.93
CA ASN G 42 -2.15 1.23 33.36
C ASN G 42 -1.34 1.66 34.58
N HIS G 43 -0.89 0.72 35.40
CA HIS G 43 -0.10 1.05 36.58
C HIS G 43 1.40 0.99 36.33
N ALA G 44 1.83 0.78 35.09
CA ALA G 44 3.25 0.86 34.72
C ALA G 44 3.58 2.32 34.42
N THR G 45 3.55 3.13 35.47
CA THR G 45 3.65 4.57 35.35
C THR G 45 5.07 5.04 35.66
N GLY G 46 5.30 6.33 35.46
CA GLY G 46 6.60 6.91 35.71
C GLY G 46 7.57 6.69 34.56
N LEU G 47 8.83 7.06 34.81
CA LEU G 47 9.85 6.90 33.80
C LEU G 47 10.24 5.44 33.62
N GLU G 48 10.27 4.68 34.72
CA GLU G 48 10.56 3.25 34.62
C GLU G 48 9.46 2.53 33.86
N GLY G 49 8.19 2.86 34.13
CA GLY G 49 7.08 2.16 33.54
C GLY G 49 6.86 2.44 32.07
N GLU G 50 7.33 3.58 31.57
CA GLU G 50 7.16 3.90 30.16
C GLU G 50 7.88 2.91 29.26
N ALA G 51 8.97 2.31 29.76
CA ALA G 51 9.73 1.36 28.95
C ALA G 51 9.00 0.03 28.83
N ILE G 52 8.26 -0.37 29.86
CA ILE G 52 7.61 -1.68 29.86
C ILE G 52 6.15 -1.64 29.42
N LYS G 53 5.60 -0.45 29.16
CA LYS G 53 4.19 -0.35 28.79
C LYS G 53 3.91 -1.06 27.47
N GLU G 54 4.76 -0.83 26.47
CA GLU G 54 4.55 -1.44 25.17
C GLU G 54 4.85 -2.93 25.20
N ILE G 55 5.71 -3.37 26.13
CA ILE G 55 5.98 -4.79 26.29
C ILE G 55 4.76 -5.51 26.88
N ILE G 56 4.12 -4.87 27.88
CA ILE G 56 2.86 -5.40 28.41
C ILE G 56 1.79 -5.33 27.34
N GLU G 57 1.75 -4.25 26.57
CA GLU G 57 0.76 -4.11 25.50
C GLU G 57 0.97 -5.16 24.42
N ASP G 58 2.23 -5.47 24.09
CA ASP G 58 2.50 -6.53 23.11
C ASP G 58 1.95 -7.87 23.59
N ALA G 59 2.19 -8.19 24.85
CA ALA G 59 1.76 -9.49 25.38
C ALA G 59 0.25 -9.56 25.52
N ARG G 60 -0.37 -8.47 25.96
CA ARG G 60 -1.81 -8.49 26.21
C ARG G 60 -2.60 -8.69 24.92
N LEU G 61 -2.21 -8.00 23.85
CA LEU G 61 -2.95 -8.13 22.60
C LEU G 61 -2.71 -9.47 21.93
N GLU G 62 -1.53 -10.06 22.11
CA GLU G 62 -1.28 -11.39 21.59
C GLU G 62 -2.03 -12.46 22.38
N ASP G 63 -2.14 -12.27 23.70
CA ASP G 63 -2.93 -13.19 24.52
C ASP G 63 -4.41 -13.14 24.15
N ARG G 64 -4.90 -11.98 23.73
CA ARG G 64 -6.25 -11.88 23.21
C ARG G 64 -6.36 -12.61 21.87
N ASN G 65 -5.30 -12.56 21.05
CA ASN G 65 -5.27 -13.34 19.82
C ASN G 65 -5.21 -14.84 20.12
N HIS G 66 -4.58 -15.23 21.22
CA HIS G 66 -4.52 -16.65 21.59
C HIS G 66 -5.91 -17.16 21.95
N PHE G 67 -6.73 -16.33 22.60
CA PHE G 67 -8.11 -16.71 22.87
C PHE G 67 -8.90 -16.83 21.57
N GLU G 68 -8.59 -15.97 20.59
CA GLU G 68 -9.29 -16.01 19.31
C GLU G 68 -8.91 -17.21 18.46
N ALA G 69 -7.76 -17.82 18.71
CA ALA G 69 -7.36 -19.00 17.95
C ALA G 69 -7.75 -20.30 18.64
N LEU G 70 -7.90 -20.28 19.96
CA LEU G 70 -8.26 -21.49 20.69
C LEU G 70 -9.74 -21.82 20.54
N VAL G 71 -10.60 -20.81 20.51
CA VAL G 71 -12.04 -21.05 20.49
C VAL G 71 -12.48 -21.82 19.23
N PRO G 72 -12.04 -21.46 18.02
CA PRO G 72 -12.44 -22.27 16.86
C PRO G 72 -12.07 -23.73 16.97
N ARG G 73 -10.90 -24.06 17.52
CA ARG G 73 -10.51 -25.44 17.69
C ARG G 73 -11.42 -26.17 18.67
N ILE G 74 -11.88 -25.49 19.72
CA ILE G 74 -12.76 -26.12 20.70
C ILE G 74 -14.05 -26.58 20.05
N TYR G 75 -14.60 -25.76 19.15
CA TYR G 75 -15.85 -26.09 18.50
C TYR G 75 -15.67 -27.11 17.38
N GLU G 76 -14.49 -27.18 16.76
CA GLU G 76 -14.21 -28.28 15.82
C GLU G 76 -14.19 -29.62 16.54
N LEU G 77 -13.77 -29.65 17.80
CA LEU G 77 -13.64 -30.89 18.54
C LEU G 77 -14.91 -31.31 19.25
N GLY G 78 -16.01 -30.56 19.07
CA GLY G 78 -17.24 -30.86 19.73
C GLY G 78 -17.43 -30.22 21.08
N GLY G 79 -16.50 -29.36 21.51
CA GLY G 79 -16.62 -28.64 22.75
C GLY G 79 -17.32 -27.30 22.57
N GLU G 80 -17.55 -26.63 23.70
CA GLU G 80 -18.22 -25.35 23.69
C GLU G 80 -17.70 -24.51 24.85
N LEU G 81 -17.76 -23.19 24.67
CA LEU G 81 -17.48 -22.28 25.76
C LEU G 81 -18.59 -22.40 26.81
N PRO G 82 -18.26 -22.23 28.09
CA PRO G 82 -19.30 -22.29 29.12
C PRO G 82 -20.33 -21.18 28.95
N ARG G 83 -21.56 -21.48 29.39
CA ARG G 83 -22.67 -20.56 29.18
C ARG G 83 -22.43 -19.21 29.86
N ASP G 84 -21.93 -19.26 31.10
CA ASP G 84 -21.75 -18.05 31.91
C ASP G 84 -20.28 -17.65 31.93
N ILE G 85 -20.02 -16.34 31.83
CA ILE G 85 -18.65 -15.85 31.82
C ILE G 85 -18.00 -16.00 33.19
N ARG G 86 -18.80 -16.01 34.25
CA ARG G 86 -18.25 -16.26 35.59
C ARG G 86 -17.66 -17.67 35.67
N GLU G 87 -18.33 -18.64 35.04
CA GLU G 87 -17.82 -20.00 34.99
C GLU G 87 -16.59 -20.11 34.12
N PHE G 88 -16.50 -19.27 33.08
CA PHE G 88 -15.31 -19.23 32.26
C PHE G 88 -14.10 -18.74 33.05
N ALA G 89 -14.29 -17.69 33.86
CA ALA G 89 -13.19 -17.16 34.64
C ALA G 89 -12.70 -18.17 35.67
N ASP G 90 -13.62 -18.93 36.26
CA ASP G 90 -13.25 -19.91 37.27
C ASP G 90 -12.43 -21.06 36.70
N LEU G 91 -12.42 -21.25 35.39
CA LEU G 91 -11.76 -22.36 34.75
C LEU G 91 -10.35 -22.05 34.27
N ALA G 92 -9.85 -20.83 34.50
CA ALA G 92 -8.55 -20.43 33.99
C ALA G 92 -7.45 -21.34 34.54
N SER G 93 -6.57 -21.78 33.64
CA SER G 93 -5.49 -22.68 34.05
C SER G 93 -4.43 -21.97 34.89
N CYS G 94 -4.47 -20.64 34.85
CA CYS G 94 -3.52 -19.80 35.65
CA CYS G 94 -3.52 -19.82 35.67
C CYS G 94 -4.18 -18.85 36.68
N ARG G 95 -3.49 -18.70 37.81
CA ARG G 95 -3.97 -17.79 38.83
C ARG G 95 -4.11 -16.40 38.24
N ASP G 96 -5.04 -15.62 38.79
CA ASP G 96 -5.30 -14.29 38.27
C ASP G 96 -4.08 -13.40 38.44
N ALA G 97 -3.72 -12.68 37.37
CA ALA G 97 -2.61 -11.72 37.42
C ALA G 97 -3.11 -10.45 38.09
N TYR G 98 -3.36 -10.56 39.39
CA TYR G 98 -3.84 -9.44 40.18
C TYR G 98 -2.76 -8.37 40.30
N LEU G 99 -3.21 -7.12 40.40
CA LEU G 99 -2.27 -6.04 40.64
C LEU G 99 -1.69 -6.19 42.05
N PRO G 100 -0.37 -6.01 42.21
CA PRO G 100 0.24 -6.18 43.53
C PRO G 100 -0.26 -5.13 44.52
N GLU G 101 -0.19 -5.49 45.80
CA GLU G 101 -0.61 -4.56 46.85
C GLU G 101 0.22 -3.29 46.81
N GLU G 102 1.51 -3.40 46.50
CA GLU G 102 2.36 -2.26 46.21
C GLU G 102 2.75 -2.33 44.74
N PRO G 103 2.11 -1.57 43.86
CA PRO G 103 2.33 -1.69 42.42
C PRO G 103 3.61 -1.03 41.91
N THR G 104 4.74 -1.41 42.49
CA THR G 104 6.02 -1.00 41.94
C THR G 104 6.28 -1.72 40.63
N ILE G 105 7.23 -1.20 39.85
CA ILE G 105 7.55 -1.78 38.55
C ILE G 105 8.09 -3.19 38.70
N GLU G 106 8.92 -3.42 39.72
CA GLU G 106 9.49 -4.75 39.92
C GLU G 106 8.46 -5.73 40.46
N ASN G 107 7.46 -5.24 41.21
CA ASN G 107 6.41 -6.13 41.68
C ASN G 107 5.44 -6.48 40.56
N ILE G 108 5.17 -5.52 39.67
CA ILE G 108 4.34 -5.82 38.51
C ILE G 108 5.05 -6.80 37.58
N LEU G 109 6.35 -6.62 37.40
CA LEU G 109 7.12 -7.52 36.53
C LEU G 109 7.12 -8.94 37.07
N LYS G 110 7.13 -9.08 38.41
CA LYS G 110 7.02 -10.40 39.01
C LYS G 110 5.70 -11.06 38.66
N VAL G 111 4.61 -10.29 38.71
CA VAL G 111 3.28 -10.82 38.40
C VAL G 111 3.22 -11.26 36.94
N LEU G 112 3.76 -10.44 36.03
CA LEU G 112 3.78 -10.80 34.63
C LEU G 112 4.63 -12.05 34.38
N LEU G 113 5.75 -12.18 35.09
CA LEU G 113 6.61 -13.33 34.89
C LEU G 113 5.92 -14.63 35.31
N GLU G 114 5.23 -14.63 36.45
CA GLU G 114 4.51 -15.82 36.87
C GLU G 114 3.35 -16.15 35.94
N ALA G 115 2.74 -15.12 35.34
CA ALA G 115 1.63 -15.36 34.43
C ALA G 115 2.10 -16.04 33.16
N GLU G 116 3.28 -15.67 32.65
CA GLU G 116 3.77 -16.22 31.40
C GLU G 116 4.54 -17.51 31.59
N ARG G 117 5.07 -17.77 32.78
CA ARG G 117 5.64 -19.08 33.07
C ARG G 117 4.55 -20.14 33.17
N CYS G 118 3.40 -19.75 33.71
CA CYS G 118 2.24 -20.68 33.75
CA CYS G 118 2.24 -20.68 33.75
C CYS G 118 1.68 -20.98 32.33
N ALA G 119 1.71 -19.95 31.49
CA ALA G 119 1.22 -20.13 30.12
C ALA G 119 2.15 -21.04 29.32
N VAL G 120 3.46 -20.91 29.51
CA VAL G 120 4.39 -21.84 28.87
C VAL G 120 4.14 -23.26 29.37
N GLY G 121 3.81 -23.40 30.65
CA GLY G 121 3.55 -24.72 31.19
C GLY G 121 2.30 -25.38 30.63
N VAL G 122 1.21 -24.60 30.48
CA VAL G 122 -0.05 -25.19 30.03
C VAL G 122 0.05 -25.61 28.57
N TYR G 123 0.74 -24.82 27.74
CA TYR G 123 0.84 -25.15 26.33
C TYR G 123 1.90 -26.21 26.06
N THR G 124 2.88 -26.36 26.97
CA THR G 124 3.76 -27.51 26.92
C THR G 124 3.02 -28.78 27.30
N GLU G 125 2.05 -28.66 28.22
CA GLU G 125 1.22 -29.79 28.58
C GLU G 125 0.36 -30.25 27.41
N ILE G 126 -0.18 -29.30 26.65
CA ILE G 126 -1.03 -29.65 25.51
C ILE G 126 -0.21 -30.27 24.40
N CYS G 127 0.97 -29.70 24.13
CA CYS G 127 1.85 -30.26 23.10
C CYS G 127 2.30 -31.66 23.46
N ASN G 128 2.67 -31.89 24.72
CA ASN G 128 3.07 -33.22 25.16
C ASN G 128 1.94 -34.22 25.10
N TYR G 129 0.69 -33.77 25.06
CA TYR G 129 -0.47 -34.64 25.05
C TYR G 129 -0.99 -34.92 23.64
N THR G 130 -0.74 -34.02 22.69
CA THR G 130 -1.21 -34.15 21.33
C THR G 130 -0.09 -34.44 20.34
N PHE G 131 1.09 -34.81 20.83
CA PHE G 131 2.26 -35.04 19.97
C PHE G 131 2.07 -36.35 19.21
N GLY G 132 1.89 -36.26 17.90
CA GLY G 132 1.73 -37.44 17.07
C GLY G 132 0.34 -38.04 17.07
N LYS G 133 -0.65 -37.38 17.67
CA LYS G 133 -2.00 -37.90 17.72
C LYS G 133 -3.03 -36.95 17.12
N ASP G 134 -3.02 -35.67 17.49
CA ASP G 134 -3.86 -34.64 16.89
C ASP G 134 -2.97 -33.56 16.32
N PRO G 135 -2.56 -33.69 15.05
CA PRO G 135 -1.61 -32.73 14.47
C PRO G 135 -2.11 -31.30 14.43
N ARG G 136 -3.42 -31.07 14.26
CA ARG G 136 -3.91 -29.69 14.27
C ARG G 136 -3.83 -29.07 15.66
N THR G 137 -4.24 -29.80 16.68
CA THR G 137 -4.17 -29.28 18.04
C THR G 137 -2.73 -29.06 18.47
N TYR G 138 -1.82 -29.95 18.05
CA TYR G 138 -0.40 -29.76 18.34
C TYR G 138 0.12 -28.49 17.69
N ASP G 139 -0.26 -28.24 16.44
CA ASP G 139 0.25 -27.09 15.72
C ASP G 139 -0.28 -25.79 16.30
N LEU G 140 -1.54 -25.76 16.74
CA LEU G 140 -2.08 -24.58 17.39
C LEU G 140 -1.38 -24.31 18.72
N ALA G 141 -1.19 -25.36 19.52
CA ALA G 141 -0.52 -25.19 20.82
C ALA G 141 0.93 -24.78 20.64
N LEU G 142 1.60 -25.31 19.63
CA LEU G 142 2.96 -24.91 19.33
C LEU G 142 3.04 -23.44 18.93
N ALA G 143 2.11 -22.98 18.10
CA ALA G 143 2.13 -21.59 17.67
C ALA G 143 1.97 -20.64 18.84
N ILE G 144 1.08 -20.97 19.79
CA ILE G 144 0.93 -20.15 20.98
C ILE G 144 2.14 -20.29 21.88
N LEU G 145 2.68 -21.50 22.01
CA LEU G 145 3.85 -21.73 22.85
C LEU G 145 5.05 -20.93 22.37
N HIS G 146 5.16 -20.70 21.06
CA HIS G 146 6.20 -19.82 20.55
C HIS G 146 6.07 -18.43 21.15
N GLU G 147 4.85 -17.90 21.19
CA GLU G 147 4.62 -16.54 21.65
C GLU G 147 4.67 -16.45 23.18
N GLU G 148 4.24 -17.51 23.86
CA GLU G 148 4.32 -17.52 25.32
C GLU G 148 5.76 -17.55 25.80
N ILE G 149 6.61 -18.31 25.10
CA ILE G 149 8.03 -18.36 25.44
C ILE G 149 8.66 -16.99 25.24
N GLU G 150 8.29 -16.29 24.16
CA GLU G 150 8.82 -14.96 23.92
C GLU G 150 8.30 -13.96 24.94
N HIS G 151 7.04 -14.10 25.36
CA HIS G 151 6.52 -13.24 26.42
C HIS G 151 7.28 -13.43 27.71
N GLU G 152 7.57 -14.69 28.07
CA GLU G 152 8.30 -14.97 29.30
C GLU G 152 9.70 -14.39 29.27
N ALA G 153 10.34 -14.40 28.10
CA ALA G 153 11.71 -13.91 27.99
C ALA G 153 11.76 -12.39 28.08
N TRP G 154 10.73 -11.70 27.61
CA TRP G 154 10.67 -10.24 27.78
C TRP G 154 10.68 -9.87 29.26
N PHE G 155 9.82 -10.51 30.05
CA PHE G 155 9.70 -10.14 31.46
C PHE G 155 10.84 -10.70 32.29
N GLU G 156 11.43 -11.82 31.90
CA GLU G 156 12.62 -12.34 32.57
C GLU G 156 13.83 -11.43 32.38
N GLU G 157 14.02 -10.91 31.18
CA GLU G 157 15.12 -9.98 30.94
C GLU G 157 14.94 -8.67 31.70
N LEU G 158 13.71 -8.15 31.71
CA LEU G 158 13.44 -6.89 32.41
C LEU G 158 13.62 -7.05 33.92
N LEU G 159 13.17 -8.18 34.47
CA LEU G 159 13.17 -8.36 35.92
C LEU G 159 14.53 -8.80 36.43
N THR G 160 15.17 -9.74 35.74
CA THR G 160 16.41 -10.35 36.22
C THR G 160 17.65 -9.88 35.48
N GLY G 161 17.54 -9.59 34.18
CA GLY G 161 18.70 -9.17 33.41
C GLY G 161 19.38 -10.27 32.64
N LYS G 162 18.77 -11.45 32.54
CA LYS G 162 19.35 -12.50 31.71
C LYS G 162 19.17 -12.16 30.23
N PRO G 163 20.23 -12.15 29.44
CA PRO G 163 20.08 -11.90 28.00
C PRO G 163 19.14 -12.91 27.37
N SER G 164 18.05 -12.41 26.79
CA SER G 164 17.05 -13.24 26.14
C SER G 164 17.10 -13.20 24.62
N GLY G 165 17.73 -12.17 24.05
CA GLY G 165 17.90 -12.08 22.62
C GLY G 165 16.69 -11.59 21.86
N HIS G 166 15.60 -11.23 22.54
CA HIS G 166 14.37 -10.87 21.87
C HIS G 166 14.24 -9.37 21.70
N PHE G 167 13.60 -8.97 20.61
CA PHE G 167 13.34 -7.58 20.29
C PHE G 167 11.85 -7.28 20.45
N ARG G 168 11.52 -6.00 20.46
CA ARG G 168 10.12 -5.61 20.62
C ARG G 168 9.36 -5.79 19.32
N ARG G 169 8.08 -6.13 19.43
CA ARG G 169 7.22 -6.24 18.27
C ARG G 169 7.11 -4.89 17.57
N GLY G 170 7.06 -4.92 16.23
CA GLY G 170 6.84 -3.69 15.50
C GLY G 170 5.49 -3.08 15.79
N LYS G 171 4.45 -3.91 15.85
CA LYS G 171 3.10 -3.50 16.20
C LYS G 171 2.57 -4.39 17.31
N PRO G 172 1.82 -3.85 18.28
CA PRO G 172 1.22 -4.69 19.30
C PRO G 172 0.24 -5.69 18.71
N GLY G 173 0.23 -6.90 19.26
CA GLY G 173 -0.67 -7.93 18.79
C GLY G 173 -0.37 -8.43 17.40
N GLU G 174 0.86 -8.28 16.93
CA GLU G 174 1.21 -8.71 15.58
C GLU G 174 1.10 -10.23 15.46
N SER G 175 1.46 -10.95 16.52
CA SER G 175 1.30 -12.40 16.61
C SER G 175 1.93 -13.13 15.41
N PRO G 176 3.26 -13.16 15.32
CA PRO G 176 3.90 -13.75 14.14
C PRO G 176 3.65 -15.25 13.98
N TYR G 177 3.32 -15.95 15.07
CA TYR G 177 3.19 -17.41 15.02
C TYR G 177 1.75 -17.90 14.93
N VAL G 178 0.79 -17.20 15.54
CA VAL G 178 -0.59 -17.65 15.54
C VAL G 178 -1.41 -16.93 14.47
N SER G 179 -0.78 -16.13 13.61
CA SER G 179 -1.51 -15.34 12.63
C SER G 179 -2.24 -16.23 11.63
N LYS G 180 -1.64 -17.37 11.25
CA LYS G 180 -2.30 -18.26 10.30
C LYS G 180 -3.57 -18.88 10.87
N PHE G 181 -3.71 -18.90 12.20
CA PHE G 181 -4.92 -19.38 12.85
C PHE G 181 -5.96 -18.28 13.03
N LEU G 182 -5.63 -17.03 12.75
CA LEU G 182 -6.52 -15.91 12.96
C LEU G 182 -7.23 -15.54 11.65
N LYS G 183 -8.36 -14.86 11.81
CA LYS G 183 -9.17 -14.46 10.65
C LYS G 183 -8.91 -13.00 10.28
N ILE H 14 44.33 9.80 -7.60
CA ILE H 14 44.23 8.74 -6.62
C ILE H 14 44.93 7.46 -7.02
N ASP H 15 45.76 6.95 -6.13
CA ASP H 15 46.27 5.58 -6.20
C ASP H 15 45.12 4.65 -5.85
N VAL H 16 44.67 3.86 -6.82
CA VAL H 16 43.50 3.01 -6.62
C VAL H 16 43.79 1.92 -5.59
N GLU H 17 45.02 1.41 -5.56
CA GLU H 17 45.38 0.39 -4.56
C GLU H 17 45.24 0.94 -3.15
N LYS H 18 45.69 2.17 -2.91
CA LYS H 18 45.56 2.76 -1.58
C LYS H 18 44.10 2.98 -1.22
N LEU H 19 43.27 3.36 -2.18
CA LEU H 19 41.85 3.52 -1.92
C LEU H 19 41.16 2.17 -1.77
N LEU H 20 41.62 1.15 -2.49
CA LEU H 20 41.04 -0.18 -2.34
C LEU H 20 41.34 -0.74 -0.95
N GLU H 21 42.53 -0.47 -0.42
CA GLU H 21 42.84 -0.88 0.94
C GLU H 21 41.92 -0.21 1.96
N LEU H 22 41.66 1.09 1.79
CA LEU H 22 40.81 1.80 2.72
C LEU H 22 39.38 1.28 2.69
N LEU H 23 38.87 0.97 1.50
CA LEU H 23 37.50 0.49 1.38
C LEU H 23 37.35 -0.94 1.87
N ILE H 24 38.37 -1.78 1.68
CA ILE H 24 38.32 -3.15 2.18
C ILE H 24 38.41 -3.16 3.70
N LYS H 25 39.30 -2.33 4.26
CA LYS H 25 39.39 -2.22 5.71
C LYS H 25 38.10 -1.65 6.30
N ALA H 26 37.48 -0.70 5.59
CA ALA H 26 36.21 -0.14 6.05
C ALA H 26 35.10 -1.19 6.02
N ALA H 27 35.05 -1.99 4.96
CA ALA H 27 34.03 -3.03 4.86
C ALA H 27 34.25 -4.11 5.91
N ALA H 28 35.51 -4.43 6.20
CA ALA H 28 35.81 -5.37 7.28
C ALA H 28 35.33 -4.84 8.62
N ALA H 29 35.48 -3.53 8.84
CA ALA H 29 34.96 -2.93 10.05
C ALA H 29 33.44 -3.05 10.12
N GLU H 30 32.76 -2.83 9.00
CA GLU H 30 31.30 -2.93 8.98
C GLU H 30 30.84 -4.36 9.24
N PHE H 31 31.53 -5.34 8.64
CA PHE H 31 31.13 -6.73 8.79
C PHE H 31 31.29 -7.21 10.22
N THR H 32 32.44 -6.94 10.84
CA THR H 32 32.67 -7.36 12.22
C THR H 32 31.77 -6.59 13.18
N THR H 33 31.48 -5.33 12.90
CA THR H 33 30.56 -4.55 13.73
C THR H 33 29.17 -5.20 13.74
N TYR H 34 28.74 -5.73 12.61
CA TYR H 34 27.44 -6.38 12.52
C TYR H 34 27.36 -7.61 13.42
N TYR H 35 28.49 -8.28 13.65
CA TYR H 35 28.52 -9.40 14.57
C TYR H 35 28.65 -8.95 16.01
N TYR H 36 29.54 -7.98 16.27
CA TYR H 36 29.81 -7.58 17.64
C TYR H 36 28.67 -6.78 18.24
N TYR H 37 27.92 -6.03 17.43
CA TYR H 37 26.75 -5.34 17.94
C TYR H 37 25.63 -6.32 18.28
N THR H 38 25.63 -7.49 17.65
CA THR H 38 24.65 -8.51 18.02
C THR H 38 24.85 -8.95 19.47
N ILE H 39 26.10 -9.15 19.88
CA ILE H 39 26.37 -9.50 21.28
C ILE H 39 26.03 -8.33 22.19
N LEU H 40 26.38 -7.11 21.78
CA LEU H 40 26.15 -5.93 22.61
C LEU H 40 24.66 -5.68 22.81
N ARG H 41 23.86 -5.87 21.75
CA ARG H 41 22.42 -5.74 21.87
C ARG H 41 21.86 -6.69 22.93
N ASN H 42 22.31 -7.94 22.91
CA ASN H 42 21.71 -8.97 23.75
C ASN H 42 22.01 -8.74 25.23
N HIS H 43 23.11 -8.07 25.54
CA HIS H 43 23.48 -7.80 26.92
C HIS H 43 23.00 -6.44 27.40
N ALA H 44 22.23 -5.72 26.60
CA ALA H 44 21.59 -4.48 27.04
C ALA H 44 20.28 -4.83 27.73
N THR H 45 20.41 -5.48 28.88
CA THR H 45 19.30 -6.07 29.60
C THR H 45 18.82 -5.14 30.71
N GLY H 46 17.73 -5.53 31.36
CA GLY H 46 17.17 -4.74 32.43
C GLY H 46 16.31 -3.60 31.93
N LEU H 47 15.91 -2.75 32.87
CA LEU H 47 15.08 -1.59 32.53
C LEU H 47 15.88 -0.53 31.80
N GLU H 48 17.15 -0.33 32.19
CA GLU H 48 17.99 0.63 31.50
C GLU H 48 18.26 0.21 30.07
N GLY H 49 18.55 -1.08 29.85
CA GLY H 49 18.93 -1.54 28.53
C GLY H 49 17.81 -1.58 27.52
N GLU H 50 16.56 -1.65 27.97
CA GLU H 50 15.43 -1.67 27.05
C GLU H 50 15.38 -0.40 26.20
N ALA H 51 15.81 0.73 26.77
CA ALA H 51 15.80 1.99 26.03
C ALA H 51 16.83 1.98 24.91
N ILE H 52 17.99 1.35 25.13
CA ILE H 52 19.07 1.40 24.16
C ILE H 52 19.10 0.21 23.21
N LYS H 53 18.22 -0.78 23.39
CA LYS H 53 18.26 -1.97 22.55
C LYS H 53 17.93 -1.64 21.10
N GLU H 54 16.90 -0.83 20.88
CA GLU H 54 16.55 -0.45 19.51
C GLU H 54 17.56 0.52 18.91
N ILE H 55 18.27 1.26 19.76
CA ILE H 55 19.32 2.15 19.25
C ILE H 55 20.50 1.33 18.74
N ILE H 56 20.89 0.29 19.49
CA ILE H 56 21.92 -0.63 19.02
C ILE H 56 21.44 -1.37 17.78
N GLU H 57 20.17 -1.78 17.77
CA GLU H 57 19.61 -2.46 16.61
C GLU H 57 19.59 -1.56 15.38
N ASP H 58 19.30 -0.27 15.57
CA ASP H 58 19.34 0.66 14.45
C ASP H 58 20.72 0.74 13.84
N ALA H 59 21.75 0.85 14.68
CA ALA H 59 23.11 1.01 14.18
C ALA H 59 23.62 -0.28 13.55
N ARG H 60 23.29 -1.43 14.15
CA ARG H 60 23.82 -2.70 13.67
C ARG H 60 23.29 -3.03 12.28
N LEU H 61 22.01 -2.77 12.03
CA LEU H 61 21.42 -3.08 10.73
C LEU H 61 21.88 -2.08 9.67
N GLU H 62 22.17 -0.84 10.07
CA GLU H 62 22.71 0.13 9.12
C GLU H 62 24.17 -0.17 8.80
N ASP H 63 24.93 -0.62 9.80
CA ASP H 63 26.32 -1.02 9.56
C ASP H 63 26.39 -2.23 8.65
N ARG H 64 25.39 -3.11 8.72
CA ARG H 64 25.30 -4.20 7.77
C ARG H 64 24.99 -3.69 6.36
N ASN H 65 24.17 -2.64 6.27
CA ASN H 65 23.91 -2.01 4.98
C ASN H 65 25.15 -1.33 4.43
N HIS H 66 26.01 -0.80 5.30
CA HIS H 66 27.24 -0.17 4.85
C HIS H 66 28.17 -1.19 4.21
N PHE H 67 28.20 -2.41 4.74
CA PHE H 67 28.95 -3.48 4.11
C PHE H 67 28.34 -3.84 2.75
N GLU H 68 27.01 -3.83 2.66
CA GLU H 68 26.32 -4.14 1.42
C GLU H 68 26.54 -3.08 0.34
N ALA H 69 26.86 -1.85 0.72
CA ALA H 69 27.11 -0.80 -0.26
C ALA H 69 28.58 -0.65 -0.60
N LEU H 70 29.47 -1.01 0.32
CA LEU H 70 30.90 -0.88 0.07
C LEU H 70 31.41 -1.96 -0.88
N VAL H 71 30.88 -3.18 -0.77
CA VAL H 71 31.38 -4.29 -1.57
C VAL H 71 31.22 -4.06 -3.06
N PRO H 72 30.06 -3.60 -3.57
CA PRO H 72 29.97 -3.33 -5.02
C PRO H 72 31.01 -2.33 -5.51
N ARG H 73 31.31 -1.30 -4.72
CA ARG H 73 32.29 -0.31 -5.14
C ARG H 73 33.70 -0.91 -5.22
N ILE H 74 34.02 -1.84 -4.31
CA ILE H 74 35.33 -2.48 -4.34
C ILE H 74 35.54 -3.24 -5.64
N TYR H 75 34.48 -3.90 -6.12
CA TYR H 75 34.58 -4.70 -7.34
C TYR H 75 34.53 -3.83 -8.60
N GLU H 76 33.84 -2.68 -8.56
CA GLU H 76 33.93 -1.74 -9.67
C GLU H 76 35.36 -1.22 -9.85
N LEU H 77 36.08 -1.04 -8.75
CA LEU H 77 37.42 -0.46 -8.80
C LEU H 77 38.50 -1.50 -9.09
N GLY H 78 38.13 -2.76 -9.28
CA GLY H 78 39.10 -3.80 -9.52
C GLY H 78 39.59 -4.53 -8.30
N GLY H 79 39.02 -4.26 -7.13
CA GLY H 79 39.37 -4.96 -5.92
C GLY H 79 38.46 -6.15 -5.66
N GLU H 80 38.88 -6.97 -4.70
CA GLU H 80 38.11 -8.14 -4.33
C GLU H 80 38.15 -8.32 -2.82
N LEU H 81 37.09 -8.94 -2.29
CA LEU H 81 37.10 -9.36 -0.90
C LEU H 81 38.14 -10.46 -0.71
N PRO H 82 38.79 -10.50 0.45
CA PRO H 82 39.78 -11.57 0.69
C PRO H 82 39.13 -12.94 0.68
N ARG H 83 39.92 -13.93 0.28
CA ARG H 83 39.40 -15.29 0.10
C ARG H 83 38.87 -15.86 1.41
N ASP H 84 39.58 -15.65 2.50
CA ASP H 84 39.24 -16.22 3.80
C ASP H 84 38.61 -15.16 4.69
N ILE H 85 37.55 -15.56 5.41
CA ILE H 85 36.86 -14.62 6.28
C ILE H 85 37.71 -14.27 7.49
N ARG H 86 38.63 -15.16 7.90
CA ARG H 86 39.56 -14.83 8.97
C ARG H 86 40.46 -13.67 8.56
N GLU H 87 40.91 -13.66 7.30
CA GLU H 87 41.71 -12.56 6.78
C GLU H 87 40.89 -11.28 6.66
N PHE H 88 39.59 -11.42 6.38
CA PHE H 88 38.71 -10.26 6.36
C PHE H 88 38.60 -9.62 7.74
N ALA H 89 38.46 -10.45 8.78
CA ALA H 89 38.33 -9.92 10.13
C ALA H 89 39.60 -9.21 10.57
N ASP H 90 40.76 -9.76 10.21
CA ASP H 90 42.03 -9.15 10.60
C ASP H 90 42.26 -7.79 9.97
N LEU H 91 41.51 -7.44 8.93
CA LEU H 91 41.70 -6.22 8.17
C LEU H 91 40.82 -5.08 8.63
N ALA H 92 40.03 -5.27 9.68
CA ALA H 92 39.08 -4.25 10.10
C ALA H 92 39.80 -2.98 10.53
N SER H 93 39.29 -1.84 10.05
CA SER H 93 39.91 -0.56 10.34
C SER H 93 39.74 -0.16 11.81
N CYS H 94 38.75 -0.76 12.45
CA CYS H 94 38.48 -0.52 13.90
CA CYS H 94 38.50 -0.51 13.92
C CYS H 94 38.62 -1.75 14.84
N ARG H 95 39.09 -1.48 16.05
CA ARG H 95 39.25 -2.54 17.02
C ARG H 95 37.91 -3.22 17.28
N ASP H 96 37.96 -4.49 17.63
CA ASP H 96 36.73 -5.26 17.84
C ASP H 96 35.92 -4.67 18.98
N ALA H 97 34.63 -4.47 18.75
CA ALA H 97 33.72 -4.00 19.79
C ALA H 97 33.35 -5.17 20.70
N TYR H 98 34.35 -5.61 21.46
CA TYR H 98 34.19 -6.72 22.39
C TYR H 98 33.24 -6.34 23.51
N LEU H 99 32.55 -7.34 24.05
CA LEU H 99 31.73 -7.12 25.22
C LEU H 99 32.63 -6.82 26.42
N PRO H 100 32.28 -5.82 27.22
CA PRO H 100 33.13 -5.46 28.37
C PRO H 100 33.19 -6.59 29.41
N GLU H 101 34.28 -6.61 30.16
CA GLU H 101 34.44 -7.60 31.22
C GLU H 101 33.33 -7.48 32.25
N GLU H 102 32.90 -6.25 32.55
CA GLU H 102 31.69 -6.01 33.32
C GLU H 102 30.67 -5.36 32.39
N PRO H 103 29.70 -6.11 31.86
CA PRO H 103 28.78 -5.59 30.85
C PRO H 103 27.64 -4.74 31.42
N THR H 104 28.00 -3.66 32.10
CA THR H 104 27.00 -2.68 32.50
C THR H 104 26.57 -1.87 31.29
N ILE H 105 25.46 -1.14 31.47
CA ILE H 105 24.93 -0.33 30.37
C ILE H 105 25.90 0.77 29.99
N GLU H 106 26.52 1.42 30.98
CA GLU H 106 27.47 2.49 30.68
C GLU H 106 28.76 1.95 30.08
N ASN H 107 29.19 0.75 30.48
CA ASN H 107 30.37 0.14 29.89
C ASN H 107 30.11 -0.29 28.46
N ILE H 108 28.91 -0.79 28.17
CA ILE H 108 28.54 -1.14 26.80
C ILE H 108 28.45 0.12 25.95
N LEU H 109 27.91 1.20 26.51
CA LEU H 109 27.81 2.45 25.78
C LEU H 109 29.19 3.00 25.44
N LYS H 110 30.15 2.82 26.35
CA LYS H 110 31.53 3.24 26.06
C LYS H 110 32.09 2.48 24.87
N VAL H 111 31.83 1.18 24.80
CA VAL H 111 32.31 0.37 23.68
C VAL H 111 31.66 0.82 22.38
N LEU H 112 30.35 1.09 22.41
CA LEU H 112 29.67 1.57 21.22
C LEU H 112 30.18 2.95 20.79
N LEU H 113 30.47 3.81 21.75
CA LEU H 113 30.94 5.15 21.42
C LEU H 113 32.30 5.09 20.72
N GLU H 114 33.22 4.26 21.21
CA GLU H 114 34.53 4.15 20.57
C GLU H 114 34.43 3.49 19.20
N ALA H 115 33.46 2.60 19.02
CA ALA H 115 33.29 1.95 17.73
C ALA H 115 32.83 2.94 16.66
N GLU H 116 31.94 3.85 17.03
CA GLU H 116 31.38 4.79 16.07
C GLU H 116 32.25 6.03 15.87
N ARG H 117 33.06 6.40 16.87
CA ARG H 117 34.04 7.46 16.66
C ARG H 117 35.11 7.03 15.67
N CYS H 118 35.51 5.76 15.75
CA CYS H 118 36.47 5.21 14.76
CA CYS H 118 36.47 5.21 14.76
C CYS H 118 35.89 5.16 13.32
N ALA H 119 34.60 4.83 13.27
CA ALA H 119 33.95 4.75 11.97
C ALA H 119 33.84 6.14 11.33
N VAL H 120 33.56 7.17 12.13
CA VAL H 120 33.57 8.53 11.61
C VAL H 120 34.95 8.89 11.11
N GLY H 121 35.99 8.43 11.81
CA GLY H 121 37.35 8.74 11.39
C GLY H 121 37.75 8.08 10.08
N VAL H 122 37.36 6.83 9.88
CA VAL H 122 37.78 6.11 8.67
C VAL H 122 37.08 6.67 7.43
N TYR H 123 35.81 7.04 7.58
CA TYR H 123 35.06 7.56 6.43
C TYR H 123 35.41 9.03 6.16
N THR H 124 35.85 9.75 7.18
CA THR H 124 36.43 11.07 6.96
C THR H 124 37.76 10.96 6.22
N GLU H 125 38.52 9.90 6.49
CA GLU H 125 39.77 9.66 5.78
C GLU H 125 39.51 9.36 4.31
N ILE H 126 38.47 8.59 4.00
CA ILE H 126 38.16 8.27 2.61
C ILE H 126 37.63 9.50 1.89
N CYS H 127 36.76 10.27 2.53
CA CYS H 127 36.26 11.50 1.92
C CYS H 127 37.39 12.50 1.68
N ASN H 128 38.30 12.66 2.64
CA ASN H 128 39.43 13.56 2.45
C ASN H 128 40.38 13.09 1.36
N TYR H 129 40.32 11.83 0.97
CA TYR H 129 41.22 11.26 -0.02
C TYR H 129 40.61 11.23 -1.42
N THR H 130 39.28 11.14 -1.52
CA THR H 130 38.58 11.07 -2.78
C THR H 130 37.86 12.38 -3.13
N PHE H 131 38.22 13.49 -2.48
CA PHE H 131 37.53 14.75 -2.69
C PHE H 131 38.01 15.38 -3.99
N GLY H 132 37.13 15.43 -4.99
CA GLY H 132 37.46 16.01 -6.27
C GLY H 132 38.21 15.11 -7.22
N LYS H 133 38.37 13.83 -6.89
CA LYS H 133 39.12 12.91 -7.74
C LYS H 133 38.33 11.67 -8.12
N ASP H 134 37.62 11.06 -7.17
CA ASP H 134 36.71 9.94 -7.43
C ASP H 134 35.34 10.31 -6.88
N PRO H 135 34.51 10.97 -7.69
CA PRO H 135 33.21 11.44 -7.19
C PRO H 135 32.28 10.34 -6.71
N ARG H 136 32.32 9.16 -7.31
CA ARG H 136 31.46 8.08 -6.82
C ARG H 136 31.92 7.57 -5.46
N THR H 137 33.23 7.36 -5.29
CA THR H 137 33.73 6.91 -3.99
C THR H 137 33.50 7.95 -2.91
N TYR H 138 33.62 9.24 -3.26
CA TYR H 138 33.33 10.29 -2.30
C TYR H 138 31.86 10.25 -1.87
N ASP H 139 30.96 10.06 -2.82
CA ASP H 139 29.53 10.11 -2.52
C ASP H 139 29.11 8.92 -1.68
N LEU H 140 29.70 7.74 -1.91
CA LEU H 140 29.40 6.58 -1.09
C LEU H 140 29.94 6.78 0.34
N ALA H 141 31.17 7.27 0.46
CA ALA H 141 31.74 7.50 1.78
C ALA H 141 30.98 8.58 2.53
N LEU H 142 30.53 9.62 1.82
CA LEU H 142 29.71 10.65 2.44
C LEU H 142 28.38 10.10 2.95
N ALA H 143 27.74 9.24 2.16
CA ALA H 143 26.46 8.67 2.58
C ALA H 143 26.61 7.84 3.85
N ILE H 144 27.70 7.07 3.95
CA ILE H 144 27.96 6.31 5.16
C ILE H 144 28.36 7.24 6.29
N LEU H 145 29.16 8.26 5.99
CA LEU H 145 29.59 9.21 7.02
C LEU H 145 28.41 9.95 7.63
N HIS H 146 27.36 10.18 6.85
CA HIS H 146 26.14 10.75 7.42
C HIS H 146 25.58 9.85 8.51
N GLU H 147 25.58 8.55 8.28
CA GLU H 147 24.97 7.62 9.21
C GLU H 147 25.89 7.31 10.39
N GLU H 148 27.21 7.30 10.15
CA GLU H 148 28.14 7.09 11.25
C GLU H 148 28.13 8.26 12.21
N ILE H 149 27.99 9.48 11.70
CA ILE H 149 27.89 10.67 12.54
C ILE H 149 26.62 10.59 13.39
N GLU H 150 25.52 10.14 12.80
CA GLU H 150 24.28 9.99 13.55
C GLU H 150 24.38 8.87 14.57
N HIS H 151 25.06 7.78 14.23
CA HIS H 151 25.26 6.70 15.21
C HIS H 151 26.08 7.21 16.40
N GLU H 152 27.14 7.98 16.13
CA GLU H 152 27.98 8.49 17.20
C GLU H 152 27.20 9.41 18.14
N ALA H 153 26.29 10.20 17.58
CA ALA H 153 25.55 11.15 18.39
C ALA H 153 24.52 10.45 19.27
N TRP H 154 23.97 9.32 18.82
CA TRP H 154 23.07 8.55 19.66
C TRP H 154 23.77 8.08 20.93
N PHE H 155 24.94 7.48 20.78
CA PHE H 155 25.65 6.92 21.93
C PHE H 155 26.32 8.00 22.77
N GLU H 156 26.69 9.12 22.16
CA GLU H 156 27.23 10.25 22.91
C GLU H 156 26.17 10.91 23.79
N GLU H 157 24.94 11.00 23.30
CA GLU H 157 23.86 11.56 24.11
C GLU H 157 23.48 10.63 25.25
N LEU H 158 23.45 9.32 24.99
CA LEU H 158 23.08 8.36 26.03
C LEU H 158 24.14 8.28 27.12
N LEU H 159 25.41 8.31 26.73
CA LEU H 159 26.49 8.13 27.69
C LEU H 159 26.81 9.43 28.44
N THR H 160 26.84 10.55 27.73
CA THR H 160 27.26 11.82 28.31
C THR H 160 26.12 12.79 28.57
N GLY H 161 25.09 12.79 27.75
CA GLY H 161 23.99 13.72 27.93
C GLY H 161 24.09 14.99 27.13
N LYS H 162 25.01 15.06 26.17
CA LYS H 162 25.08 16.24 25.33
C LYS H 162 23.94 16.23 24.32
N PRO H 163 23.16 17.30 24.23
CA PRO H 163 22.07 17.34 23.24
C PRO H 163 22.60 17.16 21.83
N SER H 164 22.10 16.14 21.14
CA SER H 164 22.52 15.83 19.78
C SER H 164 21.46 16.09 18.73
N GLY H 165 20.19 16.25 19.13
CA GLY H 165 19.14 16.59 18.21
C GLY H 165 18.63 15.47 17.34
N HIS H 166 19.09 14.24 17.57
CA HIS H 166 18.72 13.12 16.72
C HIS H 166 17.59 12.31 17.33
N PHE H 167 16.67 11.89 16.47
CA PHE H 167 15.55 11.05 16.85
C PHE H 167 15.81 9.62 16.43
N ARG H 168 15.00 8.70 16.95
CA ARG H 168 15.16 7.30 16.62
C ARG H 168 14.62 7.01 15.23
N ARG H 169 15.21 6.02 14.57
CA ARG H 169 14.73 5.58 13.27
C ARG H 169 13.33 5.00 13.39
N GLY H 170 12.52 5.21 12.36
CA GLY H 170 11.21 4.58 12.33
C GLY H 170 11.30 3.06 12.26
N LYS H 171 12.21 2.56 11.44
CA LYS H 171 12.47 1.13 11.32
C LYS H 171 13.97 0.87 11.45
N PRO H 172 14.36 -0.26 12.05
CA PRO H 172 15.79 -0.58 12.11
C PRO H 172 16.37 -0.79 10.72
N GLY H 173 17.60 -0.31 10.54
CA GLY H 173 18.27 -0.43 9.26
C GLY H 173 17.61 0.31 8.13
N GLU H 174 16.89 1.40 8.43
CA GLU H 174 16.21 2.16 7.38
C GLU H 174 17.23 2.81 6.45
N SER H 175 18.37 3.21 6.98
CA SER H 175 19.48 3.75 6.20
C SER H 175 19.05 4.88 5.25
N PRO H 176 18.69 6.05 5.79
CA PRO H 176 18.17 7.12 4.93
C PRO H 176 19.18 7.63 3.90
N TYR H 177 20.47 7.51 4.18
CA TYR H 177 21.50 8.11 3.34
C TYR H 177 22.13 7.13 2.36
N VAL H 178 22.33 5.87 2.73
CA VAL H 178 22.97 4.90 1.86
C VAL H 178 21.94 4.07 1.08
N SER H 179 20.65 4.45 1.16
CA SER H 179 19.61 3.65 0.52
C SER H 179 19.79 3.62 -1.00
N LYS H 180 20.17 4.75 -1.60
CA LYS H 180 20.34 4.79 -3.04
C LYS H 180 21.46 3.88 -3.53
N PHE H 181 22.39 3.50 -2.65
CA PHE H 181 23.45 2.57 -2.98
C PHE H 181 23.05 1.11 -2.74
N LEU H 182 21.86 0.87 -2.20
CA LEU H 182 21.41 -0.46 -1.86
C LEU H 182 20.48 -1.01 -2.95
N LYS H 183 20.23 -2.32 -2.88
CA LYS H 183 19.40 -2.99 -3.87
C LYS H 183 18.06 -3.40 -3.26
N ILE I 14 32.42 29.60 -13.65
CA ILE I 14 31.87 28.90 -14.81
C ILE I 14 31.29 29.84 -15.85
N ASP I 15 31.71 29.62 -17.10
CA ASP I 15 31.03 30.18 -18.26
C ASP I 15 29.75 29.39 -18.47
N VAL I 16 28.60 30.04 -18.29
CA VAL I 16 27.33 29.34 -18.35
C VAL I 16 27.05 28.83 -19.77
N GLU I 17 27.49 29.58 -20.79
CA GLU I 17 27.30 29.13 -22.16
C GLU I 17 28.04 27.82 -22.43
N LYS I 18 29.26 27.70 -21.94
CA LYS I 18 30.00 26.45 -22.13
C LYS I 18 29.35 25.31 -21.37
N LEU I 19 28.83 25.58 -20.18
CA LEU I 19 28.13 24.54 -19.42
C LEU I 19 26.79 24.20 -20.05
N LEU I 20 26.11 25.18 -20.64
CA LEU I 20 24.84 24.90 -21.30
C LEU I 20 25.04 24.00 -22.51
N GLU I 21 26.13 24.20 -23.26
CA GLU I 21 26.44 23.32 -24.37
C GLU I 21 26.67 21.89 -23.90
N LEU I 22 27.42 21.71 -22.81
CA LEU I 22 27.71 20.37 -22.31
C LEU I 22 26.43 19.66 -21.88
N LEU I 23 25.53 20.38 -21.22
CA LEU I 23 24.30 19.76 -20.73
C LEU I 23 23.33 19.47 -21.85
N ILE I 24 23.29 20.32 -22.88
CA ILE I 24 22.41 20.07 -24.02
C ILE I 24 22.92 18.87 -24.82
N LYS I 25 24.23 18.79 -25.03
CA LYS I 25 24.80 17.64 -25.72
C LYS I 25 24.58 16.36 -24.92
N ALA I 26 24.68 16.45 -23.59
CA ALA I 26 24.41 15.29 -22.75
C ALA I 26 22.96 14.86 -22.83
N ALA I 27 22.03 15.83 -22.85
CA ALA I 27 20.61 15.49 -22.97
C ALA I 27 20.31 14.88 -24.34
N ALA I 28 20.97 15.37 -25.38
CA ALA I 28 20.80 14.78 -26.71
C ALA I 28 21.29 13.34 -26.73
N ALA I 29 22.38 13.06 -26.00
CA ALA I 29 22.87 11.69 -25.91
C ALA I 29 21.86 10.80 -25.21
N GLU I 30 21.25 11.28 -24.12
CA GLU I 30 20.26 10.49 -23.39
C GLU I 30 19.02 10.24 -24.25
N PHE I 31 18.58 11.24 -24.99
CA PHE I 31 17.37 11.10 -25.79
C PHE I 31 17.54 10.12 -26.94
N THR I 32 18.66 10.22 -27.66
CA THR I 32 18.92 9.27 -28.75
C THR I 32 19.17 7.86 -28.21
N THR I 33 19.81 7.76 -27.04
CA THR I 33 20.02 6.45 -26.42
C THR I 33 18.69 5.77 -26.12
N TYR I 34 17.70 6.54 -25.68
CA TYR I 34 16.40 5.98 -25.36
C TYR I 34 15.74 5.38 -26.60
N TYR I 35 16.05 5.89 -27.78
CA TYR I 35 15.55 5.30 -29.02
C TYR I 35 16.41 4.13 -29.47
N TYR I 36 17.73 4.30 -29.45
CA TYR I 36 18.62 3.27 -30.00
C TYR I 36 18.64 2.02 -29.12
N TYR I 37 18.49 2.17 -27.81
CA TYR I 37 18.40 1.00 -26.94
C TYR I 37 17.10 0.24 -27.17
N THR I 38 16.06 0.92 -27.65
CA THR I 38 14.82 0.23 -28.00
C THR I 38 15.07 -0.78 -29.12
N ILE I 39 15.83 -0.37 -30.14
CA ILE I 39 16.18 -1.30 -31.21
C ILE I 39 17.09 -2.40 -30.69
N LEU I 40 18.06 -2.03 -29.84
CA LEU I 40 19.01 -3.02 -29.32
C LEU I 40 18.31 -4.05 -28.44
N ARG I 41 17.34 -3.61 -27.64
CA ARG I 41 16.57 -4.54 -26.82
C ARG I 41 15.85 -5.57 -27.68
N ASN I 42 15.26 -5.13 -28.79
CA ASN I 42 14.41 -6.02 -29.58
C ASN I 42 15.22 -7.08 -30.30
N HIS I 43 16.50 -6.83 -30.57
CA HIS I 43 17.35 -7.80 -31.25
C HIS I 43 18.17 -8.65 -30.29
N ALA I 44 17.95 -8.50 -28.97
CA ALA I 44 18.57 -9.38 -27.99
C ALA I 44 17.71 -10.63 -27.82
N THR I 45 17.72 -11.45 -28.87
CA THR I 45 16.80 -12.57 -29.00
C THR I 45 17.52 -13.88 -28.67
N GLY I 46 16.75 -14.97 -28.66
CA GLY I 46 17.29 -16.27 -28.35
C GLY I 46 17.42 -16.50 -26.85
N LEU I 47 18.08 -17.62 -26.52
CA LEU I 47 18.29 -17.95 -25.11
C LEU I 47 19.34 -17.04 -24.47
N GLU I 48 20.39 -16.69 -25.23
CA GLU I 48 21.40 -15.78 -24.70
C GLU I 48 20.81 -14.39 -24.46
N GLY I 49 20.01 -13.89 -25.40
CA GLY I 49 19.51 -12.53 -25.30
C GLY I 49 18.46 -12.31 -24.25
N GLU I 50 17.77 -13.38 -23.82
CA GLU I 50 16.75 -13.22 -22.79
C GLU I 50 17.35 -12.75 -21.47
N ALA I 51 18.59 -13.11 -21.20
CA ALA I 51 19.24 -12.69 -19.96
C ALA I 51 19.59 -11.22 -19.99
N ILE I 52 19.94 -10.68 -21.16
CA ILE I 52 20.37 -9.29 -21.25
C ILE I 52 19.25 -8.33 -21.59
N LYS I 53 18.05 -8.83 -21.87
CA LYS I 53 16.95 -7.95 -22.28
C LYS I 53 16.57 -6.98 -21.17
N GLU I 54 16.41 -7.48 -19.95
CA GLU I 54 16.03 -6.62 -18.83
C GLU I 54 17.17 -5.69 -18.44
N ILE I 55 18.42 -6.08 -18.69
CA ILE I 55 19.54 -5.20 -18.40
C ILE I 55 19.56 -4.02 -19.37
N ILE I 56 19.30 -4.28 -20.65
CA ILE I 56 19.13 -3.20 -21.61
C ILE I 56 17.91 -2.35 -21.25
N GLU I 57 16.82 -3.02 -20.83
CA GLU I 57 15.62 -2.30 -20.44
C GLU I 57 15.87 -1.43 -19.21
N ASP I 58 16.66 -1.93 -18.25
CA ASP I 58 17.01 -1.12 -17.09
C ASP I 58 17.76 0.14 -17.49
N ALA I 59 18.74 -0.01 -18.40
CA ALA I 59 19.55 1.13 -18.79
C ALA I 59 18.75 2.12 -19.64
N ARG I 60 17.92 1.61 -20.55
CA ARG I 60 17.18 2.48 -21.45
C ARG I 60 16.19 3.37 -20.71
N LEU I 61 15.48 2.81 -19.73
CA LEU I 61 14.51 3.59 -18.99
C LEU I 61 15.17 4.57 -18.03
N GLU I 62 16.35 4.23 -17.52
CA GLU I 62 17.09 5.19 -16.70
C GLU I 62 17.69 6.29 -17.55
N ASP I 63 18.14 5.96 -18.76
CA ASP I 63 18.63 6.99 -19.68
C ASP I 63 17.52 7.94 -20.08
N ARG I 64 16.29 7.44 -20.19
CA ARG I 64 15.14 8.31 -20.40
C ARG I 64 14.92 9.23 -19.20
N ASN I 65 15.13 8.72 -17.99
CA ASN I 65 15.03 9.54 -16.80
C ASN I 65 16.13 10.59 -16.74
N HIS I 66 17.31 10.28 -17.30
CA HIS I 66 18.39 11.25 -17.30
C HIS I 66 18.06 12.45 -18.19
N PHE I 67 17.39 12.20 -19.31
CA PHE I 67 16.92 13.30 -20.15
C PHE I 67 15.87 14.13 -19.42
N GLU I 68 15.00 13.47 -18.65
CA GLU I 68 13.97 14.18 -17.91
C GLU I 68 14.54 15.01 -16.75
N ALA I 69 15.73 14.67 -16.27
CA ALA I 69 16.35 15.42 -15.19
C ALA I 69 17.26 16.53 -15.72
N LEU I 70 17.84 16.35 -16.90
CA LEU I 70 18.75 17.35 -17.45
C LEU I 70 18.00 18.57 -17.99
N VAL I 71 16.82 18.36 -18.56
CA VAL I 71 16.10 19.45 -19.21
C VAL I 71 15.69 20.55 -18.22
N PRO I 72 15.14 20.24 -17.05
CA PRO I 72 14.84 21.34 -16.11
C PRO I 72 16.05 22.17 -15.74
N ARG I 73 17.22 21.56 -15.60
CA ARG I 73 18.43 22.32 -15.27
C ARG I 73 18.84 23.24 -16.43
N ILE I 74 18.61 22.81 -17.67
CA ILE I 74 18.96 23.65 -18.82
C ILE I 74 18.13 24.93 -18.81
N TYR I 75 16.87 24.84 -18.39
CA TYR I 75 16.00 26.01 -18.41
C TYR I 75 16.21 26.91 -17.20
N GLU I 76 16.63 26.34 -16.05
CA GLU I 76 17.03 27.19 -14.93
C GLU I 76 18.24 28.05 -15.28
N LEU I 77 19.15 27.53 -16.09
CA LEU I 77 20.39 28.21 -16.41
C LEU I 77 20.24 29.18 -17.57
N GLY I 78 19.03 29.35 -18.11
CA GLY I 78 18.81 30.23 -19.23
C GLY I 78 18.96 29.59 -20.59
N GLY I 79 19.12 28.28 -20.66
CA GLY I 79 19.22 27.58 -21.92
C GLY I 79 17.88 27.02 -22.37
N GLU I 80 17.86 26.57 -23.62
CA GLU I 80 16.66 26.02 -24.21
C GLU I 80 17.03 24.84 -25.10
N LEU I 81 16.11 23.89 -25.19
CA LEU I 81 16.25 22.80 -26.14
C LEU I 81 16.17 23.37 -27.57
N PRO I 82 16.90 22.77 -28.51
CA PRO I 82 16.84 23.25 -29.89
C PRO I 82 15.43 23.12 -30.46
N ARG I 83 15.10 24.03 -31.37
CA ARG I 83 13.75 24.09 -31.92
C ARG I 83 13.38 22.80 -32.65
N ASP I 84 14.30 22.27 -33.44
CA ASP I 84 14.06 21.09 -34.26
C ASP I 84 14.69 19.86 -33.62
N ILE I 85 13.99 18.73 -33.70
CA ILE I 85 14.48 17.49 -33.11
C ILE I 85 15.64 16.91 -33.92
N ARG I 86 15.73 17.25 -35.21
CA ARG I 86 16.88 16.85 -36.00
C ARG I 86 18.15 17.52 -35.50
N GLU I 87 18.04 18.81 -35.14
CA GLU I 87 19.17 19.53 -34.56
C GLU I 87 19.54 18.97 -33.19
N PHE I 88 18.55 18.50 -32.43
CA PHE I 88 18.83 17.86 -31.15
C PHE I 88 19.62 16.57 -31.36
N ALA I 89 19.26 15.79 -32.37
CA ALA I 89 19.98 14.54 -32.61
C ALA I 89 21.42 14.79 -33.01
N ASP I 90 21.67 15.82 -33.82
CA ASP I 90 23.02 16.13 -34.26
C ASP I 90 23.92 16.59 -33.13
N LEU I 91 23.36 16.95 -31.98
CA LEU I 91 24.12 17.51 -30.87
C LEU I 91 24.51 16.45 -29.84
N ALA I 92 24.21 15.18 -30.09
CA ALA I 92 24.49 14.14 -29.11
C ALA I 92 25.99 14.05 -28.84
N SER I 93 26.36 13.98 -27.56
CA SER I 93 27.76 13.92 -27.17
C SER I 93 28.39 12.57 -27.49
N CYS I 94 27.54 11.57 -27.76
CA CYS I 94 28.01 10.22 -28.15
CA CYS I 94 28.02 10.21 -28.14
C CYS I 94 27.54 9.74 -29.55
N ARG I 95 28.39 8.92 -30.16
CA ARG I 95 28.03 8.33 -31.43
C ARG I 95 26.79 7.46 -31.26
N ASP I 96 25.99 7.39 -32.32
CA ASP I 96 24.73 6.66 -32.25
C ASP I 96 24.98 5.18 -31.99
N ALA I 97 24.24 4.63 -31.04
CA ALA I 97 24.32 3.20 -30.73
C ALA I 97 23.53 2.42 -31.79
N TYR I 98 24.09 2.43 -32.99
CA TYR I 98 23.47 1.74 -34.12
C TYR I 98 23.50 0.23 -33.91
N LEU I 99 22.51 -0.44 -34.47
CA LEU I 99 22.51 -1.89 -34.44
C LEU I 99 23.66 -2.43 -35.30
N PRO I 100 24.42 -3.41 -34.80
CA PRO I 100 25.55 -3.94 -35.58
C PRO I 100 25.09 -4.59 -36.87
N GLU I 101 25.99 -4.60 -37.85
CA GLU I 101 25.70 -5.24 -39.13
C GLU I 101 25.38 -6.72 -38.93
N GLU I 102 26.04 -7.37 -37.97
CA GLU I 102 25.70 -8.71 -37.54
C GLU I 102 25.23 -8.61 -36.10
N PRO I 103 23.91 -8.58 -35.84
CA PRO I 103 23.39 -8.35 -34.50
C PRO I 103 23.46 -9.58 -33.58
N THR I 104 24.67 -10.11 -33.40
CA THR I 104 24.90 -11.12 -32.39
C THR I 104 24.86 -10.49 -31.00
N ILE I 105 24.74 -11.34 -29.98
CA ILE I 105 24.65 -10.84 -28.61
C ILE I 105 25.94 -10.14 -28.21
N GLU I 106 27.10 -10.71 -28.58
CA GLU I 106 28.36 -10.10 -28.21
C GLU I 106 28.60 -8.79 -28.96
N ASN I 107 28.15 -8.71 -30.22
CA ASN I 107 28.31 -7.48 -30.98
C ASN I 107 27.38 -6.38 -30.45
N ILE I 108 26.17 -6.75 -30.03
CA ILE I 108 25.27 -5.79 -29.40
C ILE I 108 25.85 -5.31 -28.08
N LEU I 109 26.44 -6.23 -27.31
CA LEU I 109 27.04 -5.85 -26.03
C LEU I 109 28.20 -4.88 -26.22
N LYS I 110 28.97 -5.06 -27.31
CA LYS I 110 30.04 -4.13 -27.62
C LYS I 110 29.50 -2.73 -27.85
N VAL I 111 28.38 -2.63 -28.56
CA VAL I 111 27.76 -1.33 -28.82
C VAL I 111 27.29 -0.69 -27.52
N LEU I 112 26.65 -1.49 -26.65
CA LEU I 112 26.18 -0.97 -25.38
C LEU I 112 27.33 -0.53 -24.50
N LEU I 113 28.44 -1.26 -24.53
CA LEU I 113 29.60 -0.90 -23.71
C LEU I 113 30.19 0.43 -24.15
N GLU I 114 30.35 0.63 -25.46
CA GLU I 114 30.88 1.91 -25.94
C GLU I 114 29.92 3.06 -25.66
N ALA I 115 28.61 2.80 -25.68
CA ALA I 115 27.64 3.85 -25.40
C ALA I 115 27.72 4.32 -23.96
N GLU I 116 27.95 3.40 -23.02
CA GLU I 116 27.98 3.74 -21.61
C GLU I 116 29.35 4.22 -21.14
N ARG I 117 30.42 3.82 -21.83
CA ARG I 117 31.73 4.39 -21.54
C ARG I 117 31.79 5.86 -21.94
N CYS I 118 31.15 6.20 -23.06
CA CYS I 118 31.05 7.63 -23.48
CA CYS I 118 31.05 7.63 -23.48
C CYS I 118 30.22 8.48 -22.49
N ALA I 119 29.15 7.86 -22.00
CA ALA I 119 28.30 8.56 -21.05
C ALA I 119 29.03 8.81 -19.73
N VAL I 120 29.83 7.86 -19.27
CA VAL I 120 30.66 8.08 -18.09
C VAL I 120 31.64 9.21 -18.34
N GLY I 121 32.17 9.30 -19.56
CA GLY I 121 33.12 10.35 -19.87
C GLY I 121 32.50 11.74 -19.89
N VAL I 122 31.30 11.87 -20.45
CA VAL I 122 30.70 13.20 -20.58
C VAL I 122 30.28 13.75 -19.22
N TYR I 123 29.75 12.89 -18.35
CA TYR I 123 29.32 13.34 -17.03
C TYR I 123 30.51 13.54 -16.09
N THR I 124 31.61 12.82 -16.32
CA THR I 124 32.85 13.14 -15.62
C THR I 124 33.39 14.50 -16.05
N GLU I 125 33.21 14.83 -17.33
CA GLU I 125 33.61 16.15 -17.82
C GLU I 125 32.78 17.25 -17.18
N ILE I 126 31.48 17.03 -17.01
CA ILE I 126 30.61 18.03 -16.41
C ILE I 126 30.92 18.18 -14.92
N CYS I 127 31.14 17.07 -14.22
CA CYS I 127 31.52 17.14 -12.82
C CYS I 127 32.85 17.84 -12.63
N ASN I 128 33.83 17.54 -13.48
CA ASN I 128 35.13 18.19 -13.39
C ASN I 128 35.07 19.67 -13.73
N TYR I 129 33.99 20.13 -14.34
CA TYR I 129 33.83 21.53 -14.74
C TYR I 129 33.03 22.34 -13.74
N THR I 130 32.13 21.69 -13.00
CA THR I 130 31.25 22.35 -12.04
C THR I 130 31.63 22.03 -10.60
N PHE I 131 32.85 21.55 -10.35
CA PHE I 131 33.27 21.14 -9.02
C PHE I 131 33.57 22.38 -8.18
N GLY I 132 32.73 22.65 -7.19
CA GLY I 132 32.91 23.79 -6.32
C GLY I 132 32.48 25.11 -6.88
N LYS I 133 31.84 25.14 -8.04
CA LYS I 133 31.38 26.38 -8.65
C LYS I 133 29.88 26.44 -8.84
N ASP I 134 29.27 25.40 -9.41
CA ASP I 134 27.81 25.29 -9.50
C ASP I 134 27.40 24.01 -8.78
N PRO I 135 27.05 24.11 -7.50
CA PRO I 135 26.73 22.92 -6.71
C PRO I 135 25.52 22.13 -7.21
N ARG I 136 24.51 22.80 -7.77
CA ARG I 136 23.35 22.05 -8.28
C ARG I 136 23.70 21.28 -9.54
N THR I 137 24.43 21.91 -10.47
CA THR I 137 24.82 21.21 -11.68
C THR I 137 25.76 20.05 -11.38
N TYR I 138 26.64 20.23 -10.39
CA TYR I 138 27.53 19.13 -9.97
C TYR I 138 26.72 17.97 -9.42
N ASP I 139 25.72 18.27 -8.58
CA ASP I 139 24.96 17.21 -7.93
C ASP I 139 24.09 16.45 -8.93
N LEU I 140 23.57 17.14 -9.95
CA LEU I 140 22.80 16.46 -10.99
C LEU I 140 23.69 15.55 -11.83
N ALA I 141 24.86 16.05 -12.24
CA ALA I 141 25.77 15.25 -13.03
C ALA I 141 26.33 14.08 -12.23
N LEU I 142 26.54 14.27 -10.93
CA LEU I 142 26.98 13.18 -10.07
C LEU I 142 25.93 12.09 -9.97
N ALA I 143 24.66 12.47 -9.83
CA ALA I 143 23.59 11.48 -9.73
C ALA I 143 23.50 10.64 -11.00
N ILE I 144 23.64 11.27 -12.16
CA ILE I 144 23.63 10.53 -13.42
C ILE I 144 24.89 9.69 -13.56
N LEU I 145 26.04 10.25 -13.15
CA LEU I 145 27.29 9.51 -13.22
C LEU I 145 27.26 8.24 -12.38
N HIS I 146 26.51 8.25 -11.27
CA HIS I 146 26.32 7.04 -10.48
C HIS I 146 25.67 5.95 -11.32
N GLU I 147 24.68 6.32 -12.13
CA GLU I 147 23.91 5.32 -12.87
C GLU I 147 24.62 4.92 -14.15
N GLU I 148 25.35 5.84 -14.78
CA GLU I 148 26.13 5.50 -15.96
C GLU I 148 27.25 4.53 -15.63
N ILE I 149 27.90 4.71 -14.47
CA ILE I 149 28.93 3.80 -14.03
C ILE I 149 28.36 2.41 -13.79
N GLU I 150 27.18 2.35 -13.20
CA GLU I 150 26.51 1.06 -12.99
C GLU I 150 26.07 0.45 -14.32
N HIS I 151 25.62 1.26 -15.27
CA HIS I 151 25.29 0.74 -16.59
C HIS I 151 26.52 0.15 -17.27
N GLU I 152 27.66 0.85 -17.19
CA GLU I 152 28.88 0.36 -17.82
C GLU I 152 29.33 -0.95 -17.20
N ALA I 153 29.16 -1.09 -15.88
CA ALA I 153 29.60 -2.31 -15.21
C ALA I 153 28.72 -3.50 -15.57
N TRP I 154 27.43 -3.27 -15.81
CA TRP I 154 26.57 -4.36 -16.26
C TRP I 154 27.06 -4.95 -17.58
N PHE I 155 27.31 -4.09 -18.56
CA PHE I 155 27.71 -4.54 -19.89
C PHE I 155 29.16 -5.01 -19.93
N GLU I 156 30.03 -4.46 -19.10
CA GLU I 156 31.40 -4.95 -18.99
C GLU I 156 31.46 -6.36 -18.41
N GLU I 157 30.65 -6.63 -17.38
CA GLU I 157 30.63 -7.97 -16.80
C GLU I 157 30.06 -8.99 -17.77
N LEU I 158 28.99 -8.63 -18.49
CA LEU I 158 28.39 -9.55 -19.45
C LEU I 158 29.34 -9.85 -20.61
N LEU I 159 30.03 -8.83 -21.10
CA LEU I 159 30.87 -8.99 -22.28
C LEU I 159 32.22 -9.61 -21.94
N THR I 160 32.84 -9.17 -20.85
CA THR I 160 34.20 -9.57 -20.50
C THR I 160 34.28 -10.55 -19.34
N GLY I 161 33.38 -10.46 -18.37
CA GLY I 161 33.43 -11.32 -17.22
C GLY I 161 34.16 -10.77 -16.02
N LYS I 162 34.51 -9.50 -16.04
CA LYS I 162 35.14 -8.88 -14.88
C LYS I 162 34.10 -8.70 -13.77
N PRO I 163 34.37 -9.20 -12.56
CA PRO I 163 33.42 -9.01 -11.45
C PRO I 163 33.18 -7.53 -11.20
N SER I 164 31.91 -7.12 -11.32
CA SER I 164 31.51 -5.74 -11.11
C SER I 164 30.74 -5.53 -9.81
N GLY I 165 30.16 -6.57 -9.23
CA GLY I 165 29.48 -6.48 -7.98
C GLY I 165 28.08 -5.91 -8.03
N HIS I 166 27.56 -5.61 -9.21
CA HIS I 166 26.24 -5.00 -9.33
C HIS I 166 25.16 -6.03 -9.55
N PHE I 167 24.01 -5.78 -8.94
CA PHE I 167 22.82 -6.61 -9.07
C PHE I 167 21.82 -5.90 -9.98
N ARG I 168 20.84 -6.66 -10.45
CA ARG I 168 19.85 -6.11 -11.36
C ARG I 168 18.90 -5.20 -10.60
N ARG I 169 18.32 -4.23 -11.32
CA ARG I 169 17.30 -3.37 -10.73
C ARG I 169 16.04 -4.19 -10.43
N GLY I 170 15.41 -3.90 -9.30
CA GLY I 170 14.15 -4.55 -8.98
C GLY I 170 13.06 -4.21 -9.99
N LYS I 171 13.01 -2.95 -10.40
CA LYS I 171 12.07 -2.48 -11.41
C LYS I 171 12.81 -1.67 -12.47
N PRO I 172 12.44 -1.80 -13.74
CA PRO I 172 13.09 -0.99 -14.78
C PRO I 172 12.85 0.49 -14.57
N GLY I 173 13.88 1.28 -14.84
CA GLY I 173 13.80 2.72 -14.68
C GLY I 173 13.63 3.19 -13.26
N GLU I 174 14.08 2.39 -12.29
CA GLU I 174 13.91 2.75 -10.88
C GLU I 174 14.75 3.99 -10.53
N SER I 175 15.93 4.10 -11.13
CA SER I 175 16.78 5.27 -11.01
C SER I 175 17.05 5.67 -9.57
N PRO I 176 17.81 4.87 -8.82
CA PRO I 176 17.99 5.15 -7.38
C PRO I 176 18.70 6.47 -7.09
N TYR I 177 19.48 6.99 -8.03
CA TYR I 177 20.31 8.17 -7.78
C TYR I 177 19.71 9.46 -8.32
N VAL I 178 18.98 9.41 -9.43
CA VAL I 178 18.42 10.62 -10.03
C VAL I 178 16.95 10.80 -9.68
N SER I 179 16.40 9.98 -8.78
CA SER I 179 14.98 10.06 -8.45
C SER I 179 14.62 11.41 -7.84
N LYS I 180 15.49 11.94 -6.98
CA LYS I 180 15.20 13.22 -6.33
C LYS I 180 15.10 14.36 -7.32
N PHE I 181 15.71 14.23 -8.51
CA PHE I 181 15.60 15.22 -9.56
C PHE I 181 14.38 15.02 -10.45
N LEU I 182 13.65 13.92 -10.28
CA LEU I 182 12.51 13.59 -11.11
C LEU I 182 11.22 14.02 -10.45
N LYS I 183 10.14 13.98 -11.23
CA LYS I 183 8.84 14.44 -10.77
C LYS I 183 7.86 13.27 -10.62
N ILE J 14 -20.88 18.02 36.87
CA ILE J 14 -20.85 16.57 36.99
C ILE J 14 -20.15 16.07 38.23
N ASP J 15 -20.84 15.18 38.95
CA ASP J 15 -20.22 14.35 39.97
C ASP J 15 -19.39 13.28 39.25
N VAL J 16 -18.07 13.33 39.43
CA VAL J 16 -17.19 12.45 38.67
C VAL J 16 -17.39 11.00 39.11
N GLU J 17 -17.65 10.77 40.40
CA GLU J 17 -17.89 9.41 40.88
C GLU J 17 -19.10 8.79 40.20
N LYS J 18 -20.18 9.54 40.02
CA LYS J 18 -21.36 9.01 39.35
C LYS J 18 -21.07 8.72 37.88
N LEU J 19 -20.29 9.57 37.23
CA LEU J 19 -19.93 9.31 35.84
C LEU J 19 -18.93 8.16 35.72
N LEU J 20 -18.04 8.01 36.71
CA LEU J 20 -17.13 6.88 36.71
C LEU J 20 -17.89 5.56 36.85
N GLU J 21 -18.93 5.54 37.68
CA GLU J 21 -19.76 4.35 37.80
C GLU J 21 -20.42 3.99 36.47
N LEU J 22 -20.96 4.99 35.76
CA LEU J 22 -21.61 4.73 34.48
C LEU J 22 -20.62 4.20 33.46
N LEU J 23 -19.41 4.77 33.43
CA LEU J 23 -18.41 4.33 32.45
C LEU J 23 -17.86 2.95 32.78
N ILE J 24 -17.69 2.64 34.07
CA ILE J 24 -17.23 1.31 34.45
C ILE J 24 -18.28 0.26 34.13
N LYS J 25 -19.54 0.55 34.44
CA LYS J 25 -20.62 -0.38 34.12
C LYS J 25 -20.76 -0.54 32.61
N ALA J 26 -20.56 0.53 31.86
CA ALA J 26 -20.61 0.44 30.40
C ALA J 26 -19.47 -0.41 29.86
N ALA J 27 -18.26 -0.27 30.42
CA ALA J 27 -17.13 -1.07 29.97
C ALA J 27 -17.32 -2.54 30.32
N ALA J 28 -17.91 -2.82 31.48
CA ALA J 28 -18.23 -4.19 31.84
C ALA J 28 -19.23 -4.80 30.86
N ALA J 29 -20.19 -4.00 30.40
CA ALA J 29 -21.12 -4.47 29.39
C ALA J 29 -20.41 -4.81 28.09
N GLU J 30 -19.45 -3.97 27.68
CA GLU J 30 -18.71 -4.25 26.45
C GLU J 30 -17.84 -5.49 26.57
N PHE J 31 -17.19 -5.66 27.72
CA PHE J 31 -16.27 -6.79 27.91
C PHE J 31 -17.03 -8.11 27.92
N THR J 32 -18.14 -8.18 28.65
CA THR J 32 -18.92 -9.42 28.68
C THR J 32 -19.60 -9.69 27.34
N THR J 33 -20.02 -8.64 26.64
CA THR J 33 -20.60 -8.82 25.31
C THR J 33 -19.61 -9.47 24.36
N TYR J 34 -18.33 -9.10 24.46
CA TYR J 34 -17.31 -9.67 23.59
C TYR J 34 -17.16 -11.17 23.81
N TYR J 35 -17.45 -11.65 25.02
CA TYR J 35 -17.43 -13.08 25.29
C TYR J 35 -18.74 -13.74 24.85
N TYR J 36 -19.88 -13.12 25.19
CA TYR J 36 -21.17 -13.74 24.92
C TYR J 36 -21.51 -13.75 23.44
N TYR J 37 -21.03 -12.75 22.68
CA TYR J 37 -21.22 -12.78 21.23
C TYR J 37 -20.36 -13.83 20.56
N THR J 38 -19.26 -14.24 21.19
CA THR J 38 -18.48 -15.35 20.66
C THR J 38 -19.29 -16.64 20.66
N ILE J 39 -20.04 -16.89 21.74
CA ILE J 39 -20.91 -18.05 21.79
C ILE J 39 -22.04 -17.91 20.78
N LEU J 40 -22.64 -16.72 20.69
CA LEU J 40 -23.76 -16.51 19.79
C LEU J 40 -23.36 -16.67 18.33
N ARG J 41 -22.17 -16.19 17.98
CA ARG J 41 -21.66 -16.37 16.62
C ARG J 41 -21.56 -17.84 16.25
N ASN J 42 -21.05 -18.65 17.18
CA ASN J 42 -20.75 -20.05 16.87
C ASN J 42 -22.02 -20.87 16.66
N HIS J 43 -23.13 -20.47 17.29
CA HIS J 43 -24.39 -21.18 17.13
C HIS J 43 -25.27 -20.61 16.02
N ALA J 44 -24.77 -19.65 15.25
CA ALA J 44 -25.46 -19.15 14.07
C ALA J 44 -25.14 -20.07 12.89
N THR J 45 -25.62 -21.30 13.01
CA THR J 45 -25.28 -22.38 12.09
C THR J 45 -26.37 -22.56 11.05
N GLY J 46 -26.10 -23.43 10.08
CA GLY J 46 -27.03 -23.69 9.01
C GLY J 46 -26.94 -22.65 7.91
N LEU J 47 -27.90 -22.73 6.99
CA LEU J 47 -27.94 -21.78 5.89
C LEU J 47 -28.43 -20.41 6.33
N GLU J 48 -29.40 -20.37 7.24
CA GLU J 48 -29.89 -19.10 7.76
C GLU J 48 -28.80 -18.37 8.54
N GLY J 49 -28.05 -19.11 9.37
CA GLY J 49 -27.07 -18.48 10.24
C GLY J 49 -25.83 -17.97 9.54
N GLU J 50 -25.53 -18.48 8.34
CA GLU J 50 -24.36 -18.01 7.61
C GLU J 50 -24.49 -16.54 7.25
N ALA J 51 -25.71 -16.06 7.03
CA ALA J 51 -25.91 -14.65 6.68
C ALA J 51 -25.66 -13.74 7.88
N ILE J 52 -25.96 -14.21 9.10
CA ILE J 52 -25.85 -13.36 10.27
C ILE J 52 -24.51 -13.51 11.00
N LYS J 53 -23.67 -14.46 10.59
CA LYS J 53 -22.42 -14.69 11.30
C LYS J 53 -21.50 -13.47 11.23
N GLU J 54 -21.38 -12.88 10.05
CA GLU J 54 -20.52 -11.72 9.90
C GLU J 54 -21.12 -10.47 10.54
N ILE J 55 -22.45 -10.44 10.66
CA ILE J 55 -23.08 -9.32 11.36
C ILE J 55 -22.81 -9.42 12.85
N ILE J 56 -22.88 -10.63 13.42
CA ILE J 56 -22.49 -10.83 14.81
C ILE J 56 -21.01 -10.56 15.00
N GLU J 57 -20.19 -11.00 14.04
CA GLU J 57 -18.75 -10.75 14.11
C GLU J 57 -18.45 -9.25 14.02
N ASP J 58 -19.19 -8.52 13.19
CA ASP J 58 -19.00 -7.08 13.10
C ASP J 58 -19.27 -6.40 14.44
N ALA J 59 -20.36 -6.79 15.10
CA ALA J 59 -20.74 -6.14 16.36
C ALA J 59 -19.80 -6.55 17.50
N ARG J 60 -19.41 -7.82 17.53
CA ARG J 60 -18.59 -8.31 18.64
C ARG J 60 -17.22 -7.65 18.66
N LEU J 61 -16.59 -7.49 17.49
CA LEU J 61 -15.28 -6.87 17.45
C LEU J 61 -15.35 -5.37 17.71
N GLU J 62 -16.44 -4.73 17.31
CA GLU J 62 -16.61 -3.31 17.62
C GLU J 62 -16.92 -3.10 19.09
N ASP J 63 -17.67 -4.02 19.70
CA ASP J 63 -17.91 -3.94 21.13
C ASP J 63 -16.63 -4.13 21.93
N ARG J 64 -15.72 -4.95 21.41
CA ARG J 64 -14.40 -5.07 22.01
C ARG J 64 -13.62 -3.78 21.88
N ASN J 65 -13.76 -3.08 20.75
CA ASN J 65 -13.14 -1.77 20.59
C ASN J 65 -13.75 -0.74 21.53
N HIS J 66 -15.04 -0.87 21.84
CA HIS J 66 -15.68 0.04 22.77
C HIS J 66 -15.10 -0.11 24.17
N PHE J 67 -14.79 -1.34 24.58
CA PHE J 67 -14.11 -1.54 25.85
C PHE J 67 -12.71 -0.93 25.82
N GLU J 68 -12.01 -1.04 24.68
CA GLU J 68 -10.67 -0.48 24.56
C GLU J 68 -10.67 1.04 24.55
N ALA J 69 -11.77 1.68 24.19
CA ALA J 69 -11.84 3.13 24.20
C ALA J 69 -12.35 3.69 25.53
N LEU J 70 -13.16 2.93 26.25
CA LEU J 70 -13.72 3.40 27.51
C LEU J 70 -12.68 3.37 28.63
N VAL J 71 -11.81 2.37 28.63
CA VAL J 71 -10.87 2.20 29.75
C VAL J 71 -9.91 3.38 29.87
N PRO J 72 -9.29 3.88 28.79
CA PRO J 72 -8.43 5.06 28.95
C PRO J 72 -9.13 6.26 29.57
N ARG J 73 -10.40 6.49 29.20
CA ARG J 73 -11.14 7.60 29.77
C ARG J 73 -11.39 7.42 31.26
N ILE J 74 -11.59 6.18 31.72
CA ILE J 74 -11.81 5.92 33.13
C ILE J 74 -10.59 6.33 33.95
N TYR J 75 -9.39 6.05 33.43
CA TYR J 75 -8.17 6.38 34.14
C TYR J 75 -7.81 7.85 34.05
N GLU J 76 -8.23 8.55 32.98
CA GLU J 76 -8.07 10.00 32.95
C GLU J 76 -8.89 10.66 34.04
N LEU J 77 -10.06 10.13 34.34
CA LEU J 77 -10.97 10.73 35.31
C LEU J 77 -10.65 10.33 36.74
N GLY J 78 -9.63 9.52 36.97
CA GLY J 78 -9.27 9.07 38.29
C GLY J 78 -9.88 7.75 38.71
N GLY J 79 -10.56 7.06 37.80
CA GLY J 79 -11.14 5.77 38.11
C GLY J 79 -10.22 4.63 37.71
N GLU J 80 -10.57 3.44 38.20
CA GLU J 80 -9.79 2.25 37.90
C GLU J 80 -10.73 1.09 37.63
N LEU J 81 -10.26 0.14 36.83
CA LEU J 81 -10.97 -1.11 36.65
C LEU J 81 -10.94 -1.89 37.98
N PRO J 82 -11.99 -2.65 38.28
CA PRO J 82 -11.99 -3.44 39.52
C PRO J 82 -10.88 -4.48 39.52
N ARG J 83 -10.41 -4.80 40.72
CA ARG J 83 -9.26 -5.69 40.86
C ARG J 83 -9.55 -7.07 40.30
N ASP J 84 -10.74 -7.59 40.54
CA ASP J 84 -11.11 -8.94 40.16
C ASP J 84 -12.04 -8.91 38.94
N ILE J 85 -11.80 -9.82 38.00
CA ILE J 85 -12.60 -9.88 36.78
C ILE J 85 -14.02 -10.36 37.10
N ARG J 86 -14.18 -11.15 38.16
CA ARG J 86 -15.52 -11.55 38.58
C ARG J 86 -16.34 -10.34 39.01
N GLU J 87 -15.71 -9.40 39.72
CA GLU J 87 -16.36 -8.15 40.09
C GLU J 87 -16.69 -7.31 38.87
N PHE J 88 -15.83 -7.33 37.86
CA PHE J 88 -16.10 -6.61 36.62
C PHE J 88 -17.34 -7.14 35.92
N ALA J 89 -17.49 -8.47 35.88
CA ALA J 89 -18.66 -9.05 35.22
C ALA J 89 -19.94 -8.67 35.95
N ASP J 90 -19.91 -8.64 37.28
CA ASP J 90 -21.10 -8.33 38.06
C ASP J 90 -21.57 -6.89 37.85
N LEU J 91 -20.74 -6.03 37.28
CA LEU J 91 -21.03 -4.61 37.14
C LEU J 91 -21.58 -4.25 35.77
N ALA J 92 -21.80 -5.24 34.89
CA ALA J 92 -22.27 -4.93 33.54
C ALA J 92 -23.62 -4.24 33.57
N SER J 93 -23.75 -3.15 32.80
CA SER J 93 -24.98 -2.39 32.77
C SER J 93 -26.11 -3.15 32.08
N CYS J 94 -25.73 -4.17 31.31
CA CYS J 94 -26.72 -5.04 30.61
CA CYS J 94 -26.71 -5.05 30.61
C CYS J 94 -26.72 -6.53 31.06
N ARG J 95 -27.91 -7.13 31.03
CA ARG J 95 -28.02 -8.54 31.33
C ARG J 95 -27.19 -9.35 30.36
N ASP J 96 -26.72 -10.50 30.82
CA ASP J 96 -25.84 -11.33 29.99
C ASP J 96 -26.57 -11.81 28.75
N ALA J 97 -25.93 -11.68 27.59
CA ALA J 97 -26.46 -12.19 26.34
C ALA J 97 -26.22 -13.69 26.27
N TYR J 98 -26.95 -14.41 27.13
CA TYR J 98 -26.86 -15.85 27.21
C TYR J 98 -27.41 -16.49 25.95
N LEU J 99 -26.92 -17.69 25.65
CA LEU J 99 -27.44 -18.45 24.54
C LEU J 99 -28.84 -18.95 24.89
N PRO J 100 -29.81 -18.84 23.97
CA PRO J 100 -31.18 -19.29 24.29
C PRO J 100 -31.25 -20.79 24.51
N GLU J 101 -32.25 -21.20 25.29
CA GLU J 101 -32.43 -22.62 25.58
C GLU J 101 -32.65 -23.40 24.28
N GLU J 102 -33.35 -22.80 23.32
CA GLU J 102 -33.45 -23.34 21.97
C GLU J 102 -32.73 -22.35 21.05
N PRO J 103 -31.50 -22.64 20.65
CA PRO J 103 -30.69 -21.67 19.88
C PRO J 103 -31.06 -21.58 18.40
N THR J 104 -32.33 -21.30 18.13
CA THR J 104 -32.74 -21.01 16.77
C THR J 104 -32.22 -19.64 16.36
N ILE J 105 -32.23 -19.39 15.04
CA ILE J 105 -31.71 -18.13 14.53
C ILE J 105 -32.54 -16.95 15.03
N GLU J 106 -33.87 -17.11 15.06
CA GLU J 106 -34.73 -16.02 15.51
C GLU J 106 -34.65 -15.82 17.02
N ASN J 107 -34.36 -16.89 17.77
CA ASN J 107 -34.16 -16.74 19.21
C ASN J 107 -32.83 -16.08 19.52
N ILE J 108 -31.80 -16.40 18.75
CA ILE J 108 -30.51 -15.74 18.91
C ILE J 108 -30.62 -14.26 18.55
N LEU J 109 -31.37 -13.96 17.49
CA LEU J 109 -31.53 -12.56 17.07
C LEU J 109 -32.26 -11.75 18.14
N LYS J 110 -33.21 -12.37 18.83
CA LYS J 110 -33.89 -11.69 19.94
C LYS J 110 -32.90 -11.32 21.03
N VAL J 111 -31.98 -12.23 21.35
CA VAL J 111 -30.98 -11.96 22.38
C VAL J 111 -30.06 -10.83 21.95
N LEU J 112 -29.64 -10.85 20.68
CA LEU J 112 -28.78 -9.78 20.19
C LEU J 112 -29.51 -8.43 20.18
N LEU J 113 -30.80 -8.45 19.88
CA LEU J 113 -31.55 -7.19 19.82
C LEU J 113 -31.67 -6.57 21.21
N GLU J 114 -31.97 -7.37 22.23
CA GLU J 114 -32.05 -6.83 23.59
C GLU J 114 -30.70 -6.35 24.09
N ALA J 115 -29.62 -6.99 23.65
CA ALA J 115 -28.29 -6.58 24.09
C ALA J 115 -27.92 -5.20 23.54
N GLU J 116 -28.30 -4.93 22.30
CA GLU J 116 -27.95 -3.66 21.66
C GLU J 116 -28.93 -2.55 21.97
N ARG J 117 -30.19 -2.88 22.27
CA ARG J 117 -31.12 -1.86 22.75
C ARG J 117 -30.70 -1.35 24.12
N CYS J 118 -30.21 -2.26 24.96
CA CYS J 118 -29.67 -1.85 26.29
CA CYS J 118 -29.67 -1.85 26.29
C CYS J 118 -28.42 -0.94 26.15
N ALA J 119 -27.57 -1.30 25.19
CA ALA J 119 -26.37 -0.53 24.96
C ALA J 119 -26.68 0.88 24.47
N VAL J 120 -27.68 1.02 23.61
CA VAL J 120 -28.11 2.35 23.19
C VAL J 120 -28.62 3.15 24.39
N GLY J 121 -29.32 2.49 25.30
CA GLY J 121 -29.83 3.18 26.48
C GLY J 121 -28.75 3.65 27.42
N VAL J 122 -27.70 2.85 27.60
CA VAL J 122 -26.66 3.21 28.58
C VAL J 122 -25.82 4.37 28.05
N TYR J 123 -25.58 4.40 26.73
CA TYR J 123 -24.77 5.47 26.16
C TYR J 123 -25.59 6.72 25.91
N THR J 124 -26.91 6.58 25.76
CA THR J 124 -27.79 7.74 25.77
C THR J 124 -27.86 8.36 27.16
N GLU J 125 -27.76 7.52 28.19
CA GLU J 125 -27.73 8.01 29.56
C GLU J 125 -26.45 8.79 29.83
N ILE J 126 -25.32 8.32 29.30
CA ILE J 126 -24.05 9.00 29.52
C ILE J 126 -24.01 10.32 28.75
N CYS J 127 -24.51 10.32 27.50
CA CYS J 127 -24.57 11.55 26.73
C CYS J 127 -25.49 12.58 27.38
N ASN J 128 -26.64 12.14 27.87
CA ASN J 128 -27.55 13.06 28.56
C ASN J 128 -26.97 13.61 29.85
N TYR J 129 -25.95 12.97 30.40
CA TYR J 129 -25.36 13.37 31.67
C TYR J 129 -24.12 14.24 31.48
N THR J 130 -23.41 14.08 30.36
CA THR J 130 -22.20 14.84 30.07
C THR J 130 -22.41 15.90 29.00
N PHE J 131 -23.65 16.23 28.67
CA PHE J 131 -23.95 17.18 27.60
C PHE J 131 -23.64 18.59 28.08
N GLY J 132 -22.59 19.19 27.54
CA GLY J 132 -22.20 20.54 27.91
C GLY J 132 -21.39 20.66 29.18
N LYS J 133 -20.96 19.56 29.77
CA LYS J 133 -20.19 19.58 31.01
C LYS J 133 -18.86 18.87 30.91
N ASP J 134 -18.80 17.70 30.29
CA ASP J 134 -17.56 16.98 30.01
C ASP J 134 -17.50 16.68 28.52
N PRO J 135 -16.97 17.62 27.72
CA PRO J 135 -16.98 17.43 26.26
C PRO J 135 -16.22 16.21 25.77
N ARG J 136 -15.16 15.77 26.46
CA ARG J 136 -14.48 14.56 26.03
C ARG J 136 -15.31 13.31 26.32
N THR J 137 -15.90 13.23 27.51
CA THR J 137 -16.73 12.08 27.84
C THR J 137 -17.98 12.03 26.95
N TYR J 138 -18.54 13.20 26.62
CA TYR J 138 -19.67 13.23 25.70
C TYR J 138 -19.29 12.71 24.32
N ASP J 139 -18.12 13.13 23.83
CA ASP J 139 -17.70 12.75 22.49
C ASP J 139 -17.37 11.26 22.39
N LEU J 140 -16.82 10.68 23.46
CA LEU J 140 -16.58 9.25 23.48
C LEU J 140 -17.89 8.46 23.52
N ALA J 141 -18.82 8.88 24.37
CA ALA J 141 -20.12 8.21 24.44
C ALA J 141 -20.90 8.36 23.15
N LEU J 142 -20.79 9.52 22.51
CA LEU J 142 -21.43 9.74 21.23
C LEU J 142 -20.85 8.82 20.15
N ALA J 143 -19.52 8.66 20.14
CA ALA J 143 -18.90 7.81 19.14
C ALA J 143 -19.36 6.37 19.28
N ILE J 144 -19.47 5.87 20.52
CA ILE J 144 -19.96 4.51 20.74
C ILE J 144 -21.45 4.43 20.42
N LEU J 145 -22.21 5.47 20.78
CA LEU J 145 -23.65 5.47 20.53
C LEU J 145 -23.95 5.43 19.03
N HIS J 146 -23.06 5.98 18.19
CA HIS J 146 -23.22 5.83 16.76
C HIS J 146 -23.19 4.36 16.36
N GLU J 147 -22.28 3.60 16.95
CA GLU J 147 -22.08 2.21 16.56
C GLU J 147 -23.11 1.29 17.21
N GLU J 148 -23.54 1.62 18.43
CA GLU J 148 -24.59 0.84 19.07
C GLU J 148 -25.91 0.97 18.33
N ILE J 149 -26.22 2.17 17.85
CA ILE J 149 -27.43 2.39 17.07
C ILE J 149 -27.39 1.57 15.78
N GLU J 150 -26.23 1.55 15.12
CA GLU J 150 -26.09 0.76 13.90
C GLU J 150 -26.17 -0.74 14.19
N HIS J 151 -25.61 -1.18 15.32
CA HIS J 151 -25.74 -2.59 15.69
C HIS J 151 -27.20 -2.97 15.92
N GLU J 152 -27.95 -2.10 16.60
CA GLU J 152 -29.36 -2.38 16.86
C GLU J 152 -30.15 -2.45 15.56
N ALA J 153 -29.81 -1.60 14.59
CA ALA J 153 -30.55 -1.58 13.33
C ALA J 153 -30.27 -2.83 12.50
N TRP J 154 -29.06 -3.38 12.59
CA TRP J 154 -28.76 -4.64 11.90
C TRP J 154 -29.68 -5.75 12.38
N PHE J 155 -29.79 -5.91 13.70
CA PHE J 155 -30.57 -7.00 14.27
C PHE J 155 -32.07 -6.74 14.20
N GLU J 156 -32.49 -5.49 14.27
CA GLU J 156 -33.90 -5.15 14.08
C GLU J 156 -34.37 -5.43 12.65
N GLU J 157 -33.53 -5.14 11.66
CA GLU J 157 -33.88 -5.44 10.28
C GLU J 157 -33.95 -6.94 10.04
N LEU J 158 -33.02 -7.70 10.63
CA LEU J 158 -33.02 -9.15 10.42
C LEU J 158 -34.19 -9.82 11.13
N LEU J 159 -34.52 -9.36 12.33
CA LEU J 159 -35.54 -10.02 13.13
C LEU J 159 -36.95 -9.59 12.72
N THR J 160 -37.14 -8.31 12.43
CA THR J 160 -38.46 -7.77 12.15
C THR J 160 -38.70 -7.42 10.69
N GLY J 161 -37.66 -7.02 9.96
CA GLY J 161 -37.83 -6.62 8.58
C GLY J 161 -38.04 -5.15 8.36
N LYS J 162 -37.79 -4.33 9.36
CA LYS J 162 -37.91 -2.88 9.21
C LYS J 162 -36.72 -2.34 8.44
N PRO J 163 -36.95 -1.61 7.35
CA PRO J 163 -35.82 -1.02 6.60
C PRO J 163 -34.98 -0.11 7.50
N SER J 164 -33.69 -0.44 7.60
CA SER J 164 -32.76 0.31 8.43
C SER J 164 -31.77 1.14 7.63
N GLY J 165 -31.54 0.81 6.36
CA GLY J 165 -30.64 1.56 5.54
C GLY J 165 -29.17 1.30 5.76
N HIS J 166 -28.81 0.33 6.58
CA HIS J 166 -27.43 0.09 6.93
C HIS J 166 -26.84 -1.07 6.12
N PHE J 167 -25.61 -0.87 5.66
CA PHE J 167 -24.87 -1.88 4.92
C PHE J 167 -23.89 -2.57 5.86
N ARG J 168 -23.31 -3.66 5.38
CA ARG J 168 -22.37 -4.42 6.21
C ARG J 168 -21.00 -3.76 6.21
N ARG J 169 -20.28 -3.91 7.32
CA ARG J 169 -18.92 -3.41 7.40
C ARG J 169 -18.03 -4.14 6.40
N GLY J 170 -17.10 -3.40 5.80
CA GLY J 170 -16.13 -4.04 4.92
C GLY J 170 -15.24 -5.03 5.66
N LYS J 171 -14.73 -4.62 6.82
CA LYS J 171 -13.94 -5.46 7.69
C LYS J 171 -14.56 -5.50 9.08
N PRO J 172 -14.56 -6.66 9.74
CA PRO J 172 -15.07 -6.72 11.12
C PRO J 172 -14.24 -5.86 12.05
N GLY J 173 -14.92 -5.23 13.01
CA GLY J 173 -14.24 -4.35 13.95
C GLY J 173 -13.64 -3.12 13.34
N GLU J 174 -14.17 -2.65 12.21
CA GLU J 174 -13.63 -1.47 11.55
C GLU J 174 -13.87 -0.22 12.40
N SER J 175 -15.01 -0.17 13.09
CA SER J 175 -15.32 0.88 14.05
C SER J 175 -15.13 2.29 13.47
N PRO J 176 -15.98 2.70 12.53
CA PRO J 176 -15.75 4.00 11.86
C PRO J 176 -15.86 5.20 12.78
N TYR J 177 -16.54 5.07 13.92
CA TYR J 177 -16.81 6.21 14.78
C TYR J 177 -15.89 6.29 16.00
N VAL J 178 -15.45 5.16 16.55
CA VAL J 178 -14.59 5.17 17.72
C VAL J 178 -13.13 4.96 17.36
N SER J 179 -12.80 4.99 16.08
CA SER J 179 -11.43 4.73 15.65
C SER J 179 -10.45 5.78 16.16
N LYS J 180 -10.89 7.05 16.19
CA LYS J 180 -10.00 8.12 16.67
C LYS J 180 -9.67 7.96 18.15
N PHE J 181 -10.48 7.24 18.92
CA PHE J 181 -10.22 6.95 20.31
C PHE J 181 -9.35 5.71 20.51
N LEU J 182 -9.06 4.98 19.44
CA LEU J 182 -8.32 3.73 19.52
C LEU J 182 -6.84 3.96 19.20
N LYS J 183 -6.04 2.95 19.54
CA LYS J 183 -4.59 3.04 19.33
C LYS J 183 -4.16 2.13 18.17
N ILE K 14 -22.98 7.72 -39.07
CA ILE K 14 -23.86 8.01 -37.95
C ILE K 14 -24.41 9.43 -37.95
N ASP K 15 -25.72 9.53 -37.76
CA ASP K 15 -26.36 10.79 -37.42
C ASP K 15 -26.07 11.06 -35.94
N VAL K 16 -25.32 12.12 -35.67
CA VAL K 16 -24.85 12.38 -34.31
C VAL K 16 -26.02 12.73 -33.40
N GLU K 17 -27.03 13.43 -33.91
CA GLU K 17 -28.20 13.76 -33.11
C GLU K 17 -28.93 12.51 -32.64
N LYS K 18 -29.10 11.53 -33.52
CA LYS K 18 -29.75 10.29 -33.11
C LYS K 18 -28.93 9.54 -32.08
N LEU K 19 -27.61 9.53 -32.23
CA LEU K 19 -26.76 8.90 -31.23
C LEU K 19 -26.73 9.70 -29.93
N LEU K 20 -26.82 11.03 -30.01
CA LEU K 20 -26.88 11.84 -28.81
C LEU K 20 -28.16 11.57 -28.02
N GLU K 21 -29.28 11.36 -28.72
CA GLU K 21 -30.52 11.02 -28.05
C GLU K 21 -30.39 9.68 -27.31
N LEU K 22 -29.80 8.68 -27.96
CA LEU K 22 -29.66 7.37 -27.32
C LEU K 22 -28.76 7.44 -26.10
N LEU K 23 -27.68 8.23 -26.18
CA LEU K 23 -26.76 8.33 -25.05
C LEU K 23 -27.35 9.14 -23.90
N ILE K 24 -28.15 10.16 -24.21
CA ILE K 24 -28.78 10.95 -23.15
C ILE K 24 -29.85 10.13 -22.46
N LYS K 25 -30.66 9.39 -23.23
CA LYS K 25 -31.67 8.53 -22.62
C LYS K 25 -31.03 7.44 -21.78
N ALA K 26 -29.88 6.91 -22.23
CA ALA K 26 -29.17 5.90 -21.46
C ALA K 26 -28.64 6.48 -20.15
N ALA K 27 -28.11 7.70 -20.17
CA ALA K 27 -27.61 8.32 -18.95
C ALA K 27 -28.74 8.63 -17.99
N ALA K 28 -29.89 9.05 -18.51
CA ALA K 28 -31.07 9.26 -17.67
C ALA K 28 -31.51 7.97 -17.01
N ALA K 29 -31.42 6.85 -17.75
CA ALA K 29 -31.73 5.56 -17.16
C ALA K 29 -30.78 5.21 -16.03
N GLU K 30 -29.48 5.48 -16.21
CA GLU K 30 -28.50 5.19 -15.17
C GLU K 30 -28.72 6.07 -13.94
N PHE K 31 -29.03 7.35 -14.15
CA PHE K 31 -29.19 8.28 -13.04
C PHE K 31 -30.40 7.92 -12.19
N THR K 32 -31.55 7.65 -12.82
CA THR K 32 -32.73 7.28 -12.07
C THR K 32 -32.58 5.91 -11.42
N THR K 33 -31.85 5.00 -12.07
CA THR K 33 -31.57 3.69 -11.47
C THR K 33 -30.80 3.84 -10.17
N TYR K 34 -29.86 4.79 -10.12
CA TYR K 34 -29.07 5.01 -8.92
C TYR K 34 -29.95 5.47 -7.76
N TYR K 35 -31.05 6.16 -8.05
CA TYR K 35 -31.98 6.55 -7.00
C TYR K 35 -32.93 5.42 -6.63
N TYR K 36 -33.46 4.72 -7.64
CA TYR K 36 -34.48 3.70 -7.37
C TYR K 36 -33.87 2.45 -6.74
N TYR K 37 -32.62 2.13 -7.07
CA TYR K 37 -31.97 1.00 -6.41
C TYR K 37 -31.66 1.31 -4.95
N THR K 38 -31.53 2.59 -4.60
CA THR K 38 -31.37 2.95 -3.20
C THR K 38 -32.59 2.55 -2.39
N ILE K 39 -33.79 2.80 -2.92
CA ILE K 39 -35.01 2.38 -2.25
C ILE K 39 -35.11 0.87 -2.22
N LEU K 40 -34.80 0.21 -3.34
CA LEU K 40 -34.91 -1.23 -3.42
C LEU K 40 -33.95 -1.93 -2.47
N ARG K 41 -32.74 -1.39 -2.33
CA ARG K 41 -31.78 -1.93 -1.36
C ARG K 41 -32.34 -1.89 0.06
N ASN K 42 -32.96 -0.77 0.43
CA ASN K 42 -33.38 -0.58 1.82
C ASN K 42 -34.54 -1.50 2.19
N HIS K 43 -35.33 -1.94 1.21
CA HIS K 43 -36.45 -2.83 1.48
C HIS K 43 -36.10 -4.29 1.29
N ALA K 44 -34.84 -4.62 1.02
CA ALA K 44 -34.38 -6.01 0.97
C ALA K 44 -34.02 -6.44 2.39
N THR K 45 -35.05 -6.56 3.22
CA THR K 45 -34.90 -6.78 4.64
C THR K 45 -35.10 -8.26 4.99
N GLY K 46 -34.83 -8.59 6.24
CA GLY K 46 -34.97 -9.95 6.71
C GLY K 46 -33.76 -10.80 6.39
N LEU K 47 -33.90 -12.10 6.67
CA LEU K 47 -32.81 -13.03 6.40
C LEU K 47 -32.64 -13.28 4.91
N GLU K 48 -33.74 -13.32 4.16
CA GLU K 48 -33.64 -13.46 2.70
C GLU K 48 -32.98 -12.24 2.07
N GLY K 49 -33.34 -11.04 2.53
CA GLY K 49 -32.85 -9.82 1.91
C GLY K 49 -31.39 -9.52 2.19
N GLU K 50 -30.83 -10.05 3.27
CA GLU K 50 -29.42 -9.81 3.58
C GLU K 50 -28.51 -10.35 2.49
N ALA K 51 -28.89 -11.47 1.88
CA ALA K 51 -28.07 -12.06 0.82
C ALA K 51 -28.03 -11.18 -0.42
N ILE K 52 -29.15 -10.53 -0.77
CA ILE K 52 -29.22 -9.77 -2.00
C ILE K 52 -28.89 -8.30 -1.84
N LYS K 53 -28.65 -7.83 -0.61
CA LYS K 53 -28.39 -6.41 -0.39
C LYS K 53 -27.11 -5.96 -1.09
N GLU K 54 -26.04 -6.72 -0.92
CA GLU K 54 -24.77 -6.34 -1.54
C GLU K 54 -24.81 -6.53 -3.05
N ILE K 55 -25.68 -7.42 -3.54
CA ILE K 55 -25.84 -7.57 -4.98
C ILE K 55 -26.55 -6.35 -5.57
N ILE K 56 -27.57 -5.85 -4.88
CA ILE K 56 -28.20 -4.59 -5.29
C ILE K 56 -27.21 -3.44 -5.15
N GLU K 57 -26.43 -3.43 -4.07
CA GLU K 57 -25.44 -2.39 -3.87
C GLU K 57 -24.36 -2.42 -4.94
N ASP K 58 -23.94 -3.62 -5.36
CA ASP K 58 -22.97 -3.72 -6.45
C ASP K 58 -23.52 -3.09 -7.73
N ALA K 59 -24.77 -3.39 -8.06
CA ALA K 59 -25.35 -2.90 -9.30
C ALA K 59 -25.61 -1.41 -9.25
N ARG K 60 -26.07 -0.91 -8.09
CA ARG K 60 -26.44 0.50 -7.98
C ARG K 60 -25.22 1.40 -8.14
N LEU K 61 -24.11 1.05 -7.50
CA LEU K 61 -22.92 1.90 -7.57
C LEU K 61 -22.28 1.84 -8.95
N GLU K 62 -22.33 0.69 -9.62
CA GLU K 62 -21.82 0.59 -10.98
C GLU K 62 -22.70 1.37 -11.95
N ASP K 63 -24.02 1.35 -11.74
CA ASP K 63 -24.91 2.14 -12.58
C ASP K 63 -24.67 3.63 -12.40
N ARG K 64 -24.24 4.04 -11.21
CA ARG K 64 -23.82 5.43 -11.00
C ARG K 64 -22.52 5.71 -11.73
N ASN K 65 -21.63 4.73 -11.80
CA ASN K 65 -20.41 4.87 -12.60
C ASN K 65 -20.72 4.91 -14.09
N HIS K 66 -21.80 4.26 -14.51
CA HIS K 66 -22.18 4.31 -15.92
C HIS K 66 -22.67 5.70 -16.31
N PHE K 67 -23.36 6.39 -15.40
CA PHE K 67 -23.72 7.77 -15.64
C PHE K 67 -22.48 8.66 -15.71
N GLU K 68 -21.47 8.36 -14.88
CA GLU K 68 -20.24 9.14 -14.87
C GLU K 68 -19.40 8.95 -16.11
N ALA K 69 -19.56 7.83 -16.82
CA ALA K 69 -18.80 7.60 -18.05
C ALA K 69 -19.55 8.06 -19.29
N LEU K 70 -20.88 8.09 -19.25
CA LEU K 70 -21.66 8.50 -20.41
C LEU K 70 -21.63 10.01 -20.61
N VAL K 71 -21.63 10.77 -19.52
CA VAL K 71 -21.73 12.23 -19.63
C VAL K 71 -20.54 12.83 -20.37
N PRO K 72 -19.28 12.46 -20.08
CA PRO K 72 -18.17 13.03 -20.87
C PRO K 72 -18.30 12.79 -22.35
N ARG K 73 -18.76 11.61 -22.77
CA ARG K 73 -18.92 11.32 -24.19
C ARG K 73 -19.99 12.21 -24.83
N ILE K 74 -21.05 12.52 -24.09
CA ILE K 74 -22.11 13.37 -24.63
C ILE K 74 -21.57 14.75 -24.97
N TYR K 75 -20.70 15.29 -24.12
CA TYR K 75 -20.14 16.60 -24.34
C TYR K 75 -19.03 16.60 -25.40
N GLU K 76 -18.32 15.48 -25.57
CA GLU K 76 -17.40 15.37 -26.70
C GLU K 76 -18.13 15.40 -28.03
N LEU K 77 -19.37 14.92 -28.06
CA LEU K 77 -20.13 14.84 -29.31
C LEU K 77 -20.94 16.08 -29.59
N GLY K 78 -20.81 17.12 -28.76
CA GLY K 78 -21.59 18.33 -28.94
C GLY K 78 -22.94 18.33 -28.26
N GLY K 79 -23.27 17.29 -27.49
CA GLY K 79 -24.51 17.25 -26.76
C GLY K 79 -24.36 17.83 -25.36
N GLU K 80 -25.51 17.99 -24.69
CA GLU K 80 -25.53 18.52 -23.34
C GLU K 80 -26.62 17.82 -22.54
N LEU K 81 -26.41 17.76 -21.23
CA LEU K 81 -27.46 17.32 -20.33
C LEU K 81 -28.59 18.35 -20.33
N PRO K 82 -29.83 17.90 -20.17
CA PRO K 82 -30.95 18.86 -20.12
C PRO K 82 -30.83 19.80 -18.92
N ARG K 83 -31.37 21.01 -19.10
CA ARG K 83 -31.23 22.05 -18.09
C ARG K 83 -31.86 21.64 -16.77
N ASP K 84 -33.05 21.04 -16.82
CA ASP K 84 -33.81 20.70 -15.63
C ASP K 84 -33.71 19.20 -15.37
N ILE K 85 -33.55 18.84 -14.09
CA ILE K 85 -33.42 17.43 -13.72
C ILE K 85 -34.75 16.69 -13.91
N ARG K 86 -35.88 17.40 -13.85
CA ARG K 86 -37.16 16.78 -14.13
C ARG K 86 -37.22 16.32 -15.59
N GLU K 87 -36.70 17.14 -16.50
CA GLU K 87 -36.62 16.75 -17.90
C GLU K 87 -35.65 15.60 -18.12
N PHE K 88 -34.60 15.54 -17.30
CA PHE K 88 -33.68 14.41 -17.39
C PHE K 88 -34.36 13.10 -17.00
N ALA K 89 -35.17 13.14 -15.93
CA ALA K 89 -35.86 11.93 -15.49
C ALA K 89 -36.85 11.44 -16.54
N ASP K 90 -37.56 12.37 -17.19
CA ASP K 90 -38.56 11.99 -18.19
C ASP K 90 -37.94 11.32 -19.42
N LEU K 91 -36.64 11.45 -19.62
CA LEU K 91 -35.96 10.95 -20.80
C LEU K 91 -35.37 9.56 -20.62
N ALA K 92 -35.56 8.93 -19.46
CA ALA K 92 -34.93 7.65 -19.19
C ALA K 92 -35.39 6.59 -20.19
N SER K 93 -34.44 5.81 -20.70
CA SER K 93 -34.77 4.79 -21.69
C SER K 93 -35.51 3.60 -21.07
N CYS K 94 -35.48 3.52 -19.74
CA CYS K 94 -36.18 2.45 -18.98
CA CYS K 94 -36.20 2.45 -19.00
C CYS K 94 -37.24 2.95 -17.96
N ARG K 95 -38.32 2.17 -17.87
CA ARG K 95 -39.36 2.50 -16.91
C ARG K 95 -38.75 2.56 -15.51
N ASP K 96 -39.35 3.38 -14.65
CA ASP K 96 -38.83 3.55 -13.31
C ASP K 96 -38.89 2.25 -12.53
N ALA K 97 -37.79 1.90 -11.86
CA ALA K 97 -37.73 0.71 -11.01
C ALA K 97 -38.40 1.05 -9.67
N TYR K 98 -39.72 1.21 -9.75
CA TYR K 98 -40.52 1.54 -8.57
C TYR K 98 -40.54 0.36 -7.61
N LEU K 99 -40.66 0.67 -6.32
CA LEU K 99 -40.81 -0.37 -5.33
C LEU K 99 -42.17 -1.06 -5.52
N PRO K 100 -42.21 -2.39 -5.45
CA PRO K 100 -43.48 -3.10 -5.65
C PRO K 100 -44.49 -2.77 -4.56
N GLU K 101 -45.77 -2.91 -4.91
CA GLU K 101 -46.83 -2.65 -3.93
C GLU K 101 -46.71 -3.58 -2.74
N GLU K 102 -46.31 -4.83 -2.97
CA GLU K 102 -45.93 -5.76 -1.91
C GLU K 102 -44.43 -6.03 -2.03
N PRO K 103 -43.60 -5.38 -1.22
CA PRO K 103 -42.14 -5.49 -1.38
C PRO K 103 -41.53 -6.77 -0.84
N THR K 104 -42.03 -7.90 -1.32
CA THR K 104 -41.37 -9.17 -1.03
C THR K 104 -40.05 -9.26 -1.79
N ILE K 105 -39.21 -10.20 -1.37
CA ILE K 105 -37.89 -10.34 -1.99
C ILE K 105 -38.04 -10.79 -3.44
N GLU K 106 -38.99 -11.68 -3.73
CA GLU K 106 -39.17 -12.15 -5.10
C GLU K 106 -39.80 -11.07 -5.98
N ASN K 107 -40.60 -10.17 -5.39
CA ASN K 107 -41.17 -9.08 -6.17
C ASN K 107 -40.14 -8.01 -6.45
N ILE K 108 -39.25 -7.75 -5.49
CA ILE K 108 -38.16 -6.80 -5.72
C ILE K 108 -37.21 -7.34 -6.78
N LEU K 109 -36.91 -8.64 -6.71
CA LEU K 109 -36.00 -9.25 -7.69
C LEU K 109 -36.59 -9.17 -9.10
N LYS K 110 -37.90 -9.28 -9.23
CA LYS K 110 -38.54 -9.11 -10.53
C LYS K 110 -38.32 -7.70 -11.06
N VAL K 111 -38.44 -6.69 -10.19
CA VAL K 111 -38.24 -5.31 -10.62
C VAL K 111 -36.80 -5.09 -11.05
N LEU K 112 -35.85 -5.64 -10.30
CA LEU K 112 -34.44 -5.51 -10.68
C LEU K 112 -34.15 -6.22 -11.99
N LEU K 113 -34.80 -7.38 -12.23
CA LEU K 113 -34.55 -8.12 -13.46
C LEU K 113 -35.03 -7.34 -14.68
N GLU K 114 -36.22 -6.73 -14.61
CA GLU K 114 -36.71 -5.94 -15.73
C GLU K 114 -35.86 -4.70 -15.96
N ALA K 115 -35.32 -4.12 -14.90
CA ALA K 115 -34.49 -2.93 -15.05
C ALA K 115 -33.19 -3.25 -15.78
N GLU K 116 -32.59 -4.40 -15.50
CA GLU K 116 -31.32 -4.76 -16.11
C GLU K 116 -31.47 -5.41 -17.48
N ARG K 117 -32.64 -6.01 -17.77
CA ARG K 117 -32.89 -6.49 -19.12
C ARG K 117 -33.10 -5.32 -20.07
N CYS K 118 -33.73 -4.25 -19.59
CA CYS K 118 -33.87 -3.02 -20.42
CA CYS K 118 -33.87 -3.02 -20.42
C CYS K 118 -32.51 -2.32 -20.68
N ALA K 119 -31.65 -2.38 -19.66
CA ALA K 119 -30.33 -1.78 -19.79
C ALA K 119 -29.48 -2.55 -20.80
N VAL K 120 -29.56 -3.89 -20.79
CA VAL K 120 -28.86 -4.67 -21.81
C VAL K 120 -29.40 -4.34 -23.19
N GLY K 121 -30.71 -4.10 -23.29
CA GLY K 121 -31.30 -3.77 -24.58
C GLY K 121 -30.85 -2.42 -25.12
N VAL K 122 -30.76 -1.42 -24.25
CA VAL K 122 -30.43 -0.07 -24.73
C VAL K 122 -28.97 -0.01 -25.18
N TYR K 123 -28.08 -0.70 -24.47
CA TYR K 123 -26.66 -0.66 -24.82
C TYR K 123 -26.34 -1.60 -25.98
N THR K 124 -27.17 -2.63 -26.19
CA THR K 124 -27.08 -3.40 -27.42
C THR K 124 -27.52 -2.57 -28.62
N GLU K 125 -28.51 -1.70 -28.41
CA GLU K 125 -28.96 -0.79 -29.46
C GLU K 125 -27.87 0.19 -29.84
N ILE K 126 -27.13 0.71 -28.85
CA ILE K 126 -26.07 1.67 -29.13
C ILE K 126 -24.90 0.98 -29.82
N CYS K 127 -24.53 -0.22 -29.38
CA CYS K 127 -23.45 -0.96 -30.02
C CYS K 127 -23.81 -1.32 -31.46
N ASN K 128 -25.05 -1.76 -31.70
CA ASN K 128 -25.48 -2.08 -33.05
C ASN K 128 -25.52 -0.85 -33.96
N TYR K 129 -25.56 0.34 -33.39
CA TYR K 129 -25.65 1.58 -34.15
C TYR K 129 -24.30 2.22 -34.40
N THR K 130 -23.32 1.97 -33.52
CA THR K 130 -22.00 2.56 -33.62
C THR K 130 -20.93 1.55 -34.05
N PHE K 131 -21.34 0.38 -34.53
CA PHE K 131 -20.41 -0.68 -34.86
C PHE K 131 -19.67 -0.32 -36.15
N GLY K 132 -18.37 -0.04 -36.03
CA GLY K 132 -17.56 0.29 -37.17
C GLY K 132 -17.68 1.72 -37.67
N LYS K 133 -18.39 2.58 -36.96
CA LYS K 133 -18.55 3.97 -37.36
C LYS K 133 -18.01 4.96 -36.33
N ASP K 134 -18.33 4.79 -35.06
CA ASP K 134 -17.78 5.60 -33.97
C ASP K 134 -17.13 4.66 -32.96
N PRO K 135 -15.84 4.37 -33.15
CA PRO K 135 -15.18 3.37 -32.28
C PRO K 135 -15.13 3.75 -30.81
N ARG K 136 -15.06 5.04 -30.47
CA ARG K 136 -15.09 5.41 -29.05
C ARG K 136 -16.46 5.16 -28.42
N THR K 137 -17.53 5.56 -29.11
CA THR K 137 -18.87 5.32 -28.58
C THR K 137 -19.18 3.84 -28.48
N TYR K 138 -18.71 3.04 -29.45
CA TYR K 138 -18.88 1.60 -29.38
C TYR K 138 -18.17 1.01 -28.17
N ASP K 139 -16.95 1.47 -27.90
CA ASP K 139 -16.17 0.91 -26.81
C ASP K 139 -16.74 1.28 -25.46
N LEU K 140 -17.30 2.50 -25.33
CA LEU K 140 -17.97 2.89 -24.09
C LEU K 140 -19.24 2.06 -23.87
N ALA K 141 -20.04 1.90 -24.91
CA ALA K 141 -21.27 1.12 -24.79
C ALA K 141 -20.97 -0.34 -24.50
N LEU K 142 -19.91 -0.87 -25.11
CA LEU K 142 -19.50 -2.25 -24.84
C LEU K 142 -19.08 -2.43 -23.39
N ALA K 143 -18.32 -1.48 -22.85
CA ALA K 143 -17.87 -1.60 -21.46
C ALA K 143 -19.04 -1.60 -20.50
N ILE K 144 -20.04 -0.77 -20.75
CA ILE K 144 -21.24 -0.77 -19.92
C ILE K 144 -22.05 -2.03 -20.15
N LEU K 145 -22.16 -2.46 -21.41
CA LEU K 145 -22.90 -3.68 -21.73
C LEU K 145 -22.30 -4.90 -21.04
N HIS K 146 -20.99 -4.91 -20.85
CA HIS K 146 -20.36 -5.98 -20.07
C HIS K 146 -20.95 -6.04 -18.66
N GLU K 147 -21.16 -4.88 -18.05
CA GLU K 147 -21.60 -4.83 -16.66
C GLU K 147 -23.11 -4.98 -16.54
N GLU K 148 -23.85 -4.49 -17.54
CA GLU K 148 -25.29 -4.70 -17.55
C GLU K 148 -25.64 -6.17 -17.71
N ILE K 149 -24.88 -6.89 -18.54
CA ILE K 149 -25.09 -8.32 -18.71
C ILE K 149 -24.82 -9.06 -17.40
N GLU K 150 -23.76 -8.66 -16.69
CA GLU K 150 -23.45 -9.29 -15.42
C GLU K 150 -24.48 -8.94 -14.35
N HIS K 151 -25.01 -7.70 -14.37
CA HIS K 151 -26.08 -7.35 -13.44
C HIS K 151 -27.32 -8.20 -13.70
N GLU K 152 -27.66 -8.41 -14.97
CA GLU K 152 -28.84 -9.20 -15.30
C GLU K 152 -28.68 -10.64 -14.85
N ALA K 153 -27.47 -11.18 -14.94
CA ALA K 153 -27.25 -12.58 -14.57
C ALA K 153 -27.30 -12.77 -13.06
N TRP K 154 -26.91 -11.76 -12.28
CA TRP K 154 -27.05 -11.84 -10.84
C TRP K 154 -28.51 -12.01 -10.44
N PHE K 155 -29.39 -11.17 -10.98
CA PHE K 155 -30.79 -11.19 -10.60
C PHE K 155 -31.55 -12.34 -11.23
N GLU K 156 -31.15 -12.79 -12.42
CA GLU K 156 -31.74 -13.97 -13.03
C GLU K 156 -31.44 -15.24 -12.23
N GLU K 157 -30.22 -15.38 -11.74
CA GLU K 157 -29.88 -16.55 -10.92
C GLU K 157 -30.62 -16.53 -9.60
N LEU K 158 -30.73 -15.37 -8.96
CA LEU K 158 -31.42 -15.27 -7.68
C LEU K 158 -32.91 -15.54 -7.84
N LEU K 159 -33.51 -15.05 -8.92
CA LEU K 159 -34.96 -15.15 -9.07
C LEU K 159 -35.37 -16.51 -9.63
N THR K 160 -34.66 -17.01 -10.64
CA THR K 160 -35.06 -18.21 -11.35
C THR K 160 -34.21 -19.43 -11.00
N GLY K 161 -32.93 -19.25 -10.71
CA GLY K 161 -32.07 -20.37 -10.40
C GLY K 161 -31.26 -20.90 -11.56
N LYS K 162 -31.21 -20.17 -12.68
CA LYS K 162 -30.36 -20.59 -13.79
C LYS K 162 -28.90 -20.32 -13.45
N PRO K 163 -28.03 -21.32 -13.55
CA PRO K 163 -26.59 -21.07 -13.31
C PRO K 163 -26.07 -20.00 -14.24
N SER K 164 -25.52 -18.93 -13.65
CA SER K 164 -24.97 -17.82 -14.40
C SER K 164 -23.45 -17.75 -14.37
N GLY K 165 -22.82 -18.41 -13.41
CA GLY K 165 -21.36 -18.46 -13.35
C GLY K 165 -20.70 -17.23 -12.76
N HIS K 166 -21.47 -16.26 -12.30
CA HIS K 166 -20.90 -15.00 -11.84
C HIS K 166 -20.73 -15.00 -10.32
N PHE K 167 -19.65 -14.37 -9.88
CA PHE K 167 -19.35 -14.21 -8.47
C PHE K 167 -19.67 -12.78 -8.04
N ARG K 168 -19.56 -12.52 -6.75
CA ARG K 168 -19.84 -11.19 -6.24
C ARG K 168 -18.61 -10.29 -6.35
N ARG K 169 -18.84 -9.01 -6.60
CA ARG K 169 -17.75 -8.05 -6.63
C ARG K 169 -17.05 -7.99 -5.28
N GLY K 170 -15.72 -7.83 -5.32
CA GLY K 170 -14.98 -7.67 -4.08
C GLY K 170 -15.36 -6.39 -3.35
N LYS K 171 -15.54 -5.31 -4.10
CA LYS K 171 -15.99 -4.03 -3.57
C LYS K 171 -17.15 -3.52 -4.39
N PRO K 172 -18.15 -2.89 -3.75
CA PRO K 172 -19.25 -2.30 -4.52
C PRO K 172 -18.76 -1.20 -5.46
N GLY K 173 -19.36 -1.15 -6.64
CA GLY K 173 -18.98 -0.16 -7.63
C GLY K 173 -17.58 -0.28 -8.15
N GLU K 174 -17.01 -1.49 -8.14
CA GLU K 174 -15.64 -1.66 -8.60
C GLU K 174 -15.53 -1.41 -10.10
N SER K 175 -16.57 -1.77 -10.85
CA SER K 175 -16.68 -1.48 -12.27
C SER K 175 -15.46 -1.95 -13.06
N PRO K 176 -15.27 -3.27 -13.21
CA PRO K 176 -14.06 -3.77 -13.87
C PRO K 176 -13.96 -3.40 -15.34
N TYR K 177 -15.06 -3.05 -16.00
CA TYR K 177 -15.07 -2.80 -17.44
C TYR K 177 -15.10 -1.34 -17.80
N VAL K 178 -15.76 -0.48 -17.02
CA VAL K 178 -15.87 0.93 -17.33
C VAL K 178 -14.86 1.78 -16.56
N SER K 179 -13.93 1.14 -15.84
CA SER K 179 -12.99 1.88 -15.01
C SER K 179 -12.07 2.76 -15.85
N LYS K 180 -11.67 2.29 -17.03
CA LYS K 180 -10.80 3.10 -17.88
C LYS K 180 -11.47 4.37 -18.37
N PHE K 181 -12.81 4.41 -18.35
CA PHE K 181 -13.55 5.61 -18.71
C PHE K 181 -13.81 6.52 -17.53
N LEU K 182 -13.46 6.10 -16.32
CA LEU K 182 -13.71 6.87 -15.11
C LEU K 182 -12.47 7.64 -14.69
N LYS K 183 -12.69 8.70 -13.91
CA LYS K 183 -11.60 9.56 -13.45
C LYS K 183 -11.18 9.19 -12.02
N ILE L 14 11.16 -44.29 5.67
CA ILE L 14 10.15 -44.16 4.62
C ILE L 14 10.60 -44.72 3.29
N ASP L 15 9.76 -45.57 2.71
CA ASP L 15 9.85 -45.94 1.31
C ASP L 15 9.39 -44.75 0.49
N VAL L 16 10.32 -44.16 -0.27
CA VAL L 16 10.00 -42.94 -1.00
C VAL L 16 8.97 -43.21 -2.10
N GLU L 17 9.03 -44.39 -2.73
CA GLU L 17 8.05 -44.73 -3.75
C GLU L 17 6.63 -44.76 -3.18
N LYS L 18 6.46 -45.34 -1.99
CA LYS L 18 5.13 -45.38 -1.38
C LYS L 18 4.65 -43.97 -1.03
N LEU L 19 5.56 -43.11 -0.58
CA LEU L 19 5.18 -41.73 -0.28
C LEU L 19 4.95 -40.93 -1.55
N LEU L 20 5.70 -41.24 -2.62
CA LEU L 20 5.47 -40.55 -3.89
C LEU L 20 4.11 -40.90 -4.46
N GLU L 21 3.67 -42.15 -4.30
CA GLU L 21 2.32 -42.52 -4.73
C GLU L 21 1.27 -41.74 -3.96
N LEU L 22 1.42 -41.62 -2.64
CA LEU L 22 0.43 -40.90 -1.84
C LEU L 22 0.36 -39.44 -2.23
N LEU L 23 1.51 -38.81 -2.50
CA LEU L 23 1.52 -37.41 -2.86
C LEU L 23 0.98 -37.16 -4.26
N ILE L 24 1.25 -38.08 -5.19
CA ILE L 24 0.73 -37.94 -6.54
C ILE L 24 -0.78 -38.15 -6.56
N LYS L 25 -1.27 -39.14 -5.82
CA LYS L 25 -2.71 -39.34 -5.70
C LYS L 25 -3.38 -38.17 -5.01
N ALA L 26 -2.71 -37.59 -4.00
CA ALA L 26 -3.26 -36.41 -3.33
C ALA L 26 -3.33 -35.22 -4.27
N ALA L 27 -2.29 -35.01 -5.09
CA ALA L 27 -2.30 -33.89 -6.03
C ALA L 27 -3.35 -34.10 -7.12
N ALA L 28 -3.55 -35.34 -7.54
CA ALA L 28 -4.62 -35.64 -8.49
C ALA L 28 -5.98 -35.33 -7.89
N ALA L 29 -6.15 -35.61 -6.60
CA ALA L 29 -7.39 -35.24 -5.93
C ALA L 29 -7.57 -33.73 -5.91
N GLU L 30 -6.50 -32.98 -5.64
CA GLU L 30 -6.59 -31.52 -5.61
C GLU L 30 -6.91 -30.96 -6.99
N PHE L 31 -6.29 -31.52 -8.04
CA PHE L 31 -6.49 -31.01 -9.39
C PHE L 31 -7.92 -31.24 -9.86
N THR L 32 -8.43 -32.46 -9.68
CA THR L 32 -9.80 -32.74 -10.10
C THR L 32 -10.82 -32.00 -9.25
N THR L 33 -10.54 -31.81 -7.96
CA THR L 33 -11.42 -31.02 -7.10
C THR L 33 -11.55 -29.60 -7.61
N TYR L 34 -10.47 -29.03 -8.13
CA TYR L 34 -10.50 -27.68 -8.66
C TYR L 34 -11.42 -27.56 -9.86
N TYR L 35 -11.57 -28.64 -10.63
CA TYR L 35 -12.50 -28.64 -11.75
C TYR L 35 -13.93 -28.91 -11.29
N TYR L 36 -14.11 -29.88 -10.41
CA TYR L 36 -15.45 -30.30 -10.01
C TYR L 36 -16.12 -29.28 -9.10
N TYR L 37 -15.34 -28.54 -8.31
CA TYR L 37 -15.93 -27.47 -7.50
C TYR L 37 -16.36 -26.30 -8.38
N THR L 38 -15.77 -26.15 -9.56
CA THR L 38 -16.24 -25.13 -10.49
C THR L 38 -17.67 -25.40 -10.92
N ILE L 39 -17.99 -26.65 -11.23
CA ILE L 39 -19.36 -27.01 -11.57
C ILE L 39 -20.28 -26.84 -10.37
N LEU L 40 -19.82 -27.27 -9.19
CA LEU L 40 -20.65 -27.21 -7.99
C LEU L 40 -20.95 -25.77 -7.60
N ARG L 41 -19.97 -24.87 -7.75
CA ARG L 41 -20.20 -23.46 -7.47
C ARG L 41 -21.31 -22.90 -8.35
N ASN L 42 -21.27 -23.24 -9.64
CA ASN L 42 -22.17 -22.61 -10.61
C ASN L 42 -23.62 -23.05 -10.40
N HIS L 43 -23.83 -24.23 -9.82
CA HIS L 43 -25.18 -24.72 -9.57
C HIS L 43 -25.68 -24.41 -8.17
N ALA L 44 -24.91 -23.65 -7.38
CA ALA L 44 -25.38 -23.15 -6.08
C ALA L 44 -26.17 -21.87 -6.31
N THR L 45 -27.33 -22.04 -6.94
CA THR L 45 -28.14 -20.93 -7.41
C THR L 45 -29.28 -20.65 -6.44
N GLY L 46 -30.00 -19.56 -6.71
CA GLY L 46 -31.10 -19.16 -5.86
C GLY L 46 -30.64 -18.37 -4.65
N LEU L 47 -31.60 -18.12 -3.76
CA LEU L 47 -31.31 -17.37 -2.55
C LEU L 47 -30.50 -18.21 -1.56
N GLU L 48 -30.79 -19.51 -1.48
CA GLU L 48 -30.02 -20.39 -0.61
C GLU L 48 -28.57 -20.50 -1.07
N GLY L 49 -28.36 -20.65 -2.38
CA GLY L 49 -27.03 -20.88 -2.90
C GLY L 49 -26.10 -19.68 -2.86
N GLU L 50 -26.67 -18.47 -2.80
CA GLU L 50 -25.84 -17.28 -2.74
C GLU L 50 -24.97 -17.26 -1.49
N ALA L 51 -25.45 -17.88 -0.41
CA ALA L 51 -24.69 -17.89 0.83
C ALA L 51 -23.50 -18.84 0.76
N ILE L 52 -23.64 -19.94 0.01
CA ILE L 52 -22.58 -20.95 -0.04
C ILE L 52 -21.65 -20.80 -1.24
N LYS L 53 -21.92 -19.85 -2.14
CA LYS L 53 -21.08 -19.72 -3.34
C LYS L 53 -19.66 -19.31 -2.98
N GLU L 54 -19.51 -18.35 -2.07
CA GLU L 54 -18.18 -17.92 -1.68
C GLU L 54 -17.48 -18.96 -0.82
N ILE L 55 -18.24 -19.80 -0.13
CA ILE L 55 -17.64 -20.88 0.66
C ILE L 55 -17.07 -21.94 -0.28
N ILE L 56 -17.81 -22.29 -1.34
CA ILE L 56 -17.29 -23.19 -2.35
C ILE L 56 -16.10 -22.56 -3.06
N GLU L 57 -16.20 -21.25 -3.36
CA GLU L 57 -15.10 -20.55 -4.01
C GLU L 57 -13.86 -20.51 -3.12
N ASP L 58 -14.05 -20.36 -1.82
CA ASP L 58 -12.92 -20.39 -0.90
C ASP L 58 -12.19 -21.73 -0.96
N ALA L 59 -12.96 -22.82 -0.95
CA ALA L 59 -12.35 -24.16 -0.92
C ALA L 59 -11.70 -24.49 -2.26
N ARG L 60 -12.35 -24.11 -3.36
CA ARG L 60 -11.84 -24.47 -4.68
C ARG L 60 -10.50 -23.81 -4.97
N LEU L 61 -10.36 -22.52 -4.61
CA LEU L 61 -9.11 -21.82 -4.87
C LEU L 61 -8.01 -22.28 -3.94
N GLU L 62 -8.35 -22.72 -2.72
CA GLU L 62 -7.35 -23.28 -1.82
C GLU L 62 -6.93 -24.67 -2.26
N ASP L 63 -7.87 -25.47 -2.75
CA ASP L 63 -7.52 -26.79 -3.28
C ASP L 63 -6.65 -26.69 -4.51
N ARG L 64 -6.79 -25.61 -5.27
CA ARG L 64 -5.87 -25.33 -6.37
C ARG L 64 -4.49 -24.96 -5.84
N ASN L 65 -4.43 -24.25 -4.72
CA ASN L 65 -3.15 -23.96 -4.08
C ASN L 65 -2.51 -25.21 -3.51
N HIS L 66 -3.30 -26.17 -3.07
CA HIS L 66 -2.75 -27.42 -2.55
C HIS L 66 -2.06 -28.21 -3.66
N PHE L 67 -2.61 -28.18 -4.87
CA PHE L 67 -1.94 -28.77 -6.02
C PHE L 67 -0.64 -28.03 -6.33
N GLU L 68 -0.65 -26.70 -6.20
CA GLU L 68 0.52 -25.89 -6.46
C GLU L 68 1.64 -26.11 -5.45
N ALA L 69 1.31 -26.58 -4.25
CA ALA L 69 2.32 -26.83 -3.23
C ALA L 69 2.77 -28.29 -3.20
N LEU L 70 1.93 -29.21 -3.66
CA LEU L 70 2.29 -30.62 -3.66
C LEU L 70 3.26 -30.95 -4.79
N VAL L 71 3.09 -30.31 -5.95
CA VAL L 71 3.91 -30.65 -7.11
C VAL L 71 5.39 -30.37 -6.88
N PRO L 72 5.80 -29.22 -6.31
CA PRO L 72 7.24 -29.04 -6.04
C PRO L 72 7.82 -30.13 -5.16
N ARG L 73 7.08 -30.59 -4.15
CA ARG L 73 7.59 -31.64 -3.28
C ARG L 73 7.76 -32.97 -4.01
N ILE L 74 6.87 -33.27 -4.95
CA ILE L 74 6.98 -34.52 -5.71
C ILE L 74 8.28 -34.54 -6.50
N TYR L 75 8.68 -33.39 -7.05
CA TYR L 75 9.90 -33.33 -7.86
C TYR L 75 11.17 -33.27 -7.01
N GLU L 76 11.10 -32.69 -5.81
CA GLU L 76 12.23 -32.78 -4.89
C GLU L 76 12.52 -34.22 -4.50
N LEU L 77 11.49 -35.03 -4.35
CA LEU L 77 11.64 -36.41 -3.91
C LEU L 77 12.01 -37.36 -5.04
N GLY L 78 12.13 -36.87 -6.27
CA GLY L 78 12.44 -37.71 -7.40
C GLY L 78 11.24 -38.22 -8.17
N GLY L 79 10.04 -37.77 -7.84
CA GLY L 79 8.85 -38.16 -8.56
C GLY L 79 8.49 -37.18 -9.66
N GLU L 80 7.54 -37.59 -10.49
CA GLU L 80 7.08 -36.76 -11.59
C GLU L 80 5.58 -36.91 -11.75
N LEU L 81 4.95 -35.86 -12.28
CA LEU L 81 3.57 -35.94 -12.68
C LEU L 81 3.43 -36.90 -13.86
N PRO L 82 2.33 -37.64 -13.94
CA PRO L 82 2.15 -38.54 -15.09
C PRO L 82 2.06 -37.77 -16.40
N ARG L 83 2.51 -38.43 -17.47
CA ARG L 83 2.62 -37.78 -18.78
C ARG L 83 1.26 -37.32 -19.29
N ASP L 84 0.24 -38.15 -19.11
CA ASP L 84 -1.09 -37.87 -19.63
C ASP L 84 -2.02 -37.41 -18.51
N ILE L 85 -2.80 -36.36 -18.79
CA ILE L 85 -3.69 -35.81 -17.78
C ILE L 85 -4.84 -36.77 -17.49
N ARG L 86 -5.20 -37.63 -18.45
CA ARG L 86 -6.19 -38.67 -18.19
C ARG L 86 -5.68 -39.64 -17.14
N GLU L 87 -4.40 -40.00 -17.21
CA GLU L 87 -3.80 -40.84 -16.17
C GLU L 87 -3.73 -40.12 -14.83
N PHE L 88 -3.52 -38.81 -14.85
CA PHE L 88 -3.54 -38.04 -13.60
C PHE L 88 -4.92 -38.08 -12.95
N ALA L 89 -5.98 -37.93 -13.75
CA ALA L 89 -7.33 -37.95 -13.20
C ALA L 89 -7.67 -39.32 -12.61
N ASP L 90 -7.23 -40.40 -13.26
CA ASP L 90 -7.52 -41.74 -12.76
C ASP L 90 -6.83 -42.04 -11.43
N LEU L 91 -5.86 -41.22 -11.03
CA LEU L 91 -5.07 -41.48 -9.85
C LEU L 91 -5.56 -40.72 -8.62
N ALA L 92 -6.69 -40.02 -8.73
CA ALA L 92 -7.16 -39.20 -7.62
C ALA L 92 -7.50 -40.06 -6.41
N SER L 93 -7.05 -39.63 -5.24
CA SER L 93 -7.28 -40.39 -4.01
C SER L 93 -8.73 -40.34 -3.57
N CYS L 94 -9.48 -39.38 -4.11
CA CYS L 94 -10.94 -39.24 -3.81
CA CYS L 94 -10.95 -39.27 -3.81
C CYS L 94 -11.89 -39.34 -5.03
N ARG L 95 -13.03 -39.97 -4.81
CA ARG L 95 -14.02 -40.10 -5.86
C ARG L 95 -14.38 -38.73 -6.40
N ASP L 96 -14.76 -38.68 -7.68
CA ASP L 96 -15.07 -37.41 -8.31
C ASP L 96 -16.26 -36.76 -7.65
N ALA L 97 -16.13 -35.46 -7.35
CA ALA L 97 -17.24 -34.68 -6.78
C ALA L 97 -18.19 -34.30 -7.91
N TYR L 98 -18.88 -35.31 -8.42
CA TYR L 98 -19.83 -35.13 -9.50
C TYR L 98 -21.02 -34.32 -9.03
N LEU L 99 -21.61 -33.56 -9.96
CA LEU L 99 -22.84 -32.86 -9.65
C LEU L 99 -23.96 -33.87 -9.42
N PRO L 100 -24.78 -33.68 -8.38
CA PRO L 100 -25.85 -34.64 -8.10
C PRO L 100 -26.89 -34.67 -9.21
N GLU L 101 -27.58 -35.81 -9.31
CA GLU L 101 -28.64 -35.95 -10.30
C GLU L 101 -29.75 -34.94 -10.07
N GLU L 102 -30.05 -34.63 -8.80
CA GLU L 102 -30.90 -33.51 -8.44
C GLU L 102 -30.03 -32.48 -7.72
N PRO L 103 -29.59 -31.42 -8.40
CA PRO L 103 -28.65 -30.46 -7.81
C PRO L 103 -29.29 -29.45 -6.85
N THR L 104 -29.91 -29.97 -5.79
CA THR L 104 -30.37 -29.10 -4.72
C THR L 104 -29.18 -28.64 -3.87
N ILE L 105 -29.42 -27.62 -3.05
CA ILE L 105 -28.36 -27.09 -2.21
C ILE L 105 -27.88 -28.13 -1.20
N GLU L 106 -28.81 -28.88 -0.60
CA GLU L 106 -28.42 -29.88 0.37
C GLU L 106 -27.73 -31.08 -0.28
N ASN L 107 -28.13 -31.43 -1.49
CA ASN L 107 -27.46 -32.51 -2.21
C ASN L 107 -26.06 -32.10 -2.65
N ILE L 108 -25.89 -30.84 -3.05
CA ILE L 108 -24.56 -30.33 -3.38
C ILE L 108 -23.69 -30.29 -2.14
N LEU L 109 -24.27 -29.89 -1.01
CA LEU L 109 -23.52 -29.84 0.24
C LEU L 109 -23.06 -31.24 0.67
N LYS L 110 -23.89 -32.25 0.42
CA LYS L 110 -23.49 -33.63 0.71
C LYS L 110 -22.27 -34.02 -0.10
N VAL L 111 -22.24 -33.63 -1.38
CA VAL L 111 -21.11 -33.95 -2.24
C VAL L 111 -19.85 -33.24 -1.75
N LEU L 112 -19.98 -31.98 -1.36
CA LEU L 112 -18.82 -31.24 -0.84
C LEU L 112 -18.34 -31.83 0.48
N LEU L 113 -19.25 -32.30 1.33
CA LEU L 113 -18.85 -32.85 2.61
C LEU L 113 -18.05 -34.14 2.42
N GLU L 114 -18.50 -35.03 1.53
CA GLU L 114 -17.76 -36.26 1.29
C GLU L 114 -16.41 -35.99 0.63
N ALA L 115 -16.34 -34.94 -0.19
CA ALA L 115 -15.07 -34.61 -0.84
C ALA L 115 -14.03 -34.15 0.17
N GLU L 116 -14.44 -33.37 1.16
CA GLU L 116 -13.51 -32.84 2.15
C GLU L 116 -13.23 -33.79 3.29
N ARG L 117 -14.14 -34.71 3.59
CA ARG L 117 -13.84 -35.76 4.56
C ARG L 117 -12.79 -36.71 4.02
N CYS L 118 -12.85 -36.99 2.73
CA CYS L 118 -11.81 -37.83 2.07
CA CYS L 118 -11.81 -37.83 2.07
C CYS L 118 -10.42 -37.14 2.06
N ALA L 119 -10.48 -35.83 1.84
CA ALA L 119 -9.24 -35.06 1.82
C ALA L 119 -8.58 -35.03 3.20
N VAL L 120 -9.38 -34.90 4.25
CA VAL L 120 -8.84 -34.99 5.60
C VAL L 120 -8.23 -36.37 5.83
N GLY L 121 -8.86 -37.41 5.28
CA GLY L 121 -8.33 -38.75 5.46
C GLY L 121 -7.01 -38.98 4.76
N VAL L 122 -6.85 -38.45 3.55
CA VAL L 122 -5.62 -38.72 2.79
C VAL L 122 -4.44 -37.97 3.38
N TYR L 123 -4.67 -36.76 3.90
CA TYR L 123 -3.57 -35.99 4.47
C TYR L 123 -3.26 -36.43 5.89
N THR L 124 -4.21 -37.06 6.58
CA THR L 124 -3.92 -37.71 7.84
C THR L 124 -3.09 -38.97 7.60
N GLU L 125 -3.32 -39.65 6.48
CA GLU L 125 -2.52 -40.81 6.12
C GLU L 125 -1.08 -40.41 5.82
N ILE L 126 -0.88 -39.28 5.14
CA ILE L 126 0.47 -38.84 4.83
C ILE L 126 1.19 -38.36 6.08
N CYS L 127 0.49 -37.63 6.96
CA CYS L 127 1.07 -37.19 8.22
C CYS L 127 1.43 -38.37 9.10
N ASN L 128 0.55 -39.37 9.19
CA ASN L 128 0.85 -40.56 9.99
C ASN L 128 1.99 -41.38 9.42
N TYR L 129 2.37 -41.15 8.16
CA TYR L 129 3.40 -41.92 7.50
C TYR L 129 4.76 -41.21 7.51
N THR L 130 4.75 -39.88 7.54
CA THR L 130 5.97 -39.08 7.54
C THR L 130 6.27 -38.45 8.88
N PHE L 131 5.67 -38.94 9.95
CA PHE L 131 5.85 -38.35 11.28
C PHE L 131 7.19 -38.79 11.85
N GLY L 132 8.11 -37.84 11.97
CA GLY L 132 9.42 -38.12 12.50
C GLY L 132 10.41 -38.72 11.54
N LYS L 133 10.07 -38.80 10.26
CA LYS L 133 10.96 -39.39 9.27
C LYS L 133 11.27 -38.46 8.11
N ASP L 134 10.26 -37.78 7.56
CA ASP L 134 10.45 -36.75 6.53
C ASP L 134 9.80 -35.47 7.02
N PRO L 135 10.56 -34.62 7.72
CA PRO L 135 9.97 -33.41 8.31
C PRO L 135 9.38 -32.44 7.30
N ARG L 136 9.95 -32.32 6.10
CA ARG L 136 9.36 -31.42 5.11
C ARG L 136 8.04 -31.94 4.59
N THR L 137 7.96 -33.24 4.28
CA THR L 137 6.70 -33.81 3.80
C THR L 137 5.63 -33.75 4.88
N TYR L 138 6.01 -33.95 6.15
CA TYR L 138 5.05 -33.82 7.24
C TYR L 138 4.52 -32.40 7.34
N ASP L 139 5.40 -31.41 7.22
CA ASP L 139 4.99 -30.02 7.39
C ASP L 139 4.09 -29.56 6.26
N LEU L 140 4.35 -30.03 5.03
CA LEU L 140 3.47 -29.69 3.91
C LEU L 140 2.10 -30.34 4.08
N ALA L 141 2.08 -31.63 4.45
CA ALA L 141 0.82 -32.32 4.64
C ALA L 141 0.03 -31.72 5.80
N LEU L 142 0.72 -31.30 6.86
CA LEU L 142 0.07 -30.63 7.97
C LEU L 142 -0.56 -29.32 7.54
N ALA L 143 0.16 -28.53 6.74
CA ALA L 143 -0.38 -27.25 6.29
C ALA L 143 -1.65 -27.43 5.47
N ILE L 144 -1.67 -28.45 4.59
CA ILE L 144 -2.87 -28.73 3.83
C ILE L 144 -3.95 -29.31 4.74
N LEU L 145 -3.58 -30.18 5.67
CA LEU L 145 -4.54 -30.76 6.59
C LEU L 145 -5.24 -29.70 7.44
N HIS L 146 -4.54 -28.61 7.75
CA HIS L 146 -5.19 -27.50 8.44
C HIS L 146 -6.34 -26.95 7.62
N GLU L 147 -6.15 -26.82 6.30
CA GLU L 147 -7.15 -26.19 5.45
C GLU L 147 -8.25 -27.17 5.08
N GLU L 148 -7.91 -28.46 4.95
CA GLU L 148 -8.93 -29.47 4.67
C GLU L 148 -9.88 -29.64 5.85
N ILE L 149 -9.35 -29.57 7.07
CA ILE L 149 -10.18 -29.63 8.26
C ILE L 149 -11.12 -28.43 8.31
N GLU L 150 -10.61 -27.25 7.96
CA GLU L 150 -11.46 -26.06 7.93
C GLU L 150 -12.50 -26.15 6.82
N HIS L 151 -12.13 -26.68 5.65
CA HIS L 151 -13.11 -26.87 4.59
C HIS L 151 -14.22 -27.82 5.04
N GLU L 152 -13.85 -28.92 5.70
CA GLU L 152 -14.85 -29.89 6.14
C GLU L 152 -15.82 -29.28 7.14
N ALA L 153 -15.32 -28.40 8.02
CA ALA L 153 -16.17 -27.81 9.04
C ALA L 153 -17.13 -26.79 8.45
N TRP L 154 -16.73 -26.10 7.37
CA TRP L 154 -17.65 -25.20 6.70
C TRP L 154 -18.87 -25.94 6.18
N PHE L 155 -18.65 -27.03 5.46
CA PHE L 155 -19.75 -27.78 4.87
C PHE L 155 -20.52 -28.61 5.88
N GLU L 156 -19.87 -29.06 6.95
CA GLU L 156 -20.56 -29.74 8.04
C GLU L 156 -21.51 -28.81 8.78
N GLU L 157 -21.09 -27.57 9.02
CA GLU L 157 -21.97 -26.60 9.67
C GLU L 157 -23.15 -26.23 8.78
N LEU L 158 -22.91 -26.06 7.48
CA LEU L 158 -23.98 -25.69 6.57
C LEU L 158 -24.99 -26.82 6.41
N LEU L 159 -24.51 -28.06 6.34
CA LEU L 159 -25.40 -29.18 6.07
C LEU L 159 -26.09 -29.68 7.33
N THR L 160 -25.38 -29.72 8.45
CA THR L 160 -25.90 -30.32 9.67
C THR L 160 -26.21 -29.30 10.77
N GLY L 161 -25.53 -28.17 10.79
CA GLY L 161 -25.76 -27.18 11.82
C GLY L 161 -24.94 -27.37 13.08
N LYS L 162 -23.90 -28.19 13.04
CA LYS L 162 -23.02 -28.31 14.20
C LYS L 162 -22.10 -27.10 14.29
N PRO L 163 -22.05 -26.40 15.43
CA PRO L 163 -21.14 -25.27 15.57
C PRO L 163 -19.69 -25.69 15.32
N SER L 164 -19.05 -25.01 14.37
CA SER L 164 -17.68 -25.29 13.99
C SER L 164 -16.71 -24.19 14.32
N GLY L 165 -17.21 -22.98 14.61
CA GLY L 165 -16.36 -21.88 15.02
C GLY L 165 -15.55 -21.22 13.93
N HIS L 166 -15.78 -21.58 12.67
CA HIS L 166 -14.99 -21.06 11.58
C HIS L 166 -15.71 -19.91 10.88
N PHE L 167 -14.93 -18.88 10.53
CA PHE L 167 -15.41 -17.73 9.81
C PHE L 167 -15.00 -17.82 8.34
N ARG L 168 -15.58 -16.98 7.52
CA ARG L 168 -15.27 -16.99 6.09
C ARG L 168 -13.93 -16.32 5.84
N ARG L 169 -13.24 -16.78 4.81
CA ARG L 169 -11.99 -16.16 4.39
C ARG L 169 -12.24 -14.73 3.93
N GLY L 170 -11.28 -13.84 4.21
CA GLY L 170 -11.38 -12.49 3.71
C GLY L 170 -11.32 -12.44 2.18
N LYS L 171 -10.42 -13.24 1.60
CA LYS L 171 -10.30 -13.37 0.16
C LYS L 171 -10.30 -14.84 -0.23
N PRO L 172 -10.90 -15.19 -1.37
CA PRO L 172 -10.85 -16.59 -1.82
C PRO L 172 -9.42 -17.03 -2.11
N GLY L 173 -9.12 -18.27 -1.75
CA GLY L 173 -7.80 -18.81 -1.98
C GLY L 173 -6.71 -18.15 -1.17
N GLU L 174 -7.04 -17.56 -0.03
CA GLU L 174 -6.04 -16.88 0.78
C GLU L 174 -5.03 -17.87 1.34
N SER L 175 -5.47 -19.08 1.65
CA SER L 175 -4.61 -20.17 2.08
C SER L 175 -3.67 -19.78 3.22
N PRO L 176 -4.20 -19.55 4.42
CA PRO L 176 -3.36 -19.06 5.52
C PRO L 176 -2.27 -20.03 5.94
N TYR L 177 -2.43 -21.33 5.68
CA TYR L 177 -1.52 -22.33 6.17
C TYR L 177 -0.50 -22.81 5.14
N VAL L 178 -0.89 -22.92 3.86
CA VAL L 178 0.01 -23.38 2.83
C VAL L 178 0.68 -22.23 2.08
N SER L 179 0.50 -21.00 2.57
CA SER L 179 1.05 -19.84 1.86
C SER L 179 2.57 -19.89 1.79
N LYS L 180 3.22 -20.32 2.88
CA LYS L 180 4.69 -20.38 2.89
C LYS L 180 5.24 -21.37 1.88
N PHE L 181 4.42 -22.34 1.44
CA PHE L 181 4.82 -23.28 0.41
C PHE L 181 4.52 -22.78 -1.00
N LEU L 182 3.90 -21.61 -1.13
CA LEU L 182 3.51 -21.08 -2.44
C LEU L 182 4.52 -20.02 -2.90
N LYS L 183 4.41 -19.67 -4.18
CA LYS L 183 5.32 -18.71 -4.78
C LYS L 183 4.61 -17.39 -5.07
FE FE M . 21.08 -21.06 5.85
FE FE N . 21.20 -22.30 2.46
O1 OXY O . 23.59 -22.46 4.89
O2 OXY O . 24.42 -22.33 5.76
FE FE P . 9.37 -7.80 -6.41
FE FE Q . 13.51 -9.27 -8.36
FE FE R . 11.61 -11.62 -8.27
FE FE S . 9.49 -11.87 -10.30
FE FE T . 8.52 -10.97 -7.26
O O U . 10.86 -8.97 -5.62
O O V . 9.74 -12.00 -8.40
O O W . 11.50 -9.59 -8.39
O O X . 8.18 -8.70 -5.03
O O Y . 12.90 -6.78 -5.56
O O Z . 8.84 -9.06 -7.82
FE FE AA . -23.90 18.73 0.33
FE FE BA . -21.91 21.59 -0.76
O1 OXY CA . -25.35 21.11 -1.24
O2 OXY CA . -26.45 20.62 -1.31
FE FE DA . 13.56 26.91 2.96
FE FE EA . 12.12 28.28 0.01
O1 OXY FA . 13.22 30.09 2.43
O2 OXY FA . 13.55 30.35 3.56
FE FE GA . -0.12 9.83 -28.70
FE FE HA . -2.10 12.89 -27.93
O1 OXY IA . 0.28 12.46 -30.53
O2 OXY IA . 1.02 12.05 -31.39
FE FE JA . -4.57 -19.51 -22.73
FE FE KA . -1.21 -19.22 -24.08
O1 OXY LA . -3.49 -21.90 -24.35
O2 OXY LA . -4.31 -22.78 -24.33
FE FE MA . 7.25 -8.06 -8.43
FE FE NA . 9.21 -9.79 -12.46
FE FE OA . 7.97 -6.86 -11.52
O O PA . 6.56 -9.49 -9.72
O O QA . 9.19 -7.89 -12.67
O O RA . 9.35 -9.85 -10.43
O O SA . 5.76 -6.90 -9.21
O O TA . 6.70 -11.71 -7.72
O O UA . 8.60 -7.30 -9.66
FE FE VA . -1.78 22.02 20.81
FE FE WA . -0.57 19.81 23.50
O1 OXY XA . -0.34 23.41 23.23
O2 OXY XA . -0.36 24.57 22.91
FE FE YA . -1.43 -16.16 25.62
FE FE ZA . 1.46 -14.57 27.10
O1 OXY AB . -0.90 -16.02 28.76
O2 OXY AB . -1.97 -16.47 29.12
FE FE BB . 28.77 1.48 9.42
FE FE CB . 27.97 3.11 12.73
O1 OXY DB . 30.68 1.07 11.98
O2 OXY DB . 31.53 0.36 11.48
FE FE EB . 10.21 -8.58 -9.32
FE FE FB . 21.95 8.05 -19.26
FE FE GB . 23.57 4.85 -19.41
O1 OXY HB . 23.60 7.31 -21.76
O2 OXY HB . 23.57 8.24 -22.54
FE FE IB . 13.24 -7.24 -10.47
FE FE JB . 9.10 -5.76 -8.52
FE FE KB . 11.06 -7.51 -12.55
FE FE LB . 12.27 -6.34 -7.43
O O MB . 10.31 -4.86 -9.90
O O NB . 13.48 -7.36 -8.58
O O OB . 11.22 -7.54 -10.52
O O PB . 9.78 -4.33 -7.25
O O QB . 10.44 -7.07 -7.91
O O RB . 8.28 -4.95 -12.10
FE FE SB . -20.42 -1.76 22.35
FE FE TB . -23.03 -3.11 20.17
O1 OXY UB . -22.73 -3.53 23.61
O2 OXY UB . -22.42 -3.64 24.76
FE FE VB . -25.95 0.84 -15.65
FE FE WB . -27.18 -2.31 -14.30
O1 OXY XB . -29.00 0.08 -15.49
O2 OXY XB . -29.45 1.14 -15.85
FE FE YB . -7.21 -29.43 -1.02
FE FE ZB . -10.47 -29.03 0.74
O1 OXY AC . -9.58 -31.50 -1.59
O2 OXY AC . -9.02 -32.21 -2.37
#